data_2B1Y
# 
_entry.id   2B1Y 
# 
_audit_conform.dict_name       mmcif_pdbx.dic 
_audit_conform.dict_version    5.397 
_audit_conform.dict_location   http://mmcif.pdb.org/dictionaries/ascii/mmcif_pdbx.dic 
# 
loop_
_database_2.database_id 
_database_2.database_code 
_database_2.pdbx_database_accession 
_database_2.pdbx_DOI 
PDB   2B1Y         pdb_00002b1y 10.2210/pdb2b1y/pdb 
RCSB  RCSB034574   ?            ?                   
WWPDB D_1000034574 ?            ?                   
# 
loop_
_pdbx_audit_revision_history.ordinal 
_pdbx_audit_revision_history.data_content_type 
_pdbx_audit_revision_history.major_revision 
_pdbx_audit_revision_history.minor_revision 
_pdbx_audit_revision_history.revision_date 
1 'Structure model' 1 0 2005-11-01 
2 'Structure model' 1 1 2008-05-01 
3 'Structure model' 1 2 2011-07-13 
4 'Structure model' 1 3 2024-10-30 
# 
_pdbx_audit_revision_details.ordinal             1 
_pdbx_audit_revision_details.revision_ordinal    1 
_pdbx_audit_revision_details.data_content_type   'Structure model' 
_pdbx_audit_revision_details.provider            repository 
_pdbx_audit_revision_details.type                'Initial release' 
_pdbx_audit_revision_details.description         ? 
_pdbx_audit_revision_details.details             ? 
# 
loop_
_pdbx_audit_revision_group.ordinal 
_pdbx_audit_revision_group.revision_ordinal 
_pdbx_audit_revision_group.data_content_type 
_pdbx_audit_revision_group.group 
1 2 'Structure model' 'Version format compliance' 
2 3 'Structure model' Advisory                    
3 3 'Structure model' 'Derived calculations'      
4 3 'Structure model' 'Source and taxonomy'       
5 3 'Structure model' 'Version format compliance' 
6 4 'Structure model' 'Data collection'           
7 4 'Structure model' 'Database references'       
8 4 'Structure model' 'Derived calculations'      
9 4 'Structure model' 'Structure summary'         
# 
loop_
_pdbx_audit_revision_category.ordinal 
_pdbx_audit_revision_category.revision_ordinal 
_pdbx_audit_revision_category.data_content_type 
_pdbx_audit_revision_category.category 
1 4 'Structure model' chem_comp_atom            
2 4 'Structure model' chem_comp_bond            
3 4 'Structure model' database_2                
4 4 'Structure model' pdbx_entry_details        
5 4 'Structure model' pdbx_modification_feature 
6 4 'Structure model' struct_conn               
7 4 'Structure model' struct_ref_seq_dif        
8 4 'Structure model' struct_site               
# 
loop_
_pdbx_audit_revision_item.ordinal 
_pdbx_audit_revision_item.revision_ordinal 
_pdbx_audit_revision_item.data_content_type 
_pdbx_audit_revision_item.item 
1 4 'Structure model' '_database_2.pdbx_DOI'                
2 4 'Structure model' '_database_2.pdbx_database_accession' 
3 4 'Structure model' '_struct_conn.pdbx_leaving_atom_flag' 
4 4 'Structure model' '_struct_ref_seq_dif.details'         
5 4 'Structure model' '_struct_site.pdbx_auth_asym_id'      
6 4 'Structure model' '_struct_site.pdbx_auth_comp_id'      
7 4 'Structure model' '_struct_site.pdbx_auth_seq_id'       
# 
_pdbx_database_status.status_code                     REL 
_pdbx_database_status.entry_id                        2B1Y 
_pdbx_database_status.recvd_initial_deposition_date   2005-09-16 
_pdbx_database_status.deposit_site                    RCSB 
_pdbx_database_status.process_site                    RCSB 
_pdbx_database_status.status_code_sf                  REL 
_pdbx_database_status.status_code_mr                  ? 
_pdbx_database_status.SG_entry                        Y 
_pdbx_database_status.pdb_format_compatible           Y 
_pdbx_database_status.status_code_cs                  ? 
_pdbx_database_status.status_code_nmr_data            ? 
_pdbx_database_status.methods_development_category    ? 
# 
_pdbx_database_related.db_name        TargetDB 
_pdbx_database_related.db_id          APC5859 
_pdbx_database_related.details        . 
_pdbx_database_related.content_type   unspecified 
# 
loop_
_audit_author.name 
_audit_author.pdbx_ordinal 
'Nocek, B.'                                     1 
'Skarina, T.'                                   2 
'Edwards, A.'                                   3 
'Savchenko, A.'                                 4 
'Joachimiak, A.'                                5 
'Midwest Center for Structural Genomics (MCSG)' 6 
# 
_citation.id                        primary 
_citation.title                     
;Crystal Structure of Hypothetical Protein from Agrobacterium tumefaciens 
reveals a new fold.
;
_citation.journal_abbrev            'To be Published' 
_citation.journal_volume            ? 
_citation.page_first                ? 
_citation.page_last                 ? 
_citation.year                      ? 
_citation.journal_id_ASTM           ? 
_citation.country                   ? 
_citation.journal_id_ISSN           ? 
_citation.journal_id_CSD            0353 
_citation.book_publisher            ? 
_citation.pdbx_database_id_PubMed   ? 
_citation.pdbx_database_id_DOI      ? 
# 
loop_
_citation_author.citation_id 
_citation_author.name 
_citation_author.ordinal 
_citation_author.identifier_ORCID 
primary 'Nocek, B.'      1 ? 
primary 'Skarina, T.'    2 ? 
primary 'SAVCHENKO, A.'  3 ? 
primary 'EDWARDS, A.'    4 ? 
primary 'Joachimiak, A.' 5 ? 
# 
loop_
_entity.id 
_entity.type 
_entity.src_method 
_entity.pdbx_description 
_entity.formula_weight 
_entity.pdbx_number_of_molecules 
_entity.pdbx_ec 
_entity.pdbx_mutation 
_entity.pdbx_fragment 
_entity.details 
1 polymer     man 'hypothetical protein Atu1913' 11847.020 1  ? ? ? ? 
2 non-polymer syn 'SULFATE ION'                  96.063    3  ? ? ? ? 
3 water       nat water                          18.015    71 ? ? ? ? 
# 
_entity_poly.entity_id                      1 
_entity_poly.type                           'polypeptide(L)' 
_entity_poly.nstd_linkage                   no 
_entity_poly.nstd_monomer                   yes 
_entity_poly.pdbx_seq_one_letter_code       
;(MSE)ARPNFRYTHYDLKELRAGTTLEISLSSVNNVRL(MSE)TGANFQRFTELLDFKYLGGVAKKSPIRIAVPET
(MSE)HWHLIIDAEGHSGLAESSVK(MSE)LPAQPQATLTRKAS
;
_entity_poly.pdbx_seq_one_letter_code_can   
;MARPNFRYTHYDLKELRAGTTLEISLSSVNNVRLMTGANFQRFTELLDFKYLGGVAKKSPIRIAVPETMHWHLIIDAEGH
SGLAESSVKMLPAQPQATLTRKAS
;
_entity_poly.pdbx_strand_id                 A 
_entity_poly.pdbx_target_identifier         APC5859 
# 
loop_
_pdbx_entity_nonpoly.entity_id 
_pdbx_entity_nonpoly.name 
_pdbx_entity_nonpoly.comp_id 
2 'SULFATE ION' SO4 
3 water         HOH 
# 
loop_
_entity_poly_seq.entity_id 
_entity_poly_seq.num 
_entity_poly_seq.mon_id 
_entity_poly_seq.hetero 
1 1   MSE n 
1 2   ALA n 
1 3   ARG n 
1 4   PRO n 
1 5   ASN n 
1 6   PHE n 
1 7   ARG n 
1 8   TYR n 
1 9   THR n 
1 10  HIS n 
1 11  TYR n 
1 12  ASP n 
1 13  LEU n 
1 14  LYS n 
1 15  GLU n 
1 16  LEU n 
1 17  ARG n 
1 18  ALA n 
1 19  GLY n 
1 20  THR n 
1 21  THR n 
1 22  LEU n 
1 23  GLU n 
1 24  ILE n 
1 25  SER n 
1 26  LEU n 
1 27  SER n 
1 28  SER n 
1 29  VAL n 
1 30  ASN n 
1 31  ASN n 
1 32  VAL n 
1 33  ARG n 
1 34  LEU n 
1 35  MSE n 
1 36  THR n 
1 37  GLY n 
1 38  ALA n 
1 39  ASN n 
1 40  PHE n 
1 41  GLN n 
1 42  ARG n 
1 43  PHE n 
1 44  THR n 
1 45  GLU n 
1 46  LEU n 
1 47  LEU n 
1 48  ASP n 
1 49  PHE n 
1 50  LYS n 
1 51  TYR n 
1 52  LEU n 
1 53  GLY n 
1 54  GLY n 
1 55  VAL n 
1 56  ALA n 
1 57  LYS n 
1 58  LYS n 
1 59  SER n 
1 60  PRO n 
1 61  ILE n 
1 62  ARG n 
1 63  ILE n 
1 64  ALA n 
1 65  VAL n 
1 66  PRO n 
1 67  GLU n 
1 68  THR n 
1 69  MSE n 
1 70  HIS n 
1 71  TRP n 
1 72  HIS n 
1 73  LEU n 
1 74  ILE n 
1 75  ILE n 
1 76  ASP n 
1 77  ALA n 
1 78  GLU n 
1 79  GLY n 
1 80  HIS n 
1 81  SER n 
1 82  GLY n 
1 83  LEU n 
1 84  ALA n 
1 85  GLU n 
1 86  SER n 
1 87  SER n 
1 88  VAL n 
1 89  LYS n 
1 90  MSE n 
1 91  LEU n 
1 92  PRO n 
1 93  ALA n 
1 94  GLN n 
1 95  PRO n 
1 96  GLN n 
1 97  ALA n 
1 98  THR n 
1 99  LEU n 
1 100 THR n 
1 101 ARG n 
1 102 LYS n 
1 103 ALA n 
1 104 SER n 
# 
_entity_src_gen.entity_id                          1 
_entity_src_gen.pdbx_src_id                        1 
_entity_src_gen.pdbx_alt_source_flag               sample 
_entity_src_gen.pdbx_seq_type                      ? 
_entity_src_gen.pdbx_beg_seq_num                   ? 
_entity_src_gen.pdbx_end_seq_num                   ? 
_entity_src_gen.gene_src_common_name               ? 
_entity_src_gen.gene_src_genus                     Agrobacterium 
_entity_src_gen.pdbx_gene_src_gene                 ? 
_entity_src_gen.gene_src_species                   'Agrobacterium tumefaciens' 
_entity_src_gen.gene_src_strain                    C58 
_entity_src_gen.gene_src_tissue                    ? 
_entity_src_gen.gene_src_tissue_fraction           ? 
_entity_src_gen.gene_src_details                   ? 
_entity_src_gen.pdbx_gene_src_fragment             ? 
_entity_src_gen.pdbx_gene_src_scientific_name      'Agrobacterium tumefaciens str.' 
_entity_src_gen.pdbx_gene_src_ncbi_taxonomy_id     176299 
_entity_src_gen.pdbx_gene_src_variant              ? 
_entity_src_gen.pdbx_gene_src_cell_line            ? 
_entity_src_gen.pdbx_gene_src_atcc                 ? 
_entity_src_gen.pdbx_gene_src_organ                ? 
_entity_src_gen.pdbx_gene_src_organelle            ? 
_entity_src_gen.pdbx_gene_src_cell                 ? 
_entity_src_gen.pdbx_gene_src_cellular_location    ? 
_entity_src_gen.host_org_common_name               ? 
_entity_src_gen.pdbx_host_org_scientific_name      'Escherichia coli BL21(DE3)' 
_entity_src_gen.pdbx_host_org_ncbi_taxonomy_id     469008 
_entity_src_gen.host_org_genus                     Escherichia 
_entity_src_gen.pdbx_host_org_gene                 ? 
_entity_src_gen.pdbx_host_org_organ                ? 
_entity_src_gen.host_org_species                   'Escherichia coli' 
_entity_src_gen.pdbx_host_org_tissue               ? 
_entity_src_gen.pdbx_host_org_tissue_fraction      ? 
_entity_src_gen.pdbx_host_org_strain               'BL21(DE3)' 
_entity_src_gen.pdbx_host_org_variant              ? 
_entity_src_gen.pdbx_host_org_cell_line            ? 
_entity_src_gen.pdbx_host_org_atcc                 ? 
_entity_src_gen.pdbx_host_org_culture_collection   ? 
_entity_src_gen.pdbx_host_org_cell                 ? 
_entity_src_gen.pdbx_host_org_organelle            ? 
_entity_src_gen.pdbx_host_org_cellular_location    ? 
_entity_src_gen.pdbx_host_org_vector_type          ? 
_entity_src_gen.pdbx_host_org_vector               ? 
_entity_src_gen.host_org_details                   ? 
_entity_src_gen.expression_system_id               ? 
_entity_src_gen.plasmid_name                       ? 
_entity_src_gen.plasmid_details                    ? 
_entity_src_gen.pdbx_description                   ? 
# 
loop_
_chem_comp.id 
_chem_comp.type 
_chem_comp.mon_nstd_flag 
_chem_comp.name 
_chem_comp.pdbx_synonyms 
_chem_comp.formula 
_chem_comp.formula_weight 
ALA 'L-peptide linking' y ALANINE          ? 'C3 H7 N O2'     89.093  
ARG 'L-peptide linking' y ARGININE         ? 'C6 H15 N4 O2 1' 175.209 
ASN 'L-peptide linking' y ASPARAGINE       ? 'C4 H8 N2 O3'    132.118 
ASP 'L-peptide linking' y 'ASPARTIC ACID'  ? 'C4 H7 N O4'     133.103 
GLN 'L-peptide linking' y GLUTAMINE        ? 'C5 H10 N2 O3'   146.144 
GLU 'L-peptide linking' y 'GLUTAMIC ACID'  ? 'C5 H9 N O4'     147.129 
GLY 'peptide linking'   y GLYCINE          ? 'C2 H5 N O2'     75.067  
HIS 'L-peptide linking' y HISTIDINE        ? 'C6 H10 N3 O2 1' 156.162 
HOH non-polymer         . WATER            ? 'H2 O'           18.015  
ILE 'L-peptide linking' y ISOLEUCINE       ? 'C6 H13 N O2'    131.173 
LEU 'L-peptide linking' y LEUCINE          ? 'C6 H13 N O2'    131.173 
LYS 'L-peptide linking' y LYSINE           ? 'C6 H15 N2 O2 1' 147.195 
MET 'L-peptide linking' y METHIONINE       ? 'C5 H11 N O2 S'  149.211 
MSE 'L-peptide linking' n SELENOMETHIONINE ? 'C5 H11 N O2 Se' 196.106 
PHE 'L-peptide linking' y PHENYLALANINE    ? 'C9 H11 N O2'    165.189 
PRO 'L-peptide linking' y PROLINE          ? 'C5 H9 N O2'     115.130 
SER 'L-peptide linking' y SERINE           ? 'C3 H7 N O3'     105.093 
SO4 non-polymer         . 'SULFATE ION'    ? 'O4 S -2'        96.063  
THR 'L-peptide linking' y THREONINE        ? 'C4 H9 N O3'     119.119 
TRP 'L-peptide linking' y TRYPTOPHAN       ? 'C11 H12 N2 O2'  204.225 
TYR 'L-peptide linking' y TYROSINE         ? 'C9 H11 N O3'    181.189 
VAL 'L-peptide linking' y VALINE           ? 'C5 H11 N O2'    117.146 
# 
loop_
_pdbx_poly_seq_scheme.asym_id 
_pdbx_poly_seq_scheme.entity_id 
_pdbx_poly_seq_scheme.seq_id 
_pdbx_poly_seq_scheme.mon_id 
_pdbx_poly_seq_scheme.ndb_seq_num 
_pdbx_poly_seq_scheme.pdb_seq_num 
_pdbx_poly_seq_scheme.auth_seq_num 
_pdbx_poly_seq_scheme.pdb_mon_id 
_pdbx_poly_seq_scheme.auth_mon_id 
_pdbx_poly_seq_scheme.pdb_strand_id 
_pdbx_poly_seq_scheme.pdb_ins_code 
_pdbx_poly_seq_scheme.hetero 
A 1 1   MSE 1   1   ?   ?   ?   A . n 
A 1 2   ALA 2   2   ?   ?   ?   A . n 
A 1 3   ARG 3   3   ?   ?   ?   A . n 
A 1 4   PRO 4   4   4   PRO PRO A . n 
A 1 5   ASN 5   5   5   ASN ASN A . n 
A 1 6   PHE 6   6   6   PHE PHE A . n 
A 1 7   ARG 7   7   7   ARG ARG A . n 
A 1 8   TYR 8   8   8   TYR TYR A . n 
A 1 9   THR 9   9   9   THR THR A . n 
A 1 10  HIS 10  10  10  HIS HIS A . n 
A 1 11  TYR 11  11  11  TYR TYR A . n 
A 1 12  ASP 12  12  12  ASP ASP A . n 
A 1 13  LEU 13  13  13  LEU LEU A . n 
A 1 14  LYS 14  14  14  LYS LYS A . n 
A 1 15  GLU 15  15  15  GLU GLU A . n 
A 1 16  LEU 16  16  16  LEU LEU A . n 
A 1 17  ARG 17  17  17  ARG ARG A . n 
A 1 18  ALA 18  18  18  ALA ALA A . n 
A 1 19  GLY 19  19  19  GLY GLY A . n 
A 1 20  THR 20  20  20  THR THR A . n 
A 1 21  THR 21  21  21  THR THR A . n 
A 1 22  LEU 22  22  22  LEU LEU A . n 
A 1 23  GLU 23  23  23  GLU GLU A . n 
A 1 24  ILE 24  24  24  ILE ILE A . n 
A 1 25  SER 25  25  25  SER SER A . n 
A 1 26  LEU 26  26  26  LEU LEU A . n 
A 1 27  SER 27  27  27  SER SER A . n 
A 1 28  SER 28  28  28  SER SER A . n 
A 1 29  VAL 29  29  29  VAL VAL A . n 
A 1 30  ASN 30  30  30  ASN ASN A . n 
A 1 31  ASN 31  31  31  ASN ASN A . n 
A 1 32  VAL 32  32  32  VAL VAL A . n 
A 1 33  ARG 33  33  33  ARG ARG A . n 
A 1 34  LEU 34  34  34  LEU LEU A . n 
A 1 35  MSE 35  35  35  MSE MSE A . n 
A 1 36  THR 36  36  36  THR THR A . n 
A 1 37  GLY 37  37  37  GLY GLY A . n 
A 1 38  ALA 38  38  38  ALA ALA A . n 
A 1 39  ASN 39  39  39  ASN ASN A . n 
A 1 40  PHE 40  40  40  PHE PHE A . n 
A 1 41  GLN 41  41  41  GLN GLN A . n 
A 1 42  ARG 42  42  42  ARG ARG A . n 
A 1 43  PHE 43  43  43  PHE PHE A . n 
A 1 44  THR 44  44  44  THR THR A . n 
A 1 45  GLU 45  45  45  GLU GLU A . n 
A 1 46  LEU 46  46  46  LEU LEU A . n 
A 1 47  LEU 47  47  47  LEU LEU A . n 
A 1 48  ASP 48  48  48  ASP ASP A . n 
A 1 49  PHE 49  49  49  PHE PHE A . n 
A 1 50  LYS 50  50  50  LYS LYS A . n 
A 1 51  TYR 51  51  51  TYR TYR A . n 
A 1 52  LEU 52  52  52  LEU LEU A . n 
A 1 53  GLY 53  53  53  GLY GLY A . n 
A 1 54  GLY 54  54  54  GLY GLY A . n 
A 1 55  VAL 55  55  55  VAL VAL A . n 
A 1 56  ALA 56  56  56  ALA ALA A . n 
A 1 57  LYS 57  57  57  LYS LYS A . n 
A 1 58  LYS 58  58  58  LYS LYS A . n 
A 1 59  SER 59  59  59  SER SER A . n 
A 1 60  PRO 60  60  60  PRO PRO A . n 
A 1 61  ILE 61  61  61  ILE ILE A . n 
A 1 62  ARG 62  62  62  ARG ARG A . n 
A 1 63  ILE 63  63  63  ILE ILE A . n 
A 1 64  ALA 64  64  64  ALA ALA A . n 
A 1 65  VAL 65  65  65  VAL VAL A . n 
A 1 66  PRO 66  66  66  PRO PRO A . n 
A 1 67  GLU 67  67  67  GLU GLU A . n 
A 1 68  THR 68  68  68  THR THR A . n 
A 1 69  MSE 69  69  69  MSE MSE A . n 
A 1 70  HIS 70  70  70  HIS HIS A . n 
A 1 71  TRP 71  71  71  TRP TRP A . n 
A 1 72  HIS 72  72  72  HIS HIS A . n 
A 1 73  LEU 73  73  73  LEU LEU A . n 
A 1 74  ILE 74  74  74  ILE ILE A . n 
A 1 75  ILE 75  75  75  ILE ILE A . n 
A 1 76  ASP 76  76  76  ASP ASP A . n 
A 1 77  ALA 77  77  77  ALA ALA A . n 
A 1 78  GLU 78  78  78  GLU GLU A . n 
A 1 79  GLY 79  79  79  GLY GLY A . n 
A 1 80  HIS 80  80  80  HIS HIS A . n 
A 1 81  SER 81  81  81  SER SER A . n 
A 1 82  GLY 82  82  82  GLY GLY A . n 
A 1 83  LEU 83  83  83  LEU LEU A . n 
A 1 84  ALA 84  84  84  ALA ALA A . n 
A 1 85  GLU 85  85  85  GLU GLU A . n 
A 1 86  SER 86  86  86  SER SER A . n 
A 1 87  SER 87  87  87  SER SER A . n 
A 1 88  VAL 88  88  88  VAL VAL A . n 
A 1 89  LYS 89  89  89  LYS LYS A . n 
A 1 90  MSE 90  90  90  MSE MSE A . n 
A 1 91  LEU 91  91  91  LEU LEU A . n 
A 1 92  PRO 92  92  92  PRO PRO A . n 
A 1 93  ALA 93  93  93  ALA ALA A . n 
A 1 94  GLN 94  94  94  GLN GLN A . n 
A 1 95  PRO 95  95  95  PRO PRO A . n 
A 1 96  GLN 96  96  96  GLN GLN A . n 
A 1 97  ALA 97  97  97  ALA ALA A . n 
A 1 98  THR 98  98  98  THR THR A . n 
A 1 99  LEU 99  99  99  LEU LEU A . n 
A 1 100 THR 100 100 100 THR THR A . n 
A 1 101 ARG 101 101 101 ARG ARG A . n 
A 1 102 LYS 102 102 102 LYS LYS A . n 
A 1 103 ALA 103 103 103 ALA ALA A . n 
A 1 104 SER 104 104 104 SER SER A . n 
# 
loop_
_pdbx_nonpoly_scheme.asym_id 
_pdbx_nonpoly_scheme.entity_id 
_pdbx_nonpoly_scheme.mon_id 
_pdbx_nonpoly_scheme.ndb_seq_num 
_pdbx_nonpoly_scheme.pdb_seq_num 
_pdbx_nonpoly_scheme.auth_seq_num 
_pdbx_nonpoly_scheme.pdb_mon_id 
_pdbx_nonpoly_scheme.auth_mon_id 
_pdbx_nonpoly_scheme.pdb_strand_id 
_pdbx_nonpoly_scheme.pdb_ins_code 
B 2 SO4 1  202 2   SO4 SO4 A . 
C 2 SO4 1  203 3   SO4 SO4 A . 
D 2 SO4 1  204 4   SO4 SO4 A . 
E 3 HOH 1  205 1   HOH HOH A . 
E 3 HOH 2  206 2   HOH HOH A . 
E 3 HOH 3  207 3   HOH HOH A . 
E 3 HOH 4  208 4   HOH HOH A . 
E 3 HOH 5  209 5   HOH HOH A . 
E 3 HOH 6  210 6   HOH HOH A . 
E 3 HOH 7  211 7   HOH HOH A . 
E 3 HOH 8  212 8   HOH HOH A . 
E 3 HOH 9  213 9   HOH HOH A . 
E 3 HOH 10 214 11  HOH HOH A . 
E 3 HOH 11 215 12  HOH HOH A . 
E 3 HOH 12 216 13  HOH HOH A . 
E 3 HOH 13 217 15  HOH HOH A . 
E 3 HOH 14 218 16  HOH HOH A . 
E 3 HOH 15 219 17  HOH HOH A . 
E 3 HOH 16 220 18  HOH HOH A . 
E 3 HOH 17 221 20  HOH HOH A . 
E 3 HOH 18 222 23  HOH HOH A . 
E 3 HOH 19 223 24  HOH HOH A . 
E 3 HOH 20 224 25  HOH HOH A . 
E 3 HOH 21 225 26  HOH HOH A . 
E 3 HOH 22 226 28  HOH HOH A . 
E 3 HOH 23 227 29  HOH HOH A . 
E 3 HOH 24 228 33  HOH HOH A . 
E 3 HOH 25 229 34  HOH HOH A . 
E 3 HOH 26 230 35  HOH HOH A . 
E 3 HOH 27 231 36  HOH HOH A . 
E 3 HOH 28 232 37  HOH HOH A . 
E 3 HOH 29 233 38  HOH HOH A . 
E 3 HOH 30 234 40  HOH HOH A . 
E 3 HOH 31 235 41  HOH HOH A . 
E 3 HOH 32 236 42  HOH HOH A . 
E 3 HOH 33 237 44  HOH HOH A . 
E 3 HOH 34 238 45  HOH HOH A . 
E 3 HOH 35 239 46  HOH HOH A . 
E 3 HOH 36 240 48  HOH HOH A . 
E 3 HOH 37 241 50  HOH HOH A . 
E 3 HOH 38 242 51  HOH HOH A . 
E 3 HOH 39 243 55  HOH HOH A . 
E 3 HOH 40 244 56  HOH HOH A . 
E 3 HOH 41 245 64  HOH HOH A . 
E 3 HOH 42 246 67  HOH HOH A . 
E 3 HOH 43 247 70  HOH HOH A . 
E 3 HOH 44 248 71  HOH HOH A . 
E 3 HOH 45 249 72  HOH HOH A . 
E 3 HOH 46 250 76  HOH HOH A . 
E 3 HOH 47 251 79  HOH HOH A . 
E 3 HOH 48 252 81  HOH HOH A . 
E 3 HOH 49 253 84  HOH HOH A . 
E 3 HOH 50 254 85  HOH HOH A . 
E 3 HOH 51 255 98  HOH HOH A . 
E 3 HOH 52 256 100 HOH HOH A . 
E 3 HOH 53 257 102 HOH HOH A . 
E 3 HOH 54 258 105 HOH HOH A . 
E 3 HOH 55 259 106 HOH HOH A . 
E 3 HOH 56 260 107 HOH HOH A . 
E 3 HOH 57 261 108 HOH HOH A . 
E 3 HOH 58 262 109 HOH HOH A . 
E 3 HOH 59 263 111 HOH HOH A . 
E 3 HOH 60 264 112 HOH HOH A . 
E 3 HOH 61 265 113 HOH HOH A . 
E 3 HOH 62 266 114 HOH HOH A . 
E 3 HOH 63 267 115 HOH HOH A . 
E 3 HOH 64 268 117 HOH HOH A . 
E 3 HOH 65 269 118 HOH HOH A . 
E 3 HOH 66 270 119 HOH HOH A . 
E 3 HOH 67 271 120 HOH HOH A . 
E 3 HOH 68 272 121 HOH HOH A . 
E 3 HOH 69 273 122 HOH HOH A . 
E 3 HOH 70 274 123 HOH HOH A . 
E 3 HOH 71 275 124 HOH HOH A . 
# 
loop_
_software.name 
_software.classification 
_software.version 
_software.citation_id 
_software.pdbx_ordinal 
REFMAC      refinement        5.2.0005 ? 1 
SBC-Collect 'data collection' .        ? 2 
HKL-2000    'data scaling'    .        ? 3 
SOLVE       phasing           .        ? 4 
# 
_cell.entry_id           2B1Y 
_cell.length_a           40.428 
_cell.length_b           99.646 
_cell.length_c           55.827 
_cell.angle_alpha        90.00 
_cell.angle_beta         90.00 
_cell.angle_gamma        90.00 
_cell.Z_PDB              8 
_cell.pdbx_unique_axis   ? 
_cell.length_a_esd       ? 
_cell.length_b_esd       ? 
_cell.length_c_esd       ? 
_cell.angle_alpha_esd    ? 
_cell.angle_beta_esd     ? 
_cell.angle_gamma_esd    ? 
# 
_symmetry.entry_id                         2B1Y 
_symmetry.space_group_name_H-M             'C 2 2 21' 
_symmetry.pdbx_full_space_group_name_H-M   ? 
_symmetry.cell_setting                     ? 
_symmetry.Int_Tables_number                20 
_symmetry.space_group_name_Hall            ? 
# 
_exptl.entry_id          2B1Y 
_exptl.method            'X-RAY DIFFRACTION' 
_exptl.crystals_number   1 
# 
_exptl_crystal.id                    1 
_exptl_crystal.density_meas          ? 
_exptl_crystal.density_Matthews      2.37 
_exptl_crystal.density_percent_sol   47.71 
_exptl_crystal.description           ? 
_exptl_crystal.F_000                 ? 
_exptl_crystal.preparation           ? 
# 
_exptl_crystal_grow.crystal_id      1 
_exptl_crystal_grow.method          'VAPOR DIFFUSION, SITTING DROP' 
_exptl_crystal_grow.temp            298 
_exptl_crystal_grow.temp_details    ? 
_exptl_crystal_grow.pH              6.5 
_exptl_crystal_grow.pdbx_details    
'2M NH4Sulphate,5% iso-Propanol, 2Mm K/Na  Tartrate, pH 6.5, VAPOR DIFFUSION, SITTING DROP, temperature 298K' 
_exptl_crystal_grow.pdbx_pH_range   . 
# 
_diffrn.id                     1 
_diffrn.ambient_temp           100 
_diffrn.ambient_temp_details   ? 
_diffrn.crystal_id             1 
# 
_diffrn_detector.diffrn_id              1 
_diffrn_detector.detector               CCD 
_diffrn_detector.type                   'ADSC QUANTUM 4' 
_diffrn_detector.pdbx_collection_date   2005-08-16 
_diffrn_detector.details                mirrors 
# 
_diffrn_radiation.diffrn_id                        1 
_diffrn_radiation.wavelength_id                    1 
_diffrn_radiation.pdbx_monochromatic_or_laue_m_l   M 
_diffrn_radiation.monochromator                    'Si 111 channel' 
_diffrn_radiation.pdbx_diffrn_protocol             'SINGLE WAVELENGTH' 
_diffrn_radiation.pdbx_scattering_type             x-ray 
# 
_diffrn_radiation_wavelength.id           1 
_diffrn_radiation_wavelength.wavelength   0.9795 
_diffrn_radiation_wavelength.wt           1.0 
# 
_diffrn_source.diffrn_id                   1 
_diffrn_source.source                      SYNCHROTRON 
_diffrn_source.type                        'APS BEAMLINE 19-ID' 
_diffrn_source.pdbx_synchrotron_site       APS 
_diffrn_source.pdbx_synchrotron_beamline   19-ID 
_diffrn_source.pdbx_wavelength             ? 
_diffrn_source.pdbx_wavelength_list        0.9795 
# 
_reflns.entry_id                     2B1Y 
_reflns.observed_criterion_sigma_F   2.0 
_reflns.observed_criterion_sigma_I   2.0 
_reflns.d_resolution_high            1.80 
_reflns.d_resolution_low             50 
_reflns.number_all                   20120 
_reflns.number_obs                   10811 
_reflns.percent_possible_obs         93.8 
_reflns.pdbx_Rmerge_I_obs            0.054 
_reflns.pdbx_Rsym_value              ? 
_reflns.pdbx_netI_over_sigmaI        16.9 
_reflns.B_iso_Wilson_estimate        ? 
_reflns.pdbx_redundancy              3.70 
_reflns.R_free_details               ? 
_reflns.limit_h_max                  ? 
_reflns.limit_h_min                  ? 
_reflns.limit_k_max                  ? 
_reflns.limit_k_min                  ? 
_reflns.limit_l_max                  ? 
_reflns.limit_l_min                  ? 
_reflns.observed_criterion_F_max     ? 
_reflns.observed_criterion_F_min     ? 
_reflns.pdbx_chi_squared             ? 
_reflns.pdbx_scaling_rejects         ? 
_reflns.pdbx_ordinal                 1 
_reflns.pdbx_diffrn_id               1 
# 
_reflns_shell.d_res_high             1.80 
_reflns_shell.d_res_low              1.86 
_reflns_shell.percent_possible_all   100 
_reflns_shell.Rmerge_I_obs           0.169 
_reflns_shell.pdbx_Rsym_value        ? 
_reflns_shell.meanI_over_sigI_obs    9 
_reflns_shell.pdbx_redundancy        ? 
_reflns_shell.percent_possible_obs   ? 
_reflns_shell.number_unique_all      ? 
_reflns_shell.number_measured_all    ? 
_reflns_shell.number_measured_obs    ? 
_reflns_shell.number_unique_obs      ? 
_reflns_shell.pdbx_chi_squared       ? 
_reflns_shell.pdbx_ordinal           1 
_reflns_shell.pdbx_diffrn_id         1 
# 
_refine.entry_id                                 2B1Y 
_refine.ls_number_reflns_obs                     9688 
_refine.ls_number_reflns_all                     10167 
_refine.pdbx_ls_sigma_I                          ? 
_refine.pdbx_ls_sigma_F                          0 
_refine.pdbx_data_cutoff_high_absF               ? 
_refine.pdbx_data_cutoff_low_absF                ? 
_refine.pdbx_data_cutoff_high_rms_absF           ? 
_refine.ls_d_res_low                             49.81 
_refine.ls_d_res_high                            1.80 
_refine.ls_percent_reflns_obs                    94.02 
_refine.ls_R_factor_obs                          0.2129 
_refine.ls_R_factor_all                          0.2129 
_refine.ls_R_factor_R_work                       0.2125 
_refine.ls_R_factor_R_free                       0.2207 
_refine.ls_R_factor_R_free_error                 ? 
_refine.ls_R_factor_R_free_error_details         ? 
_refine.ls_percent_reflns_R_free                 4.7 
_refine.ls_number_reflns_R_free                  479 
_refine.ls_number_parameters                     ? 
_refine.ls_number_restraints                     ? 
_refine.occupancy_min                            ? 
_refine.occupancy_max                            ? 
_refine.correlation_coeff_Fo_to_Fc               0.942 
_refine.correlation_coeff_Fo_to_Fc_free          0.935 
_refine.B_iso_mean                               35.442 
_refine.aniso_B[1][1]                            1.21 
_refine.aniso_B[2][2]                            -1.05 
_refine.aniso_B[3][3]                            -0.16 
_refine.aniso_B[1][2]                            0.00 
_refine.aniso_B[1][3]                            0.00 
_refine.aniso_B[2][3]                            0.00 
_refine.solvent_model_details                    MASK 
_refine.solvent_model_param_ksol                 ? 
_refine.solvent_model_param_bsol                 ? 
_refine.pdbx_solvent_vdw_probe_radii             1.20 
_refine.pdbx_solvent_ion_probe_radii             0.80 
_refine.pdbx_solvent_shrinkage_radii             0.80 
_refine.pdbx_ls_cross_valid_method               THROUGHOUT 
_refine.details                                  
;HYDROGENS HAVE BEEN ADDED IN THE RIDING POSITIONS. HKL-3000, SHELXD, SHELXE, MLPHARE, DM, SOLVE/RESOLVE, O, COOT, and CCP4 WERE ALSO USED FOR STRUCTURE SOLUTION
;
_refine.pdbx_starting_model                      ? 
_refine.pdbx_method_to_determine_struct          SAD 
_refine.pdbx_isotropic_thermal_model             ? 
_refine.pdbx_stereochemistry_target_values       'MAXIMUM LIKELIHOOD WITH PHASES' 
_refine.pdbx_stereochem_target_val_spec_case     ? 
_refine.pdbx_R_Free_selection_details            RANDOM 
_refine.pdbx_overall_ESU_R                       0.155 
_refine.pdbx_overall_ESU_R_Free                  0.127 
_refine.overall_SU_ML                            0.087 
_refine.overall_SU_B                             5.739 
_refine.ls_redundancy_reflns_obs                 ? 
_refine.B_iso_min                                ? 
_refine.B_iso_max                                ? 
_refine.overall_SU_R_Cruickshank_DPI             ? 
_refine.overall_SU_R_free                        ? 
_refine.ls_wR_factor_R_free                      ? 
_refine.ls_wR_factor_R_work                      ? 
_refine.overall_FOM_free_R_set                   ? 
_refine.overall_FOM_work_R_set                   ? 
_refine.pdbx_refine_id                           'X-RAY DIFFRACTION' 
_refine.pdbx_TLS_residual_ADP_flag               'LIKELY RESIDUAL' 
_refine.pdbx_diffrn_id                           1 
_refine.pdbx_overall_phase_error                 ? 
_refine.pdbx_overall_SU_R_free_Cruickshank_DPI   ? 
_refine.pdbx_overall_SU_R_Blow_DPI               ? 
_refine.pdbx_overall_SU_R_free_Blow_DPI          ? 
# 
_refine_hist.pdbx_refine_id                   'X-RAY DIFFRACTION' 
_refine_hist.cycle_id                         LAST 
_refine_hist.pdbx_number_atoms_protein        795 
_refine_hist.pdbx_number_atoms_nucleic_acid   0 
_refine_hist.pdbx_number_atoms_ligand         15 
_refine_hist.number_atoms_solvent             71 
_refine_hist.number_atoms_total               881 
_refine_hist.d_res_high                       1.80 
_refine_hist.d_res_low                        49.81 
# 
loop_
_refine_ls_restr.type 
_refine_ls_restr.dev_ideal 
_refine_ls_restr.dev_ideal_target 
_refine_ls_restr.weight 
_refine_ls_restr.number 
_refine_ls_restr.pdbx_refine_id 
_refine_ls_restr.pdbx_restraint_function 
r_bond_refined_d             0.016  0.022  ? 865  'X-RAY DIFFRACTION' ? 
r_bond_other_d               ?      ?      ? ?    'X-RAY DIFFRACTION' ? 
r_angle_refined_deg          1.557  1.978  ? 1177 'X-RAY DIFFRACTION' ? 
r_angle_other_deg            ?      ?      ? ?    'X-RAY DIFFRACTION' ? 
r_dihedral_angle_1_deg       5.594  5.000  ? 108  'X-RAY DIFFRACTION' ? 
r_dihedral_angle_2_deg       37.011 22.222 ? 36   'X-RAY DIFFRACTION' ? 
r_dihedral_angle_3_deg       14.094 15.000 ? 152  'X-RAY DIFFRACTION' ? 
r_dihedral_angle_4_deg       22.144 15.000 ? 8    'X-RAY DIFFRACTION' ? 
r_chiral_restr               0.106  0.200  ? 131  'X-RAY DIFFRACTION' ? 
r_gen_planes_refined         0.006  0.020  ? 642  'X-RAY DIFFRACTION' ? 
r_gen_planes_other           ?      ?      ? ?    'X-RAY DIFFRACTION' ? 
r_nbd_refined                0.206  0.200  ? 236  'X-RAY DIFFRACTION' ? 
r_nbd_other                  ?      ?      ? ?    'X-RAY DIFFRACTION' ? 
r_nbtor_refined              0.309  0.200  ? 591  'X-RAY DIFFRACTION' ? 
r_nbtor_other                ?      ?      ? ?    'X-RAY DIFFRACTION' ? 
r_xyhbond_nbd_refined        0.150  0.200  ? 40   'X-RAY DIFFRACTION' ? 
r_xyhbond_nbd_other          ?      ?      ? ?    'X-RAY DIFFRACTION' ? 
r_metal_ion_refined          ?      ?      ? ?    'X-RAY DIFFRACTION' ? 
r_metal_ion_other            ?      ?      ? ?    'X-RAY DIFFRACTION' ? 
r_symmetry_vdw_refined       0.213  0.200  ? 121  'X-RAY DIFFRACTION' ? 
r_symmetry_vdw_other         ?      ?      ? ?    'X-RAY DIFFRACTION' ? 
r_symmetry_hbond_refined     0.176  0.200  ? 40   'X-RAY DIFFRACTION' ? 
r_symmetry_hbond_other       ?      ?      ? ?    'X-RAY DIFFRACTION' ? 
r_symmetry_metal_ion_refined ?      ?      ? ?    'X-RAY DIFFRACTION' ? 
r_symmetry_metal_ion_other   ?      ?      ? ?    'X-RAY DIFFRACTION' ? 
r_mcbond_it                  1.179  1.500  ? 543  'X-RAY DIFFRACTION' ? 
r_mcbond_other               ?      ?      ? ?    'X-RAY DIFFRACTION' ? 
r_mcangle_it                 1.781  2.000  ? 857  'X-RAY DIFFRACTION' ? 
r_scbond_it                  3.082  3.000  ? 357  'X-RAY DIFFRACTION' ? 
r_scangle_it                 4.562  4.500  ? 320  'X-RAY DIFFRACTION' ? 
r_rigid_bond_restr           ?      ?      ? ?    'X-RAY DIFFRACTION' ? 
r_sphericity_free            ?      ?      ? ?    'X-RAY DIFFRACTION' ? 
r_sphericity_bonded          ?      ?      ? ?    'X-RAY DIFFRACTION' ? 
# 
_refine_ls_shell.pdbx_total_number_of_bins_used   20 
_refine_ls_shell.d_res_high                       1.800 
_refine_ls_shell.d_res_low                        1.847 
_refine_ls_shell.number_reflns_R_work             748 
_refine_ls_shell.R_factor_R_work                  0.257 
_refine_ls_shell.percent_reflns_obs               100.00 
_refine_ls_shell.R_factor_R_free                  0.267 
_refine_ls_shell.R_factor_R_free_error            ? 
_refine_ls_shell.percent_reflns_R_free            ? 
_refine_ls_shell.number_reflns_R_free             45 
_refine_ls_shell.number_reflns_obs                ? 
_refine_ls_shell.redundancy_reflns_obs            ? 
_refine_ls_shell.number_reflns_all                ? 
_refine_ls_shell.R_factor_all                     ? 
_refine_ls_shell.pdbx_refine_id                   'X-RAY DIFFRACTION' 
# 
_struct.entry_id                  2B1Y 
_struct.title                     
'Crystal Structure of Protein of Unknown Function ATU1913 from Agrobacterium tumefaciens str. C58' 
_struct.pdbx_model_details        ? 
_struct.pdbx_CASP_flag            ? 
_struct.pdbx_model_type_details   ? 
# 
_struct_keywords.entry_id        2B1Y 
_struct_keywords.pdbx_keywords   'UNKNOWN FUNCTION' 
_struct_keywords.text            
;hypothetical protein, new fold, structural genomics, PSI, Protein Structure Initiative, Midwest Center for Structural Genomics, MCSG, UNKNOWN FUNCTION
;
# 
loop_
_struct_asym.id 
_struct_asym.pdbx_blank_PDB_chainid_flag 
_struct_asym.pdbx_modified 
_struct_asym.entity_id 
_struct_asym.details 
A N N 1 ? 
B N N 2 ? 
C N N 2 ? 
D N N 2 ? 
E N N 3 ? 
# 
_struct_ref.id                         1 
_struct_ref.db_name                    UNP 
_struct_ref.db_code                    Q8UE48_AGRT5 
_struct_ref.pdbx_db_accession          Q8UE48 
_struct_ref.entity_id                  1 
_struct_ref.pdbx_seq_one_letter_code   
;MARPNFRYTHYDLKELRAGTTLEISLSSVNNVRLMTGANFQRFTELLDFKYLGGVAKKSPIRIAVPETMHWHLIIDAEGH
SGLAESSVKMLPAQPQATLTRKAS
;
_struct_ref.pdbx_align_begin           1 
_struct_ref.pdbx_db_isoform            ? 
# 
_struct_ref_seq.align_id                      1 
_struct_ref_seq.ref_id                        1 
_struct_ref_seq.pdbx_PDB_id_code              2B1Y 
_struct_ref_seq.pdbx_strand_id                A 
_struct_ref_seq.seq_align_beg                 1 
_struct_ref_seq.pdbx_seq_align_beg_ins_code   ? 
_struct_ref_seq.seq_align_end                 104 
_struct_ref_seq.pdbx_seq_align_end_ins_code   ? 
_struct_ref_seq.pdbx_db_accession             Q8UE48 
_struct_ref_seq.db_align_beg                  1 
_struct_ref_seq.pdbx_db_align_beg_ins_code    ? 
_struct_ref_seq.db_align_end                  104 
_struct_ref_seq.pdbx_db_align_end_ins_code    ? 
_struct_ref_seq.pdbx_auth_seq_align_beg       1 
_struct_ref_seq.pdbx_auth_seq_align_end       104 
# 
loop_
_struct_ref_seq_dif.align_id 
_struct_ref_seq_dif.pdbx_pdb_id_code 
_struct_ref_seq_dif.mon_id 
_struct_ref_seq_dif.pdbx_pdb_strand_id 
_struct_ref_seq_dif.seq_num 
_struct_ref_seq_dif.pdbx_pdb_ins_code 
_struct_ref_seq_dif.pdbx_seq_db_name 
_struct_ref_seq_dif.pdbx_seq_db_accession_code 
_struct_ref_seq_dif.db_mon_id 
_struct_ref_seq_dif.pdbx_seq_db_seq_num 
_struct_ref_seq_dif.details 
_struct_ref_seq_dif.pdbx_auth_seq_num 
_struct_ref_seq_dif.pdbx_ordinal 
1 2B1Y MSE A 1  ? UNP Q8UE48 MET 1  'modified residue' 1  1 
1 2B1Y MSE A 35 ? UNP Q8UE48 MET 35 'modified residue' 35 2 
1 2B1Y MSE A 69 ? UNP Q8UE48 MET 69 'modified residue' 69 3 
1 2B1Y MSE A 90 ? UNP Q8UE48 MET 90 'modified residue' 90 4 
# 
_pdbx_struct_assembly.id                   1 
_pdbx_struct_assembly.details              author_and_software_defined_assembly 
_pdbx_struct_assembly.method_details       PISA,PQS 
_pdbx_struct_assembly.oligomeric_details   dimeric 
_pdbx_struct_assembly.oligomeric_count     2 
# 
loop_
_pdbx_struct_assembly_prop.biol_id 
_pdbx_struct_assembly_prop.type 
_pdbx_struct_assembly_prop.value 
_pdbx_struct_assembly_prop.details 
1 'ABSA (A^2)' 10250 ? 
1 MORE         -105  ? 
1 'SSA (A^2)'  13160 ? 
# 
_pdbx_struct_assembly_gen.assembly_id       1 
_pdbx_struct_assembly_gen.oper_expression   1,2 
_pdbx_struct_assembly_gen.asym_id_list      A,B,C,D,E 
# 
loop_
_pdbx_struct_oper_list.id 
_pdbx_struct_oper_list.type 
_pdbx_struct_oper_list.name 
_pdbx_struct_oper_list.symmetry_operation 
_pdbx_struct_oper_list.matrix[1][1] 
_pdbx_struct_oper_list.matrix[1][2] 
_pdbx_struct_oper_list.matrix[1][3] 
_pdbx_struct_oper_list.vector[1] 
_pdbx_struct_oper_list.matrix[2][1] 
_pdbx_struct_oper_list.matrix[2][2] 
_pdbx_struct_oper_list.matrix[2][3] 
_pdbx_struct_oper_list.vector[2] 
_pdbx_struct_oper_list.matrix[3][1] 
_pdbx_struct_oper_list.matrix[3][2] 
_pdbx_struct_oper_list.matrix[3][3] 
_pdbx_struct_oper_list.vector[3] 
1 'identity operation'         1_555 x,y,z   1.0000000000 0.0000000000  0.0000000000  0.0000000000 0.0000000000  1.0000000000  0.0000000000 0.0000000000 0.0000000000  0.0000000000 1.0000000000  0.0000000000  
2 'crystal symmetry operation' 4_555 x,-y,-z 0.0671937342 -0.7209230498 -0.6897499245 5.0023143760 -0.7209230498 -0.5129937264 0.4659478436 9.2680628768 -0.6897499245 0.4659478436 -0.5542000078 -1.9472587797 
# 
_struct_biol.id   1 
# 
_struct_conf.conf_type_id            HELX_P 
_struct_conf.id                      HELX_P1 
_struct_conf.pdbx_PDB_helix_id       1 
_struct_conf.beg_label_comp_id       THR 
_struct_conf.beg_label_asym_id       A 
_struct_conf.beg_label_seq_id        36 
_struct_conf.pdbx_beg_PDB_ins_code   ? 
_struct_conf.end_label_comp_id       LEU 
_struct_conf.end_label_asym_id       A 
_struct_conf.end_label_seq_id        47 
_struct_conf.pdbx_end_PDB_ins_code   ? 
_struct_conf.beg_auth_comp_id        THR 
_struct_conf.beg_auth_asym_id        A 
_struct_conf.beg_auth_seq_id         36 
_struct_conf.end_auth_comp_id        LEU 
_struct_conf.end_auth_asym_id        A 
_struct_conf.end_auth_seq_id         47 
_struct_conf.pdbx_PDB_helix_class    1 
_struct_conf.details                 ? 
_struct_conf.pdbx_PDB_helix_length   12 
# 
_struct_conf_type.id          HELX_P 
_struct_conf_type.criteria    ? 
_struct_conf_type.reference   ? 
# 
loop_
_struct_conn.id 
_struct_conn.conn_type_id 
_struct_conn.pdbx_leaving_atom_flag 
_struct_conn.pdbx_PDB_id 
_struct_conn.ptnr1_label_asym_id 
_struct_conn.ptnr1_label_comp_id 
_struct_conn.ptnr1_label_seq_id 
_struct_conn.ptnr1_label_atom_id 
_struct_conn.pdbx_ptnr1_label_alt_id 
_struct_conn.pdbx_ptnr1_PDB_ins_code 
_struct_conn.pdbx_ptnr1_standard_comp_id 
_struct_conn.ptnr1_symmetry 
_struct_conn.ptnr2_label_asym_id 
_struct_conn.ptnr2_label_comp_id 
_struct_conn.ptnr2_label_seq_id 
_struct_conn.ptnr2_label_atom_id 
_struct_conn.pdbx_ptnr2_label_alt_id 
_struct_conn.pdbx_ptnr2_PDB_ins_code 
_struct_conn.ptnr1_auth_asym_id 
_struct_conn.ptnr1_auth_comp_id 
_struct_conn.ptnr1_auth_seq_id 
_struct_conn.ptnr2_auth_asym_id 
_struct_conn.ptnr2_auth_comp_id 
_struct_conn.ptnr2_auth_seq_id 
_struct_conn.ptnr2_symmetry 
_struct_conn.pdbx_ptnr3_label_atom_id 
_struct_conn.pdbx_ptnr3_label_seq_id 
_struct_conn.pdbx_ptnr3_label_comp_id 
_struct_conn.pdbx_ptnr3_label_asym_id 
_struct_conn.pdbx_ptnr3_label_alt_id 
_struct_conn.pdbx_ptnr3_PDB_ins_code 
_struct_conn.details 
_struct_conn.pdbx_dist_value 
_struct_conn.pdbx_value_order 
_struct_conn.pdbx_role 
covale1 covale both ? A LEU 34 C ? ? ? 1_555 A MSE 35 N ? ? A LEU 34 A MSE 35 1_555 ? ? ? ? ? ? ? 1.328 ? ? 
covale2 covale both ? A MSE 35 C ? ? ? 1_555 A THR 36 N ? ? A MSE 35 A THR 36 1_555 ? ? ? ? ? ? ? 1.330 ? ? 
covale3 covale both ? A THR 68 C ? ? ? 1_555 A MSE 69 N ? ? A THR 68 A MSE 69 1_555 ? ? ? ? ? ? ? 1.328 ? ? 
covale4 covale both ? A MSE 69 C ? ? ? 1_555 A HIS 70 N ? ? A MSE 69 A HIS 70 1_555 ? ? ? ? ? ? ? 1.327 ? ? 
covale5 covale both ? A LYS 89 C ? ? ? 1_555 A MSE 90 N ? ? A LYS 89 A MSE 90 1_555 ? ? ? ? ? ? ? 1.331 ? ? 
covale6 covale both ? A MSE 90 C ? ? ? 1_555 A LEU 91 N ? ? A MSE 90 A LEU 91 1_555 ? ? ? ? ? ? ? 1.334 ? ? 
# 
_struct_conn_type.id          covale 
_struct_conn_type.criteria    ? 
_struct_conn_type.reference   ? 
# 
loop_
_pdbx_modification_feature.ordinal 
_pdbx_modification_feature.label_comp_id 
_pdbx_modification_feature.label_asym_id 
_pdbx_modification_feature.label_seq_id 
_pdbx_modification_feature.label_alt_id 
_pdbx_modification_feature.modified_residue_label_comp_id 
_pdbx_modification_feature.modified_residue_label_asym_id 
_pdbx_modification_feature.modified_residue_label_seq_id 
_pdbx_modification_feature.modified_residue_label_alt_id 
_pdbx_modification_feature.auth_comp_id 
_pdbx_modification_feature.auth_asym_id 
_pdbx_modification_feature.auth_seq_id 
_pdbx_modification_feature.PDB_ins_code 
_pdbx_modification_feature.symmetry 
_pdbx_modification_feature.modified_residue_auth_comp_id 
_pdbx_modification_feature.modified_residue_auth_asym_id 
_pdbx_modification_feature.modified_residue_auth_seq_id 
_pdbx_modification_feature.modified_residue_PDB_ins_code 
_pdbx_modification_feature.modified_residue_symmetry 
_pdbx_modification_feature.comp_id_linking_atom 
_pdbx_modification_feature.modified_residue_id_linking_atom 
_pdbx_modification_feature.modified_residue_id 
_pdbx_modification_feature.ref_pcm_id 
_pdbx_modification_feature.ref_comp_id 
_pdbx_modification_feature.type 
_pdbx_modification_feature.category 
1 MSE A 35 ? . . . . MSE A 35 ? 1_555 . . . . . . . MET 1 MSE Selenomethionine 'Named protein modification' 
2 MSE A 69 ? . . . . MSE A 69 ? 1_555 . . . . . . . MET 1 MSE Selenomethionine 'Named protein modification' 
3 MSE A 90 ? . . . . MSE A 90 ? 1_555 . . . . . . . MET 1 MSE Selenomethionine 'Named protein modification' 
# 
_struct_mon_prot_cis.pdbx_id                1 
_struct_mon_prot_cis.label_comp_id          SER 
_struct_mon_prot_cis.label_seq_id           59 
_struct_mon_prot_cis.label_asym_id          A 
_struct_mon_prot_cis.label_alt_id           . 
_struct_mon_prot_cis.pdbx_PDB_ins_code      ? 
_struct_mon_prot_cis.auth_comp_id           SER 
_struct_mon_prot_cis.auth_seq_id            59 
_struct_mon_prot_cis.auth_asym_id           A 
_struct_mon_prot_cis.pdbx_label_comp_id_2   PRO 
_struct_mon_prot_cis.pdbx_label_seq_id_2    60 
_struct_mon_prot_cis.pdbx_label_asym_id_2   A 
_struct_mon_prot_cis.pdbx_PDB_ins_code_2    ? 
_struct_mon_prot_cis.pdbx_auth_comp_id_2    PRO 
_struct_mon_prot_cis.pdbx_auth_seq_id_2     60 
_struct_mon_prot_cis.pdbx_auth_asym_id_2    A 
_struct_mon_prot_cis.pdbx_PDB_model_num     1 
_struct_mon_prot_cis.pdbx_omega_angle       1.14 
# 
loop_
_struct_site.id 
_struct_site.pdbx_evidence_code 
_struct_site.pdbx_auth_asym_id 
_struct_site.pdbx_auth_comp_id 
_struct_site.pdbx_auth_seq_id 
_struct_site.pdbx_auth_ins_code 
_struct_site.pdbx_num_residues 
_struct_site.details 
AC1 Software A SO4 202 ? 6 'BINDING SITE FOR RESIDUE SO4 A 202' 
AC2 Software A SO4 203 ? 8 'BINDING SITE FOR RESIDUE SO4 A 203' 
AC3 Software A SO4 204 ? 4 'BINDING SITE FOR RESIDUE SO4 A 204' 
# 
loop_
_struct_site_gen.id 
_struct_site_gen.site_id 
_struct_site_gen.pdbx_num_res 
_struct_site_gen.label_comp_id 
_struct_site_gen.label_asym_id 
_struct_site_gen.label_seq_id 
_struct_site_gen.pdbx_auth_ins_code 
_struct_site_gen.auth_comp_id 
_struct_site_gen.auth_asym_id 
_struct_site_gen.auth_seq_id 
_struct_site_gen.label_atom_id 
_struct_site_gen.label_alt_id 
_struct_site_gen.symmetry 
_struct_site_gen.details 
1  AC1 6 VAL A 32  ? VAL A 32  . ? 4_555 ? 
2  AC1 6 GLY A 53  ? GLY A 53  . ? 1_555 ? 
3  AC1 6 GLY A 54  ? GLY A 54  . ? 1_555 ? 
4  AC1 6 VAL A 55  ? VAL A 55  . ? 1_555 ? 
5  AC1 6 ALA A 56  ? ALA A 56  . ? 1_555 ? 
6  AC1 6 ILE A 61  ? ILE A 61  . ? 1_555 ? 
7  AC2 8 ARG A 7   ? ARG A 7   . ? 3_554 ? 
8  AC2 8 ARG A 7   ? ARG A 7   . ? 1_555 ? 
9  AC2 8 GLY A 82  ? GLY A 82  . ? 2_554 ? 
10 AC2 8 GLY A 82  ? GLY A 82  . ? 4_555 ? 
11 AC2 8 LEU A 83  ? LEU A 83  . ? 4_555 ? 
12 AC2 8 LEU A 83  ? LEU A 83  . ? 2_554 ? 
13 AC2 8 LYS A 102 ? LYS A 102 . ? 2_555 ? 
14 AC2 8 LYS A 102 ? LYS A 102 . ? 4_554 ? 
15 AC3 4 ALA A 38  ? ALA A 38  . ? 1_555 ? 
16 AC3 4 ARG A 42  ? ARG A 42  . ? 1_555 ? 
17 AC3 4 HOH E .   ? HOH A 243 . ? 1_555 ? 
18 AC3 4 HOH E .   ? HOH A 254 . ? 1_555 ? 
# 
_pdbx_entry_details.entry_id                   2B1Y 
_pdbx_entry_details.compound_details           ? 
_pdbx_entry_details.source_details             ? 
_pdbx_entry_details.nonpolymer_details         ? 
_pdbx_entry_details.sequence_details           ? 
_pdbx_entry_details.has_ligand_of_interest     ? 
_pdbx_entry_details.has_protein_modification   Y 
# 
_pdbx_validate_symm_contact.id                1 
_pdbx_validate_symm_contact.PDB_model_num     1 
_pdbx_validate_symm_contact.auth_atom_id_1    O 
_pdbx_validate_symm_contact.auth_asym_id_1    A 
_pdbx_validate_symm_contact.auth_comp_id_1    HOH 
_pdbx_validate_symm_contact.auth_seq_id_1     209 
_pdbx_validate_symm_contact.PDB_ins_code_1    ? 
_pdbx_validate_symm_contact.label_alt_id_1    ? 
_pdbx_validate_symm_contact.site_symmetry_1   1_555 
_pdbx_validate_symm_contact.auth_atom_id_2    O 
_pdbx_validate_symm_contact.auth_asym_id_2    A 
_pdbx_validate_symm_contact.auth_comp_id_2    HOH 
_pdbx_validate_symm_contact.auth_seq_id_2     227 
_pdbx_validate_symm_contact.PDB_ins_code_2    ? 
_pdbx_validate_symm_contact.label_alt_id_2    ? 
_pdbx_validate_symm_contact.site_symmetry_2   4_555 
_pdbx_validate_symm_contact.dist              2.13 
# 
loop_
_pdbx_validate_torsion.id 
_pdbx_validate_torsion.PDB_model_num 
_pdbx_validate_torsion.auth_comp_id 
_pdbx_validate_torsion.auth_asym_id 
_pdbx_validate_torsion.auth_seq_id 
_pdbx_validate_torsion.PDB_ins_code 
_pdbx_validate_torsion.label_alt_id 
_pdbx_validate_torsion.phi 
_pdbx_validate_torsion.psi 
1 1 LYS A 14 ? ? 56.94   -150.70 
2 1 MSE A 69 ? ? -179.82 -177.64 
# 
_pdbx_SG_project.id                    1 
_pdbx_SG_project.project_name          'PSI, Protein Structure Initiative' 
_pdbx_SG_project.full_name_of_center   'Midwest Center for Structural Genomics' 
_pdbx_SG_project.initial_of_center     MCSG 
# 
loop_
_pdbx_struct_mod_residue.id 
_pdbx_struct_mod_residue.label_asym_id 
_pdbx_struct_mod_residue.label_comp_id 
_pdbx_struct_mod_residue.label_seq_id 
_pdbx_struct_mod_residue.auth_asym_id 
_pdbx_struct_mod_residue.auth_comp_id 
_pdbx_struct_mod_residue.auth_seq_id 
_pdbx_struct_mod_residue.PDB_ins_code 
_pdbx_struct_mod_residue.parent_comp_id 
_pdbx_struct_mod_residue.details 
1 A MSE 35 A MSE 35 ? MET SELENOMETHIONINE 
2 A MSE 69 A MSE 69 ? MET SELENOMETHIONINE 
3 A MSE 90 A MSE 90 ? MET SELENOMETHIONINE 
# 
_pdbx_refine_tls.id               1 
_pdbx_refine_tls.details          ? 
_pdbx_refine_tls.method           refined 
_pdbx_refine_tls.origin_x         0.0106 
_pdbx_refine_tls.origin_y         0.0796 
_pdbx_refine_tls.origin_z         0.3127 
_pdbx_refine_tls.T[1][1]          -0.0958 
_pdbx_refine_tls.T[2][2]          -0.0994 
_pdbx_refine_tls.T[3][3]          -0.1267 
_pdbx_refine_tls.T[1][2]          -0.0022 
_pdbx_refine_tls.T[1][3]          0.0010 
_pdbx_refine_tls.T[2][3]          0.0135 
_pdbx_refine_tls.L[1][1]          0.6371 
_pdbx_refine_tls.L[2][2]          0.5160 
_pdbx_refine_tls.L[3][3]          0.0852 
_pdbx_refine_tls.L[1][2]          0.3962 
_pdbx_refine_tls.L[1][3]          0.2005 
_pdbx_refine_tls.L[2][3]          0.2018 
_pdbx_refine_tls.S[1][1]          -0.0126 
_pdbx_refine_tls.S[1][2]          -0.0044 
_pdbx_refine_tls.S[1][3]          0.0315 
_pdbx_refine_tls.S[2][1]          0.0152 
_pdbx_refine_tls.S[2][2]          -0.0172 
_pdbx_refine_tls.S[2][3]          0.0183 
_pdbx_refine_tls.S[3][1]          0.0049 
_pdbx_refine_tls.S[3][2]          -0.0656 
_pdbx_refine_tls.S[3][3]          0.0298 
_pdbx_refine_tls.pdbx_refine_id   'X-RAY DIFFRACTION' 
# 
_pdbx_refine_tls_group.id                  1 
_pdbx_refine_tls_group.refine_tls_id       1 
_pdbx_refine_tls_group.beg_auth_asym_id    A 
_pdbx_refine_tls_group.beg_auth_seq_id     4 
_pdbx_refine_tls_group.beg_label_asym_id   A 
_pdbx_refine_tls_group.beg_label_seq_id    4 
_pdbx_refine_tls_group.end_auth_asym_id    A 
_pdbx_refine_tls_group.end_auth_seq_id     104 
_pdbx_refine_tls_group.end_label_asym_id   A 
_pdbx_refine_tls_group.end_label_seq_id    104 
_pdbx_refine_tls_group.selection           ? 
_pdbx_refine_tls_group.pdbx_refine_id      'X-RAY DIFFRACTION' 
_pdbx_refine_tls_group.selection_details   ? 
# 
loop_
_pdbx_unobs_or_zero_occ_residues.id 
_pdbx_unobs_or_zero_occ_residues.PDB_model_num 
_pdbx_unobs_or_zero_occ_residues.polymer_flag 
_pdbx_unobs_or_zero_occ_residues.occupancy_flag 
_pdbx_unobs_or_zero_occ_residues.auth_asym_id 
_pdbx_unobs_or_zero_occ_residues.auth_comp_id 
_pdbx_unobs_or_zero_occ_residues.auth_seq_id 
_pdbx_unobs_or_zero_occ_residues.PDB_ins_code 
_pdbx_unobs_or_zero_occ_residues.label_asym_id 
_pdbx_unobs_or_zero_occ_residues.label_comp_id 
_pdbx_unobs_or_zero_occ_residues.label_seq_id 
1 1 Y 1 A MSE 1 ? A MSE 1 
2 1 Y 1 A ALA 2 ? A ALA 2 
3 1 Y 1 A ARG 3 ? A ARG 3 
# 
loop_
_chem_comp_atom.comp_id 
_chem_comp_atom.atom_id 
_chem_comp_atom.type_symbol 
_chem_comp_atom.pdbx_aromatic_flag 
_chem_comp_atom.pdbx_stereo_config 
_chem_comp_atom.pdbx_ordinal 
ALA N    N  N N 1   
ALA CA   C  N S 2   
ALA C    C  N N 3   
ALA O    O  N N 4   
ALA CB   C  N N 5   
ALA OXT  O  N N 6   
ALA H    H  N N 7   
ALA H2   H  N N 8   
ALA HA   H  N N 9   
ALA HB1  H  N N 10  
ALA HB2  H  N N 11  
ALA HB3  H  N N 12  
ALA HXT  H  N N 13  
ARG N    N  N N 14  
ARG CA   C  N S 15  
ARG C    C  N N 16  
ARG O    O  N N 17  
ARG CB   C  N N 18  
ARG CG   C  N N 19  
ARG CD   C  N N 20  
ARG NE   N  N N 21  
ARG CZ   C  N N 22  
ARG NH1  N  N N 23  
ARG NH2  N  N N 24  
ARG OXT  O  N N 25  
ARG H    H  N N 26  
ARG H2   H  N N 27  
ARG HA   H  N N 28  
ARG HB2  H  N N 29  
ARG HB3  H  N N 30  
ARG HG2  H  N N 31  
ARG HG3  H  N N 32  
ARG HD2  H  N N 33  
ARG HD3  H  N N 34  
ARG HE   H  N N 35  
ARG HH11 H  N N 36  
ARG HH12 H  N N 37  
ARG HH21 H  N N 38  
ARG HH22 H  N N 39  
ARG HXT  H  N N 40  
ASN N    N  N N 41  
ASN CA   C  N S 42  
ASN C    C  N N 43  
ASN O    O  N N 44  
ASN CB   C  N N 45  
ASN CG   C  N N 46  
ASN OD1  O  N N 47  
ASN ND2  N  N N 48  
ASN OXT  O  N N 49  
ASN H    H  N N 50  
ASN H2   H  N N 51  
ASN HA   H  N N 52  
ASN HB2  H  N N 53  
ASN HB3  H  N N 54  
ASN HD21 H  N N 55  
ASN HD22 H  N N 56  
ASN HXT  H  N N 57  
ASP N    N  N N 58  
ASP CA   C  N S 59  
ASP C    C  N N 60  
ASP O    O  N N 61  
ASP CB   C  N N 62  
ASP CG   C  N N 63  
ASP OD1  O  N N 64  
ASP OD2  O  N N 65  
ASP OXT  O  N N 66  
ASP H    H  N N 67  
ASP H2   H  N N 68  
ASP HA   H  N N 69  
ASP HB2  H  N N 70  
ASP HB3  H  N N 71  
ASP HD2  H  N N 72  
ASP HXT  H  N N 73  
GLN N    N  N N 74  
GLN CA   C  N S 75  
GLN C    C  N N 76  
GLN O    O  N N 77  
GLN CB   C  N N 78  
GLN CG   C  N N 79  
GLN CD   C  N N 80  
GLN OE1  O  N N 81  
GLN NE2  N  N N 82  
GLN OXT  O  N N 83  
GLN H    H  N N 84  
GLN H2   H  N N 85  
GLN HA   H  N N 86  
GLN HB2  H  N N 87  
GLN HB3  H  N N 88  
GLN HG2  H  N N 89  
GLN HG3  H  N N 90  
GLN HE21 H  N N 91  
GLN HE22 H  N N 92  
GLN HXT  H  N N 93  
GLU N    N  N N 94  
GLU CA   C  N S 95  
GLU C    C  N N 96  
GLU O    O  N N 97  
GLU CB   C  N N 98  
GLU CG   C  N N 99  
GLU CD   C  N N 100 
GLU OE1  O  N N 101 
GLU OE2  O  N N 102 
GLU OXT  O  N N 103 
GLU H    H  N N 104 
GLU H2   H  N N 105 
GLU HA   H  N N 106 
GLU HB2  H  N N 107 
GLU HB3  H  N N 108 
GLU HG2  H  N N 109 
GLU HG3  H  N N 110 
GLU HE2  H  N N 111 
GLU HXT  H  N N 112 
GLY N    N  N N 113 
GLY CA   C  N N 114 
GLY C    C  N N 115 
GLY O    O  N N 116 
GLY OXT  O  N N 117 
GLY H    H  N N 118 
GLY H2   H  N N 119 
GLY HA2  H  N N 120 
GLY HA3  H  N N 121 
GLY HXT  H  N N 122 
HIS N    N  N N 123 
HIS CA   C  N S 124 
HIS C    C  N N 125 
HIS O    O  N N 126 
HIS CB   C  N N 127 
HIS CG   C  Y N 128 
HIS ND1  N  Y N 129 
HIS CD2  C  Y N 130 
HIS CE1  C  Y N 131 
HIS NE2  N  Y N 132 
HIS OXT  O  N N 133 
HIS H    H  N N 134 
HIS H2   H  N N 135 
HIS HA   H  N N 136 
HIS HB2  H  N N 137 
HIS HB3  H  N N 138 
HIS HD1  H  N N 139 
HIS HD2  H  N N 140 
HIS HE1  H  N N 141 
HIS HE2  H  N N 142 
HIS HXT  H  N N 143 
HOH O    O  N N 144 
HOH H1   H  N N 145 
HOH H2   H  N N 146 
ILE N    N  N N 147 
ILE CA   C  N S 148 
ILE C    C  N N 149 
ILE O    O  N N 150 
ILE CB   C  N S 151 
ILE CG1  C  N N 152 
ILE CG2  C  N N 153 
ILE CD1  C  N N 154 
ILE OXT  O  N N 155 
ILE H    H  N N 156 
ILE H2   H  N N 157 
ILE HA   H  N N 158 
ILE HB   H  N N 159 
ILE HG12 H  N N 160 
ILE HG13 H  N N 161 
ILE HG21 H  N N 162 
ILE HG22 H  N N 163 
ILE HG23 H  N N 164 
ILE HD11 H  N N 165 
ILE HD12 H  N N 166 
ILE HD13 H  N N 167 
ILE HXT  H  N N 168 
LEU N    N  N N 169 
LEU CA   C  N S 170 
LEU C    C  N N 171 
LEU O    O  N N 172 
LEU CB   C  N N 173 
LEU CG   C  N N 174 
LEU CD1  C  N N 175 
LEU CD2  C  N N 176 
LEU OXT  O  N N 177 
LEU H    H  N N 178 
LEU H2   H  N N 179 
LEU HA   H  N N 180 
LEU HB2  H  N N 181 
LEU HB3  H  N N 182 
LEU HG   H  N N 183 
LEU HD11 H  N N 184 
LEU HD12 H  N N 185 
LEU HD13 H  N N 186 
LEU HD21 H  N N 187 
LEU HD22 H  N N 188 
LEU HD23 H  N N 189 
LEU HXT  H  N N 190 
LYS N    N  N N 191 
LYS CA   C  N S 192 
LYS C    C  N N 193 
LYS O    O  N N 194 
LYS CB   C  N N 195 
LYS CG   C  N N 196 
LYS CD   C  N N 197 
LYS CE   C  N N 198 
LYS NZ   N  N N 199 
LYS OXT  O  N N 200 
LYS H    H  N N 201 
LYS H2   H  N N 202 
LYS HA   H  N N 203 
LYS HB2  H  N N 204 
LYS HB3  H  N N 205 
LYS HG2  H  N N 206 
LYS HG3  H  N N 207 
LYS HD2  H  N N 208 
LYS HD3  H  N N 209 
LYS HE2  H  N N 210 
LYS HE3  H  N N 211 
LYS HZ1  H  N N 212 
LYS HZ2  H  N N 213 
LYS HZ3  H  N N 214 
LYS HXT  H  N N 215 
MET N    N  N N 216 
MET CA   C  N S 217 
MET C    C  N N 218 
MET O    O  N N 219 
MET CB   C  N N 220 
MET CG   C  N N 221 
MET SD   S  N N 222 
MET CE   C  N N 223 
MET OXT  O  N N 224 
MET H    H  N N 225 
MET H2   H  N N 226 
MET HA   H  N N 227 
MET HB2  H  N N 228 
MET HB3  H  N N 229 
MET HG2  H  N N 230 
MET HG3  H  N N 231 
MET HE1  H  N N 232 
MET HE2  H  N N 233 
MET HE3  H  N N 234 
MET HXT  H  N N 235 
MSE N    N  N N 236 
MSE CA   C  N S 237 
MSE C    C  N N 238 
MSE O    O  N N 239 
MSE OXT  O  N N 240 
MSE CB   C  N N 241 
MSE CG   C  N N 242 
MSE SE   SE N N 243 
MSE CE   C  N N 244 
MSE H    H  N N 245 
MSE H2   H  N N 246 
MSE HA   H  N N 247 
MSE HXT  H  N N 248 
MSE HB2  H  N N 249 
MSE HB3  H  N N 250 
MSE HG2  H  N N 251 
MSE HG3  H  N N 252 
MSE HE1  H  N N 253 
MSE HE2  H  N N 254 
MSE HE3  H  N N 255 
PHE N    N  N N 256 
PHE CA   C  N S 257 
PHE C    C  N N 258 
PHE O    O  N N 259 
PHE CB   C  N N 260 
PHE CG   C  Y N 261 
PHE CD1  C  Y N 262 
PHE CD2  C  Y N 263 
PHE CE1  C  Y N 264 
PHE CE2  C  Y N 265 
PHE CZ   C  Y N 266 
PHE OXT  O  N N 267 
PHE H    H  N N 268 
PHE H2   H  N N 269 
PHE HA   H  N N 270 
PHE HB2  H  N N 271 
PHE HB3  H  N N 272 
PHE HD1  H  N N 273 
PHE HD2  H  N N 274 
PHE HE1  H  N N 275 
PHE HE2  H  N N 276 
PHE HZ   H  N N 277 
PHE HXT  H  N N 278 
PRO N    N  N N 279 
PRO CA   C  N S 280 
PRO C    C  N N 281 
PRO O    O  N N 282 
PRO CB   C  N N 283 
PRO CG   C  N N 284 
PRO CD   C  N N 285 
PRO OXT  O  N N 286 
PRO H    H  N N 287 
PRO HA   H  N N 288 
PRO HB2  H  N N 289 
PRO HB3  H  N N 290 
PRO HG2  H  N N 291 
PRO HG3  H  N N 292 
PRO HD2  H  N N 293 
PRO HD3  H  N N 294 
PRO HXT  H  N N 295 
SER N    N  N N 296 
SER CA   C  N S 297 
SER C    C  N N 298 
SER O    O  N N 299 
SER CB   C  N N 300 
SER OG   O  N N 301 
SER OXT  O  N N 302 
SER H    H  N N 303 
SER H2   H  N N 304 
SER HA   H  N N 305 
SER HB2  H  N N 306 
SER HB3  H  N N 307 
SER HG   H  N N 308 
SER HXT  H  N N 309 
SO4 S    S  N N 310 
SO4 O1   O  N N 311 
SO4 O2   O  N N 312 
SO4 O3   O  N N 313 
SO4 O4   O  N N 314 
THR N    N  N N 315 
THR CA   C  N S 316 
THR C    C  N N 317 
THR O    O  N N 318 
THR CB   C  N R 319 
THR OG1  O  N N 320 
THR CG2  C  N N 321 
THR OXT  O  N N 322 
THR H    H  N N 323 
THR H2   H  N N 324 
THR HA   H  N N 325 
THR HB   H  N N 326 
THR HG1  H  N N 327 
THR HG21 H  N N 328 
THR HG22 H  N N 329 
THR HG23 H  N N 330 
THR HXT  H  N N 331 
TRP N    N  N N 332 
TRP CA   C  N S 333 
TRP C    C  N N 334 
TRP O    O  N N 335 
TRP CB   C  N N 336 
TRP CG   C  Y N 337 
TRP CD1  C  Y N 338 
TRP CD2  C  Y N 339 
TRP NE1  N  Y N 340 
TRP CE2  C  Y N 341 
TRP CE3  C  Y N 342 
TRP CZ2  C  Y N 343 
TRP CZ3  C  Y N 344 
TRP CH2  C  Y N 345 
TRP OXT  O  N N 346 
TRP H    H  N N 347 
TRP H2   H  N N 348 
TRP HA   H  N N 349 
TRP HB2  H  N N 350 
TRP HB3  H  N N 351 
TRP HD1  H  N N 352 
TRP HE1  H  N N 353 
TRP HE3  H  N N 354 
TRP HZ2  H  N N 355 
TRP HZ3  H  N N 356 
TRP HH2  H  N N 357 
TRP HXT  H  N N 358 
TYR N    N  N N 359 
TYR CA   C  N S 360 
TYR C    C  N N 361 
TYR O    O  N N 362 
TYR CB   C  N N 363 
TYR CG   C  Y N 364 
TYR CD1  C  Y N 365 
TYR CD2  C  Y N 366 
TYR CE1  C  Y N 367 
TYR CE2  C  Y N 368 
TYR CZ   C  Y N 369 
TYR OH   O  N N 370 
TYR OXT  O  N N 371 
TYR H    H  N N 372 
TYR H2   H  N N 373 
TYR HA   H  N N 374 
TYR HB2  H  N N 375 
TYR HB3  H  N N 376 
TYR HD1  H  N N 377 
TYR HD2  H  N N 378 
TYR HE1  H  N N 379 
TYR HE2  H  N N 380 
TYR HH   H  N N 381 
TYR HXT  H  N N 382 
VAL N    N  N N 383 
VAL CA   C  N S 384 
VAL C    C  N N 385 
VAL O    O  N N 386 
VAL CB   C  N N 387 
VAL CG1  C  N N 388 
VAL CG2  C  N N 389 
VAL OXT  O  N N 390 
VAL H    H  N N 391 
VAL H2   H  N N 392 
VAL HA   H  N N 393 
VAL HB   H  N N 394 
VAL HG11 H  N N 395 
VAL HG12 H  N N 396 
VAL HG13 H  N N 397 
VAL HG21 H  N N 398 
VAL HG22 H  N N 399 
VAL HG23 H  N N 400 
VAL HXT  H  N N 401 
# 
loop_
_chem_comp_bond.comp_id 
_chem_comp_bond.atom_id_1 
_chem_comp_bond.atom_id_2 
_chem_comp_bond.value_order 
_chem_comp_bond.pdbx_aromatic_flag 
_chem_comp_bond.pdbx_stereo_config 
_chem_comp_bond.pdbx_ordinal 
ALA N   CA   sing N N 1   
ALA N   H    sing N N 2   
ALA N   H2   sing N N 3   
ALA CA  C    sing N N 4   
ALA CA  CB   sing N N 5   
ALA CA  HA   sing N N 6   
ALA C   O    doub N N 7   
ALA C   OXT  sing N N 8   
ALA CB  HB1  sing N N 9   
ALA CB  HB2  sing N N 10  
ALA CB  HB3  sing N N 11  
ALA OXT HXT  sing N N 12  
ARG N   CA   sing N N 13  
ARG N   H    sing N N 14  
ARG N   H2   sing N N 15  
ARG CA  C    sing N N 16  
ARG CA  CB   sing N N 17  
ARG CA  HA   sing N N 18  
ARG C   O    doub N N 19  
ARG C   OXT  sing N N 20  
ARG CB  CG   sing N N 21  
ARG CB  HB2  sing N N 22  
ARG CB  HB3  sing N N 23  
ARG CG  CD   sing N N 24  
ARG CG  HG2  sing N N 25  
ARG CG  HG3  sing N N 26  
ARG CD  NE   sing N N 27  
ARG CD  HD2  sing N N 28  
ARG CD  HD3  sing N N 29  
ARG NE  CZ   sing N N 30  
ARG NE  HE   sing N N 31  
ARG CZ  NH1  sing N N 32  
ARG CZ  NH2  doub N N 33  
ARG NH1 HH11 sing N N 34  
ARG NH1 HH12 sing N N 35  
ARG NH2 HH21 sing N N 36  
ARG NH2 HH22 sing N N 37  
ARG OXT HXT  sing N N 38  
ASN N   CA   sing N N 39  
ASN N   H    sing N N 40  
ASN N   H2   sing N N 41  
ASN CA  C    sing N N 42  
ASN CA  CB   sing N N 43  
ASN CA  HA   sing N N 44  
ASN C   O    doub N N 45  
ASN C   OXT  sing N N 46  
ASN CB  CG   sing N N 47  
ASN CB  HB2  sing N N 48  
ASN CB  HB3  sing N N 49  
ASN CG  OD1  doub N N 50  
ASN CG  ND2  sing N N 51  
ASN ND2 HD21 sing N N 52  
ASN ND2 HD22 sing N N 53  
ASN OXT HXT  sing N N 54  
ASP N   CA   sing N N 55  
ASP N   H    sing N N 56  
ASP N   H2   sing N N 57  
ASP CA  C    sing N N 58  
ASP CA  CB   sing N N 59  
ASP CA  HA   sing N N 60  
ASP C   O    doub N N 61  
ASP C   OXT  sing N N 62  
ASP CB  CG   sing N N 63  
ASP CB  HB2  sing N N 64  
ASP CB  HB3  sing N N 65  
ASP CG  OD1  doub N N 66  
ASP CG  OD2  sing N N 67  
ASP OD2 HD2  sing N N 68  
ASP OXT HXT  sing N N 69  
GLN N   CA   sing N N 70  
GLN N   H    sing N N 71  
GLN N   H2   sing N N 72  
GLN CA  C    sing N N 73  
GLN CA  CB   sing N N 74  
GLN CA  HA   sing N N 75  
GLN C   O    doub N N 76  
GLN C   OXT  sing N N 77  
GLN CB  CG   sing N N 78  
GLN CB  HB2  sing N N 79  
GLN CB  HB3  sing N N 80  
GLN CG  CD   sing N N 81  
GLN CG  HG2  sing N N 82  
GLN CG  HG3  sing N N 83  
GLN CD  OE1  doub N N 84  
GLN CD  NE2  sing N N 85  
GLN NE2 HE21 sing N N 86  
GLN NE2 HE22 sing N N 87  
GLN OXT HXT  sing N N 88  
GLU N   CA   sing N N 89  
GLU N   H    sing N N 90  
GLU N   H2   sing N N 91  
GLU CA  C    sing N N 92  
GLU CA  CB   sing N N 93  
GLU CA  HA   sing N N 94  
GLU C   O    doub N N 95  
GLU C   OXT  sing N N 96  
GLU CB  CG   sing N N 97  
GLU CB  HB2  sing N N 98  
GLU CB  HB3  sing N N 99  
GLU CG  CD   sing N N 100 
GLU CG  HG2  sing N N 101 
GLU CG  HG3  sing N N 102 
GLU CD  OE1  doub N N 103 
GLU CD  OE2  sing N N 104 
GLU OE2 HE2  sing N N 105 
GLU OXT HXT  sing N N 106 
GLY N   CA   sing N N 107 
GLY N   H    sing N N 108 
GLY N   H2   sing N N 109 
GLY CA  C    sing N N 110 
GLY CA  HA2  sing N N 111 
GLY CA  HA3  sing N N 112 
GLY C   O    doub N N 113 
GLY C   OXT  sing N N 114 
GLY OXT HXT  sing N N 115 
HIS N   CA   sing N N 116 
HIS N   H    sing N N 117 
HIS N   H2   sing N N 118 
HIS CA  C    sing N N 119 
HIS CA  CB   sing N N 120 
HIS CA  HA   sing N N 121 
HIS C   O    doub N N 122 
HIS C   OXT  sing N N 123 
HIS CB  CG   sing N N 124 
HIS CB  HB2  sing N N 125 
HIS CB  HB3  sing N N 126 
HIS CG  ND1  sing Y N 127 
HIS CG  CD2  doub Y N 128 
HIS ND1 CE1  doub Y N 129 
HIS ND1 HD1  sing N N 130 
HIS CD2 NE2  sing Y N 131 
HIS CD2 HD2  sing N N 132 
HIS CE1 NE2  sing Y N 133 
HIS CE1 HE1  sing N N 134 
HIS NE2 HE2  sing N N 135 
HIS OXT HXT  sing N N 136 
HOH O   H1   sing N N 137 
HOH O   H2   sing N N 138 
ILE N   CA   sing N N 139 
ILE N   H    sing N N 140 
ILE N   H2   sing N N 141 
ILE CA  C    sing N N 142 
ILE CA  CB   sing N N 143 
ILE CA  HA   sing N N 144 
ILE C   O    doub N N 145 
ILE C   OXT  sing N N 146 
ILE CB  CG1  sing N N 147 
ILE CB  CG2  sing N N 148 
ILE CB  HB   sing N N 149 
ILE CG1 CD1  sing N N 150 
ILE CG1 HG12 sing N N 151 
ILE CG1 HG13 sing N N 152 
ILE CG2 HG21 sing N N 153 
ILE CG2 HG22 sing N N 154 
ILE CG2 HG23 sing N N 155 
ILE CD1 HD11 sing N N 156 
ILE CD1 HD12 sing N N 157 
ILE CD1 HD13 sing N N 158 
ILE OXT HXT  sing N N 159 
LEU N   CA   sing N N 160 
LEU N   H    sing N N 161 
LEU N   H2   sing N N 162 
LEU CA  C    sing N N 163 
LEU CA  CB   sing N N 164 
LEU CA  HA   sing N N 165 
LEU C   O    doub N N 166 
LEU C   OXT  sing N N 167 
LEU CB  CG   sing N N 168 
LEU CB  HB2  sing N N 169 
LEU CB  HB3  sing N N 170 
LEU CG  CD1  sing N N 171 
LEU CG  CD2  sing N N 172 
LEU CG  HG   sing N N 173 
LEU CD1 HD11 sing N N 174 
LEU CD1 HD12 sing N N 175 
LEU CD1 HD13 sing N N 176 
LEU CD2 HD21 sing N N 177 
LEU CD2 HD22 sing N N 178 
LEU CD2 HD23 sing N N 179 
LEU OXT HXT  sing N N 180 
LYS N   CA   sing N N 181 
LYS N   H    sing N N 182 
LYS N   H2   sing N N 183 
LYS CA  C    sing N N 184 
LYS CA  CB   sing N N 185 
LYS CA  HA   sing N N 186 
LYS C   O    doub N N 187 
LYS C   OXT  sing N N 188 
LYS CB  CG   sing N N 189 
LYS CB  HB2  sing N N 190 
LYS CB  HB3  sing N N 191 
LYS CG  CD   sing N N 192 
LYS CG  HG2  sing N N 193 
LYS CG  HG3  sing N N 194 
LYS CD  CE   sing N N 195 
LYS CD  HD2  sing N N 196 
LYS CD  HD3  sing N N 197 
LYS CE  NZ   sing N N 198 
LYS CE  HE2  sing N N 199 
LYS CE  HE3  sing N N 200 
LYS NZ  HZ1  sing N N 201 
LYS NZ  HZ2  sing N N 202 
LYS NZ  HZ3  sing N N 203 
LYS OXT HXT  sing N N 204 
MET N   CA   sing N N 205 
MET N   H    sing N N 206 
MET N   H2   sing N N 207 
MET CA  C    sing N N 208 
MET CA  CB   sing N N 209 
MET CA  HA   sing N N 210 
MET C   O    doub N N 211 
MET C   OXT  sing N N 212 
MET CB  CG   sing N N 213 
MET CB  HB2  sing N N 214 
MET CB  HB3  sing N N 215 
MET CG  SD   sing N N 216 
MET CG  HG2  sing N N 217 
MET CG  HG3  sing N N 218 
MET SD  CE   sing N N 219 
MET CE  HE1  sing N N 220 
MET CE  HE2  sing N N 221 
MET CE  HE3  sing N N 222 
MET OXT HXT  sing N N 223 
MSE N   CA   sing N N 224 
MSE N   H    sing N N 225 
MSE N   H2   sing N N 226 
MSE CA  C    sing N N 227 
MSE CA  CB   sing N N 228 
MSE CA  HA   sing N N 229 
MSE C   O    doub N N 230 
MSE C   OXT  sing N N 231 
MSE OXT HXT  sing N N 232 
MSE CB  CG   sing N N 233 
MSE CB  HB2  sing N N 234 
MSE CB  HB3  sing N N 235 
MSE CG  SE   sing N N 236 
MSE CG  HG2  sing N N 237 
MSE CG  HG3  sing N N 238 
MSE SE  CE   sing N N 239 
MSE CE  HE1  sing N N 240 
MSE CE  HE2  sing N N 241 
MSE CE  HE3  sing N N 242 
PHE N   CA   sing N N 243 
PHE N   H    sing N N 244 
PHE N   H2   sing N N 245 
PHE CA  C    sing N N 246 
PHE CA  CB   sing N N 247 
PHE CA  HA   sing N N 248 
PHE C   O    doub N N 249 
PHE C   OXT  sing N N 250 
PHE CB  CG   sing N N 251 
PHE CB  HB2  sing N N 252 
PHE CB  HB3  sing N N 253 
PHE CG  CD1  doub Y N 254 
PHE CG  CD2  sing Y N 255 
PHE CD1 CE1  sing Y N 256 
PHE CD1 HD1  sing N N 257 
PHE CD2 CE2  doub Y N 258 
PHE CD2 HD2  sing N N 259 
PHE CE1 CZ   doub Y N 260 
PHE CE1 HE1  sing N N 261 
PHE CE2 CZ   sing Y N 262 
PHE CE2 HE2  sing N N 263 
PHE CZ  HZ   sing N N 264 
PHE OXT HXT  sing N N 265 
PRO N   CA   sing N N 266 
PRO N   CD   sing N N 267 
PRO N   H    sing N N 268 
PRO CA  C    sing N N 269 
PRO CA  CB   sing N N 270 
PRO CA  HA   sing N N 271 
PRO C   O    doub N N 272 
PRO C   OXT  sing N N 273 
PRO CB  CG   sing N N 274 
PRO CB  HB2  sing N N 275 
PRO CB  HB3  sing N N 276 
PRO CG  CD   sing N N 277 
PRO CG  HG2  sing N N 278 
PRO CG  HG3  sing N N 279 
PRO CD  HD2  sing N N 280 
PRO CD  HD3  sing N N 281 
PRO OXT HXT  sing N N 282 
SER N   CA   sing N N 283 
SER N   H    sing N N 284 
SER N   H2   sing N N 285 
SER CA  C    sing N N 286 
SER CA  CB   sing N N 287 
SER CA  HA   sing N N 288 
SER C   O    doub N N 289 
SER C   OXT  sing N N 290 
SER CB  OG   sing N N 291 
SER CB  HB2  sing N N 292 
SER CB  HB3  sing N N 293 
SER OG  HG   sing N N 294 
SER OXT HXT  sing N N 295 
SO4 S   O1   doub N N 296 
SO4 S   O2   doub N N 297 
SO4 S   O3   sing N N 298 
SO4 S   O4   sing N N 299 
THR N   CA   sing N N 300 
THR N   H    sing N N 301 
THR N   H2   sing N N 302 
THR CA  C    sing N N 303 
THR CA  CB   sing N N 304 
THR CA  HA   sing N N 305 
THR C   O    doub N N 306 
THR C   OXT  sing N N 307 
THR CB  OG1  sing N N 308 
THR CB  CG2  sing N N 309 
THR CB  HB   sing N N 310 
THR OG1 HG1  sing N N 311 
THR CG2 HG21 sing N N 312 
THR CG2 HG22 sing N N 313 
THR CG2 HG23 sing N N 314 
THR OXT HXT  sing N N 315 
TRP N   CA   sing N N 316 
TRP N   H    sing N N 317 
TRP N   H2   sing N N 318 
TRP CA  C    sing N N 319 
TRP CA  CB   sing N N 320 
TRP CA  HA   sing N N 321 
TRP C   O    doub N N 322 
TRP C   OXT  sing N N 323 
TRP CB  CG   sing N N 324 
TRP CB  HB2  sing N N 325 
TRP CB  HB3  sing N N 326 
TRP CG  CD1  doub Y N 327 
TRP CG  CD2  sing Y N 328 
TRP CD1 NE1  sing Y N 329 
TRP CD1 HD1  sing N N 330 
TRP CD2 CE2  doub Y N 331 
TRP CD2 CE3  sing Y N 332 
TRP NE1 CE2  sing Y N 333 
TRP NE1 HE1  sing N N 334 
TRP CE2 CZ2  sing Y N 335 
TRP CE3 CZ3  doub Y N 336 
TRP CE3 HE3  sing N N 337 
TRP CZ2 CH2  doub Y N 338 
TRP CZ2 HZ2  sing N N 339 
TRP CZ3 CH2  sing Y N 340 
TRP CZ3 HZ3  sing N N 341 
TRP CH2 HH2  sing N N 342 
TRP OXT HXT  sing N N 343 
TYR N   CA   sing N N 344 
TYR N   H    sing N N 345 
TYR N   H2   sing N N 346 
TYR CA  C    sing N N 347 
TYR CA  CB   sing N N 348 
TYR CA  HA   sing N N 349 
TYR C   O    doub N N 350 
TYR C   OXT  sing N N 351 
TYR CB  CG   sing N N 352 
TYR CB  HB2  sing N N 353 
TYR CB  HB3  sing N N 354 
TYR CG  CD1  doub Y N 355 
TYR CG  CD2  sing Y N 356 
TYR CD1 CE1  sing Y N 357 
TYR CD1 HD1  sing N N 358 
TYR CD2 CE2  doub Y N 359 
TYR CD2 HD2  sing N N 360 
TYR CE1 CZ   doub Y N 361 
TYR CE1 HE1  sing N N 362 
TYR CE2 CZ   sing Y N 363 
TYR CE2 HE2  sing N N 364 
TYR CZ  OH   sing N N 365 
TYR OH  HH   sing N N 366 
TYR OXT HXT  sing N N 367 
VAL N   CA   sing N N 368 
VAL N   H    sing N N 369 
VAL N   H2   sing N N 370 
VAL CA  C    sing N N 371 
VAL CA  CB   sing N N 372 
VAL CA  HA   sing N N 373 
VAL C   O    doub N N 374 
VAL C   OXT  sing N N 375 
VAL CB  CG1  sing N N 376 
VAL CB  CG2  sing N N 377 
VAL CB  HB   sing N N 378 
VAL CG1 HG11 sing N N 379 
VAL CG1 HG12 sing N N 380 
VAL CG1 HG13 sing N N 381 
VAL CG2 HG21 sing N N 382 
VAL CG2 HG22 sing N N 383 
VAL CG2 HG23 sing N N 384 
VAL OXT HXT  sing N N 385 
# 
_atom_sites.entry_id                    2B1Y 
_atom_sites.fract_transf_matrix[1][1]   -0.01806835 
_atom_sites.fract_transf_matrix[1][2]   0.01220574 
_atom_sites.fract_transf_matrix[1][3]   0.01167796 
_atom_sites.fract_transf_matrix[2][1]   0.00678449 
_atom_sites.fract_transf_matrix[2][2]   0.00425810 
_atom_sites.fract_transf_matrix[2][3]   0.00604654 
_atom_sites.fract_transf_matrix[3][1]   0.00173726 
_atom_sites.fract_transf_matrix[3][2]   0.01359993 
_atom_sites.fract_transf_matrix[3][3]   -0.01152665 
_atom_sites.fract_transf_vector[1]      0.166567 
_atom_sites.fract_transf_vector[2]      -0.030814 
_atom_sites.fract_transf_vector[3]      -0.078590 
# 
loop_
_atom_type.symbol 
C  
N  
O  
S  
SE 
# 
loop_
_atom_site.group_PDB 
_atom_site.id 
_atom_site.type_symbol 
_atom_site.label_atom_id 
_atom_site.label_alt_id 
_atom_site.label_comp_id 
_atom_site.label_asym_id 
_atom_site.label_entity_id 
_atom_site.label_seq_id 
_atom_site.pdbx_PDB_ins_code 
_atom_site.Cartn_x 
_atom_site.Cartn_y 
_atom_site.Cartn_z 
_atom_site.occupancy 
_atom_site.B_iso_or_equiv 
_atom_site.pdbx_formal_charge 
_atom_site.auth_seq_id 
_atom_site.auth_comp_id 
_atom_site.auth_asym_id 
_atom_site.auth_atom_id 
_atom_site.pdbx_PDB_model_num 
ATOM   1   N  N   . PRO A 1 4   ? 2.014   -2.252  10.995  1.00 49.61  ? 4   PRO A N   1 
ATOM   2   C  CA  . PRO A 1 4   ? 2.649   -1.237  10.145  1.00 49.24  ? 4   PRO A CA  1 
ATOM   3   C  C   . PRO A 1 4   ? 3.507   -1.892  9.070   1.00 47.74  ? 4   PRO A C   1 
ATOM   4   O  O   . PRO A 1 4   ? 4.203   -2.894  9.351   1.00 48.29  ? 4   PRO A O   1 
ATOM   5   C  CB  . PRO A 1 4   ? 3.538   -0.454  11.121  1.00 49.64  ? 4   PRO A CB  1 
ATOM   6   C  CG  . PRO A 1 4   ? 3.021   -0.807  12.495  1.00 50.51  ? 4   PRO A CG  1 
ATOM   7   C  CD  . PRO A 1 4   ? 2.518   -2.214  12.374  1.00 50.46  ? 4   PRO A CD  1 
ATOM   8   N  N   . ASN A 1 5   ? 3.458   -1.356  7.854   1.00 44.65  ? 5   ASN A N   1 
ATOM   9   C  CA  . ASN A 1 5   ? 4.146   -2.005  6.743   1.00 42.19  ? 5   ASN A CA  1 
ATOM   10  C  C   . ASN A 1 5   ? 5.670   -2.103  6.931   1.00 40.67  ? 5   ASN A C   1 
ATOM   11  O  O   . ASN A 1 5   ? 6.299   -3.050  6.445   1.00 39.86  ? 5   ASN A O   1 
ATOM   12  C  CB  . ASN A 1 5   ? 3.785   -1.355  5.397   1.00 42.19  ? 5   ASN A CB  1 
ATOM   13  C  CG  . ASN A 1 5   ? 2.379   -1.748  4.891   1.00 42.55  ? 5   ASN A CG  1 
ATOM   14  O  OD1 . ASN A 1 5   ? 1.837   -2.791  5.247   1.00 45.13  ? 5   ASN A OD1 1 
ATOM   15  N  ND2 . ASN A 1 5   ? 1.797   -0.899  4.048   1.00 42.15  ? 5   ASN A ND2 1 
ATOM   16  N  N   . PHE A 1 6   ? 6.258   -1.144  7.648   1.00 38.13  ? 6   PHE A N   1 
ATOM   17  C  CA  . PHE A 1 6   ? 7.730   -1.101  7.859   1.00 36.35  ? 6   PHE A CA  1 
ATOM   18  C  C   . PHE A 1 6   ? 8.027   -0.132  9.001   1.00 35.60  ? 6   PHE A C   1 
ATOM   19  O  O   . PHE A 1 6   ? 7.161   0.665   9.366   1.00 35.40  ? 6   PHE A O   1 
ATOM   20  C  CB  . PHE A 1 6   ? 8.440   -0.638  6.590   1.00 35.86  ? 6   PHE A CB  1 
ATOM   21  C  CG  . PHE A 1 6   ? 7.891   0.652   6.021   1.00 36.26  ? 6   PHE A CG  1 
ATOM   22  C  CD1 . PHE A 1 6   ? 6.919   0.620   5.024   1.00 35.14  ? 6   PHE A CD1 1 
ATOM   23  C  CD2 . PHE A 1 6   ? 8.326   1.905   6.508   1.00 33.77  ? 6   PHE A CD2 1 
ATOM   24  C  CE1 . PHE A 1 6   ? 6.393   1.829   4.497   1.00 37.62  ? 6   PHE A CE1 1 
ATOM   25  C  CE2 . PHE A 1 6   ? 7.803   3.098   5.985   1.00 34.96  ? 6   PHE A CE2 1 
ATOM   26  C  CZ  . PHE A 1 6   ? 6.835   3.055   4.987   1.00 35.98  ? 6   PHE A CZ  1 
ATOM   27  N  N   . ARG A 1 7   ? 9.237   -0.181  9.561   1.00 33.48  ? 7   ARG A N   1 
ATOM   28  C  CA  . ARG A 1 7   ? 9.580   0.663   10.688  1.00 33.06  ? 7   ARG A CA  1 
ATOM   29  C  C   . ARG A 1 7   ? 10.083  2.014   10.182  1.00 31.62  ? 7   ARG A C   1 
ATOM   30  O  O   . ARG A 1 7   ? 10.593  2.119   9.079   1.00 31.81  ? 7   ARG A O   1 
ATOM   31  C  CB  . ARG A 1 7   ? 10.641  0.006   11.594  1.00 33.06  ? 7   ARG A CB  1 
ATOM   32  C  CG  . ARG A 1 7   ? 10.174  -1.303  12.323  1.00 36.38  ? 7   ARG A CG  1 
ATOM   33  C  CD  . ARG A 1 7   ? 11.180  -1.733  13.366  1.00 34.27  ? 7   ARG A CD  1 
ATOM   34  N  NE  . ARG A 1 7   ? 11.220  -0.715  14.400  1.00 42.60  ? 7   ARG A NE  1 
ATOM   35  C  CZ  . ARG A 1 7   ? 12.309  -0.315  15.036  1.00 39.13  ? 7   ARG A CZ  1 
ATOM   36  N  NH1 . ARG A 1 7   ? 12.199  0.640   15.929  1.00 41.45  ? 7   ARG A NH1 1 
ATOM   37  N  NH2 . ARG A 1 7   ? 13.484  -0.863  14.773  1.00 40.97  ? 7   ARG A NH2 1 
ATOM   38  N  N   . TYR A 1 8   ? 9.948   3.032   10.999  1.00 31.34  ? 8   TYR A N   1 
ATOM   39  C  CA  . TYR A 1 8   ? 10.427  4.366   10.601  1.00 30.70  ? 8   TYR A CA  1 
ATOM   40  C  C   . TYR A 1 8   ? 10.694  5.214   11.833  1.00 30.11  ? 8   TYR A C   1 
ATOM   41  O  O   . TYR A 1 8   ? 10.220  4.907   12.944  1.00 29.94  ? 8   TYR A O   1 
ATOM   42  C  CB  . TYR A 1 8   ? 9.407   5.078   9.681   1.00 31.93  ? 8   TYR A CB  1 
ATOM   43  C  CG  . TYR A 1 8   ? 8.154   5.506   10.400  1.00 33.85  ? 8   TYR A CG  1 
ATOM   44  C  CD1 . TYR A 1 8   ? 7.140   4.584   10.650  1.00 34.62  ? 8   TYR A CD1 1 
ATOM   45  C  CD2 . TYR A 1 8   ? 7.990   6.818   10.854  1.00 34.38  ? 8   TYR A CD2 1 
ATOM   46  C  CE1 . TYR A 1 8   ? 5.992   4.960   11.334  1.00 36.04  ? 8   TYR A CE1 1 
ATOM   47  C  CE2 . TYR A 1 8   ? 6.851   7.203   11.544  1.00 36.48  ? 8   TYR A CE2 1 
ATOM   48  C  CZ  . TYR A 1 8   ? 5.852   6.250   11.772  1.00 37.87  ? 8   TYR A CZ  1 
ATOM   49  O  OH  . TYR A 1 8   ? 4.699   6.598   12.431  1.00 40.82  ? 8   TYR A OH  1 
ATOM   50  N  N   . THR A 1 9   ? 11.429  6.308   11.621  1.00 28.52  ? 9   THR A N   1 
ATOM   51  C  CA  . THR A 1 9   ? 11.659  7.281   12.651  1.00 28.68  ? 9   THR A CA  1 
ATOM   52  C  C   . THR A 1 9   ? 11.192  8.629   12.128  1.00 28.62  ? 9   THR A C   1 
ATOM   53  O  O   . THR A 1 9   ? 11.513  8.983   11.010  1.00 28.83  ? 9   THR A O   1 
ATOM   54  C  CB  . THR A 1 9   ? 13.167  7.432   12.900  1.00 29.85  ? 9   THR A CB  1 
ATOM   55  O  OG1 . THR A 1 9   ? 13.693  6.191   13.372  1.00 26.39  ? 9   THR A OG1 1 
ATOM   56  C  CG2 . THR A 1 9   ? 13.413  8.535   13.927  1.00 29.74  ? 9   THR A CG2 1 
ATOM   57  N  N   . HIS A 1 10  ? 10.429  9.361   12.929  1.00 28.28  ? 10  HIS A N   1 
ATOM   58  C  CA  . HIS A 1 10  ? 9.845   10.626  12.493  1.00 28.88  ? 10  HIS A CA  1 
ATOM   59  C  C   . HIS A 1 10  ? 10.395  11.784  13.315  1.00 28.73  ? 10  HIS A C   1 
ATOM   60  O  O   . HIS A 1 10  ? 10.185  11.811  14.520  1.00 29.63  ? 10  HIS A O   1 
ATOM   61  C  CB  . HIS A 1 10  ? 8.303   10.543  12.641  1.00 29.41  ? 10  HIS A CB  1 
ATOM   62  C  CG  . HIS A 1 10  ? 7.601   11.866  12.526  1.00 29.36  ? 10  HIS A CG  1 
ATOM   63  N  ND1 . HIS A 1 10  ? 6.525   12.216  13.327  1.00 29.71  ? 10  HIS A ND1 1 
ATOM   64  C  CD2 . HIS A 1 10  ? 7.847   12.935  11.734  1.00 30.40  ? 10  HIS A CD2 1 
ATOM   65  C  CE1 . HIS A 1 10  ? 6.128   13.436  13.013  1.00 28.77  ? 10  HIS A CE1 1 
ATOM   66  N  NE2 . HIS A 1 10  ? 6.911   13.898  12.050  1.00 29.76  ? 10  HIS A NE2 1 
ATOM   67  N  N   . TYR A 1 11  ? 11.102  12.722  12.681  1.00 28.15  ? 11  TYR A N   1 
ATOM   68  C  CA  . TYR A 1 11  ? 11.466  14.003  13.309  1.00 28.06  ? 11  TYR A CA  1 
ATOM   69  C  C   . TYR A 1 11  ? 10.479  15.083  12.838  1.00 29.00  ? 11  TYR A C   1 
ATOM   70  O  O   . TYR A 1 11  ? 10.395  15.379  11.647  1.00 27.83  ? 11  TYR A O   1 
ATOM   71  C  CB  . TYR A 1 11  ? 12.912  14.454  12.960  1.00 29.22  ? 11  TYR A CB  1 
ATOM   72  C  CG  . TYR A 1 11  ? 13.980  13.423  13.258  1.00 27.34  ? 11  TYR A CG  1 
ATOM   73  C  CD1 . TYR A 1 11  ? 14.688  13.473  14.462  1.00 26.37  ? 11  TYR A CD1 1 
ATOM   74  C  CD2 . TYR A 1 11  ? 14.276  12.391  12.350  1.00 29.14  ? 11  TYR A CD2 1 
ATOM   75  C  CE1 . TYR A 1 11  ? 15.671  12.528  14.791  1.00 27.70  ? 11  TYR A CE1 1 
ATOM   76  C  CE2 . TYR A 1 11  ? 15.286  11.405  12.677  1.00 30.19  ? 11  TYR A CE2 1 
ATOM   77  C  CZ  . TYR A 1 11  ? 15.961  11.507  13.910  1.00 29.08  ? 11  TYR A CZ  1 
ATOM   78  O  OH  . TYR A 1 11  ? 16.913  10.588  14.269  1.00 28.63  ? 11  TYR A OH  1 
ATOM   79  N  N   . ASP A 1 12  ? 9.721   15.641  13.774  1.00 27.72  ? 12  ASP A N   1 
ATOM   80  C  CA  . ASP A 1 12  ? 8.923   16.830  13.484  1.00 29.12  ? 12  ASP A CA  1 
ATOM   81  C  C   . ASP A 1 12  ? 9.834   18.040  13.641  1.00 28.57  ? 12  ASP A C   1 
ATOM   82  O  O   . ASP A 1 12  ? 10.158  18.421  14.764  1.00 29.96  ? 12  ASP A O   1 
ATOM   83  C  CB  . ASP A 1 12  ? 7.752   16.892  14.459  1.00 29.72  ? 12  ASP A CB  1 
ATOM   84  C  CG  . ASP A 1 12  ? 6.814   18.017  14.163  1.00 31.72  ? 12  ASP A CG  1 
ATOM   85  O  OD1 . ASP A 1 12  ? 7.131   18.914  13.322  1.00 36.15  ? 12  ASP A OD1 1 
ATOM   86  O  OD2 . ASP A 1 12  ? 5.743   17.993  14.793  1.00 37.87  ? 12  ASP A OD2 1 
ATOM   87  N  N   . LEU A 1 13  ? 10.272  18.627  12.529  1.00 28.27  ? 13  LEU A N   1 
ATOM   88  C  CA  . LEU A 1 13  ? 11.246  19.723  12.550  1.00 29.64  ? 13  LEU A CA  1 
ATOM   89  C  C   . LEU A 1 13  ? 10.628  21.111  12.715  1.00 31.24  ? 13  LEU A C   1 
ATOM   90  O  O   . LEU A 1 13  ? 11.358  22.106  12.782  1.00 31.90  ? 13  LEU A O   1 
ATOM   91  C  CB  . LEU A 1 13  ? 12.105  19.715  11.272  1.00 30.43  ? 13  LEU A CB  1 
ATOM   92  C  CG  . LEU A 1 13  ? 12.853  18.399  11.001  1.00 31.51  ? 13  LEU A CG  1 
ATOM   93  C  CD1 . LEU A 1 13  ? 13.644  18.532  9.726   1.00 33.20  ? 13  LEU A CD1 1 
ATOM   94  C  CD2 . LEU A 1 13  ? 13.779  18.051  12.145  1.00 33.61  ? 13  LEU A CD2 1 
ATOM   95  N  N   . LYS A 1 14  ? 9.304   21.148  12.779  1.00 33.33  ? 14  LYS A N   1 
ATOM   96  C  CA  . LYS A 1 14  ? 8.497   22.372  12.877  1.00 34.36  ? 14  LYS A CA  1 
ATOM   97  C  C   . LYS A 1 14  ? 8.786   23.312  11.718  1.00 35.22  ? 14  LYS A C   1 
ATOM   98  O  O   . LYS A 1 14  ? 9.169   22.869  10.655  1.00 35.50  ? 14  LYS A O   1 
ATOM   99  C  CB  . LYS A 1 14  ? 8.730   23.085  14.220  1.00 36.29  ? 14  LYS A CB  1 
ATOM   100 C  CG  . LYS A 1 14  ? 8.644   22.203  15.450  1.00 35.86  ? 14  LYS A CG  1 
ATOM   101 C  CD  . LYS A 1 14  ? 7.304   21.510  15.539  1.00 41.84  ? 14  LYS A CD  1 
ATOM   102 C  CE  . LYS A 1 14  ? 7.031   21.034  16.953  1.00 42.75  ? 14  LYS A CE  1 
ATOM   103 N  NZ  . LYS A 1 14  ? 5.644   20.494  17.077  1.00 46.76  ? 14  LYS A NZ  1 
ATOM   104 N  N   . GLU A 1 15  ? 8.637   24.615  11.946  1.00 35.88  ? 15  GLU A N   1 
ATOM   105 C  CA  . GLU A 1 15  ? 8.787   25.609  10.879  1.00 37.19  ? 15  GLU A CA  1 
ATOM   106 C  C   . GLU A 1 15  ? 10.238  25.858  10.587  1.00 36.48  ? 15  GLU A C   1 
ATOM   107 O  O   . GLU A 1 15  ? 10.985  26.200  11.488  1.00 37.87  ? 15  GLU A O   1 
ATOM   108 C  CB  . GLU A 1 15  ? 8.105   26.919  11.294  1.00 37.37  ? 15  GLU A CB  1 
ATOM   109 C  CG  . GLU A 1 15  ? 6.707   26.968  10.816  1.00 42.60  ? 15  GLU A CG  1 
ATOM   110 C  CD  . GLU A 1 15  ? 6.637   27.349  9.358   1.00 47.45  ? 15  GLU A CD  1 
ATOM   111 O  OE1 . GLU A 1 15  ? 7.474   28.165  8.903   1.00 51.96  ? 15  GLU A OE1 1 
ATOM   112 O  OE2 . GLU A 1 15  ? 5.741   26.839  8.676   1.00 51.72  ? 15  GLU A OE2 1 
ATOM   113 N  N   . LEU A 1 16  ? 10.651  25.674  9.333   1.00 35.92  ? 16  LEU A N   1 
ATOM   114 C  CA  . LEU A 1 16  ? 12.007  26.003  8.922   1.00 35.21  ? 16  LEU A CA  1 
ATOM   115 C  C   . LEU A 1 16  ? 11.982  26.931  7.712   1.00 35.64  ? 16  LEU A C   1 
ATOM   116 O  O   . LEU A 1 16  ? 11.162  26.739  6.822   1.00 34.99  ? 16  LEU A O   1 
ATOM   117 C  CB  . LEU A 1 16  ? 12.774  24.733  8.536   1.00 34.05  ? 16  LEU A CB  1 
ATOM   118 C  CG  . LEU A 1 16  ? 12.874  23.623  9.593   1.00 33.32  ? 16  LEU A CG  1 
ATOM   119 C  CD1 . LEU A 1 16  ? 13.552  22.391  8.990   1.00 36.30  ? 16  LEU A CD1 1 
ATOM   120 C  CD2 . LEU A 1 16  ? 13.624  24.095  10.845  1.00 34.26  ? 16  LEU A CD2 1 
ATOM   121 N  N   A ARG A 1 17  ? 12.902  27.891  7.683   0.50 36.14  ? 17  ARG A N   1 
ATOM   122 N  N   B ARG A 1 17  ? 12.877  27.920  7.690   0.50 36.45  ? 17  ARG A N   1 
ATOM   123 C  CA  A ARG A 1 17  ? 13.011  28.831  6.575   0.50 37.56  ? 17  ARG A CA  1 
ATOM   124 C  CA  B ARG A 1 17  ? 12.998  28.842  6.554   0.50 37.40  ? 17  ARG A CA  1 
ATOM   125 C  C   A ARG A 1 17  ? 13.651  28.140  5.382   0.50 37.81  ? 17  ARG A C   1 
ATOM   126 C  C   B ARG A 1 17  ? 13.614  28.107  5.380   0.50 37.80  ? 17  ARG A C   1 
ATOM   127 O  O   A ARG A 1 17  ? 14.530  27.286  5.554   0.50 38.16  ? 17  ARG A O   1 
ATOM   128 O  O   B ARG A 1 17  ? 14.431  27.198  5.564   0.50 38.18  ? 17  ARG A O   1 
ATOM   129 C  CB  A ARG A 1 17  ? 13.854  30.047  6.983   0.50 37.77  ? 17  ARG A CB  1 
ATOM   130 C  CB  B ARG A 1 17  ? 13.853  30.082  6.909   0.50 37.55  ? 17  ARG A CB  1 
ATOM   131 C  CG  A ARG A 1 17  ? 13.422  31.343  6.291   0.50 39.61  ? 17  ARG A CG  1 
ATOM   132 C  CG  B ARG A 1 17  ? 14.143  31.071  5.724   0.50 38.01  ? 17  ARG A CG  1 
ATOM   133 C  CD  A ARG A 1 17  ? 14.505  32.413  6.320   0.50 41.03  ? 17  ARG A CD  1 
ATOM   134 C  CD  B ARG A 1 17  ? 12.951  32.000  5.367   0.50 39.36  ? 17  ARG A CD  1 
ATOM   135 N  NE  A ARG A 1 17  ? 14.163  33.528  5.433   0.50 42.91  ? 17  ARG A NE  1 
ATOM   136 N  NE  B ARG A 1 17  ? 12.880  32.322  3.931   0.50 39.44  ? 17  ARG A NE  1 
ATOM   137 C  CZ  A ARG A 1 17  ? 14.760  34.722  5.437   0.50 42.57  ? 17  ARG A CZ  1 
ATOM   138 C  CZ  B ARG A 1 17  ? 11.769  32.665  3.273   0.50 38.53  ? 17  ARG A CZ  1 
ATOM   139 N  NH1 A ARG A 1 17  ? 15.746  34.986  6.279   0.50 44.57  ? 17  ARG A NH1 1 
ATOM   140 N  NH1 B ARG A 1 17  ? 10.605  32.742  3.897   0.50 37.72  ? 17  ARG A NH1 1 
ATOM   141 N  NH2 A ARG A 1 17  ? 14.364  35.654  4.591   0.50 41.35  ? 17  ARG A NH2 1 
ATOM   142 N  NH2 B ARG A 1 17  ? 11.816  32.921  1.970   0.50 38.47  ? 17  ARG A NH2 1 
ATOM   143 N  N   . ALA A 1 18  ? 13.210  28.494  4.177   1.00 38.07  ? 18  ALA A N   1 
ATOM   144 C  CA  . ALA A 1 18  ? 13.851  28.001  2.962   1.00 38.59  ? 18  ALA A CA  1 
ATOM   145 C  C   . ALA A 1 18  ? 15.386  28.139  3.089   1.00 38.56  ? 18  ALA A C   1 
ATOM   146 O  O   . ALA A 1 18  ? 15.898  29.154  3.589   1.00 38.92  ? 18  ALA A O   1 
ATOM   147 C  CB  . ALA A 1 18  ? 13.319  28.765  1.738   1.00 37.84  ? 18  ALA A CB  1 
ATOM   148 N  N   . GLY A 1 19  ? 16.118  27.109  2.669   1.00 38.30  ? 19  GLY A N   1 
ATOM   149 C  CA  . GLY A 1 19  ? 17.582  27.119  2.749   1.00 37.47  ? 19  GLY A CA  1 
ATOM   150 C  C   . GLY A 1 19  ? 18.196  26.512  4.009   1.00 36.92  ? 19  GLY A C   1 
ATOM   151 O  O   . GLY A 1 19  ? 19.392  26.184  4.025   1.00 36.67  ? 19  GLY A O   1 
ATOM   152 N  N   . THR A 1 20  ? 17.407  26.343  5.059   1.00 35.15  ? 20  THR A N   1 
ATOM   153 C  CA  . THR A 1 20  ? 17.876  25.564  6.211   1.00 35.63  ? 20  THR A CA  1 
ATOM   154 C  C   . THR A 1 20  ? 18.381  24.216  5.696   1.00 36.35  ? 20  THR A C   1 
ATOM   155 O  O   . THR A 1 20  ? 17.731  23.607  4.847   1.00 36.31  ? 20  THR A O   1 
ATOM   156 C  CB  . THR A 1 20  ? 16.768  25.343  7.218   1.00 35.19  ? 20  THR A CB  1 
ATOM   157 O  OG1 . THR A 1 20  ? 16.280  26.618  7.651   1.00 34.10  ? 20  THR A OG1 1 
ATOM   158 C  CG2 . THR A 1 20  ? 17.269  24.535  8.435   1.00 35.42  ? 20  THR A CG2 1 
ATOM   159 N  N   . THR A 1 21  ? 19.537  23.780  6.206   1.00 36.87  ? 21  THR A N   1 
ATOM   160 C  CA  . THR A 1 21  ? 20.193  22.565  5.720   1.00 36.47  ? 21  THR A CA  1 
ATOM   161 C  C   . THR A 1 21  ? 20.156  21.514  6.806   1.00 35.35  ? 21  THR A C   1 
ATOM   162 O  O   . THR A 1 21  ? 20.595  21.752  7.932   1.00 35.84  ? 21  THR A O   1 
ATOM   163 C  CB  . THR A 1 21  ? 21.621  22.855  5.187   1.00 37.93  ? 21  THR A CB  1 
ATOM   164 O  OG1 . THR A 1 21  ? 21.527  23.769  4.083   1.00 39.80  ? 21  THR A OG1 1 
ATOM   165 C  CG2 . THR A 1 21  ? 22.288  21.572  4.689   1.00 37.46  ? 21  THR A CG2 1 
ATOM   166 N  N   . LEU A 1 22  ? 19.606  20.353  6.474   1.00 33.98  ? 22  LEU A N   1 
ATOM   167 C  CA  . LEU A 1 22  ? 19.564  19.279  7.432   1.00 32.94  ? 22  LEU A CA  1 
ATOM   168 C  C   . LEU A 1 22  ? 20.761  18.365  7.175   1.00 32.47  ? 22  LEU A C   1 
ATOM   169 O  O   . LEU A 1 22  ? 20.950  17.865  6.045   1.00 31.89  ? 22  LEU A O   1 
ATOM   170 C  CB  . LEU A 1 22  ? 18.272  18.494  7.264   1.00 34.23  ? 22  LEU A CB  1 
ATOM   171 C  CG  . LEU A 1 22  ? 16.982  19.308  7.223   1.00 34.47  ? 22  LEU A CG  1 
ATOM   172 C  CD1 . LEU A 1 22  ? 15.790  18.354  7.064   1.00 34.68  ? 22  LEU A CD1 1 
ATOM   173 C  CD2 . LEU A 1 22  ? 16.879  20.140  8.483   1.00 38.43  ? 22  LEU A CD2 1 
ATOM   174 N  N   . GLU A 1 23  ? 21.566  18.163  8.215   1.00 29.64  ? 23  GLU A N   1 
ATOM   175 C  CA  . GLU A 1 23  ? 22.654  17.218  8.143   1.00 29.08  ? 23  GLU A CA  1 
ATOM   176 C  C   . GLU A 1 23  ? 22.255  15.892  8.806   1.00 28.88  ? 23  GLU A C   1 
ATOM   177 O  O   . GLU A 1 23  ? 22.053  15.812  10.037  1.00 28.50  ? 23  GLU A O   1 
ATOM   178 C  CB  . GLU A 1 23  ? 23.917  17.824  8.791   1.00 29.88  ? 23  GLU A CB  1 
ATOM   179 C  CG  . GLU A 1 23  ? 25.122  16.865  8.720   1.00 32.03  ? 23  GLU A CG  1 
ATOM   180 C  CD  . GLU A 1 23  ? 26.435  17.558  8.990   1.00 41.15  ? 23  GLU A CD  1 
ATOM   181 O  OE1 . GLU A 1 23  ? 26.740  17.805  10.156  1.00 45.99  ? 23  GLU A OE1 1 
ATOM   182 O  OE2 . GLU A 1 23  ? 27.165  17.868  8.027   1.00 47.59  ? 23  GLU A OE2 1 
ATOM   183 N  N   . ILE A 1 24  ? 22.123  14.836  8.007   1.00 26.78  ? 24  ILE A N   1 
ATOM   184 C  CA  . ILE A 1 24  ? 21.459  13.636  8.508   1.00 28.08  ? 24  ILE A CA  1 
ATOM   185 C  C   . ILE A 1 24  ? 22.437  12.473  8.548   1.00 28.19  ? 24  ILE A C   1 
ATOM   186 O  O   . ILE A 1 24  ? 23.072  12.202  7.512   1.00 27.87  ? 24  ILE A O   1 
ATOM   187 C  CB  . ILE A 1 24  ? 20.253  13.280  7.577   1.00 26.81  ? 24  ILE A CB  1 
ATOM   188 C  CG1 . ILE A 1 24  ? 19.285  14.473  7.485   1.00 29.65  ? 24  ILE A CG1 1 
ATOM   189 C  CG2 . ILE A 1 24  ? 19.575  11.976  8.018   1.00 29.68  ? 24  ILE A CG2 1 
ATOM   190 C  CD1 . ILE A 1 24  ? 18.494  14.467  6.218   1.00 28.63  ? 24  ILE A CD1 1 
ATOM   191 N  N   . SER A 1 25  ? 22.601  11.831  9.722   1.00 28.06  ? 25  SER A N   1 
ATOM   192 C  CA  . SER A 1 25  ? 23.526  10.709  9.874   1.00 28.67  ? 25  SER A CA  1 
ATOM   193 C  C   . SER A 1 25  ? 22.718  9.423   9.957   1.00 29.58  ? 25  SER A C   1 
ATOM   194 O  O   . SER A 1 25  ? 21.643  9.421   10.570  1.00 28.81  ? 25  SER A O   1 
ATOM   195 C  CB  . SER A 1 25  ? 24.358  10.834  11.171  1.00 29.81  ? 25  SER A CB  1 
ATOM   196 O  OG  . SER A 1 25  ? 25.228  12.001  11.163  1.00 34.15  ? 25  SER A OG  1 
ATOM   197 N  N   . LEU A 1 26  ? 23.241  8.326   9.416   1.00 28.90  ? 26  LEU A N   1 
ATOM   198 C  CA  . LEU A 1 26  ? 22.548  7.030   9.446   1.00 30.43  ? 26  LEU A CA  1 
ATOM   199 C  C   . LEU A 1 26  ? 23.529  5.938   9.642   1.00 30.94  ? 26  LEU A C   1 
ATOM   200 O  O   . LEU A 1 26  ? 24.641  6.054   9.154   1.00 31.21  ? 26  LEU A O   1 
ATOM   201 C  CB  . LEU A 1 26  ? 21.893  6.708   8.113   1.00 30.89  ? 26  LEU A CB  1 
ATOM   202 C  CG  . LEU A 1 26  ? 20.878  7.651   7.581   1.00 34.43  ? 26  LEU A CG  1 
ATOM   203 C  CD1 . LEU A 1 26  ? 20.680  7.288   6.129   1.00 39.94  ? 26  LEU A CD1 1 
ATOM   204 C  CD2 . LEU A 1 26  ? 19.633  7.420   8.344   1.00 39.69  ? 26  LEU A CD2 1 
ATOM   205 N  N   . SER A 1 27  ? 23.101  4.861   10.296  1.00 29.63  ? 27  SER A N   1 
ATOM   206 C  CA  . SER A 1 27  ? 24.011  3.751   10.579  1.00 30.81  ? 27  SER A CA  1 
ATOM   207 C  C   . SER A 1 27  ? 24.120  2.734   9.426   1.00 30.50  ? 27  SER A C   1 
ATOM   208 O  O   . SER A 1 27  ? 25.129  2.033   9.296   1.00 30.36  ? 27  SER A O   1 
ATOM   209 C  CB  . SER A 1 27  ? 23.590  3.056   11.867  1.00 29.27  ? 27  SER A CB  1 
ATOM   210 O  OG  . SER A 1 27  ? 22.337  2.441   11.669  1.00 31.58  ? 27  SER A OG  1 
ATOM   211 N  N   . SER A 1 28  ? 23.070  2.646   8.608   1.00 30.20  ? 28  SER A N   1 
ATOM   212 C  CA  . SER A 1 28  ? 23.015  1.669   7.501   1.00 31.02  ? 28  SER A CA  1 
ATOM   213 C  C   . SER A 1 28  ? 22.137  2.192   6.351   1.00 29.81  ? 28  SER A C   1 
ATOM   214 O  O   . SER A 1 28  ? 21.417  3.198   6.523   1.00 29.32  ? 28  SER A O   1 
ATOM   215 C  CB  . SER A 1 28  ? 22.493  0.312   8.001   1.00 31.84  ? 28  SER A CB  1 
ATOM   216 O  OG  . SER A 1 28  ? 21.291  0.498   8.716   1.00 38.13  ? 28  SER A OG  1 
ATOM   217 N  N   . VAL A 1 29  ? 22.190  1.528   5.192   1.00 28.35  ? 29  VAL A N   1 
ATOM   218 C  CA  . VAL A 1 29  ? 21.297  1.909   4.055   1.00 28.94  ? 29  VAL A CA  1 
ATOM   219 C  C   . VAL A 1 29  ? 19.819  1.970   4.489   1.00 29.44  ? 29  VAL A C   1 
ATOM   220 O  O   . VAL A 1 29  ? 19.279  0.999   5.018   1.00 28.54  ? 29  VAL A O   1 
ATOM   221 C  CB  . VAL A 1 29  ? 21.500  0.923   2.872   1.00 28.55  ? 29  VAL A CB  1 
ATOM   222 C  CG1 . VAL A 1 29  ? 20.590  1.267   1.661   1.00 28.78  ? 29  VAL A CG1 1 
ATOM   223 C  CG2 . VAL A 1 29  ? 22.941  0.960   2.459   1.00 29.23  ? 29  VAL A CG2 1 
ATOM   224 N  N   . ASN A 1 30  ? 19.204  3.144   4.311   1.00 29.02  ? 30  ASN A N   1 
ATOM   225 C  CA  . ASN A 1 30  ? 17.790  3.374   4.594   1.00 29.76  ? 30  ASN A CA  1 
ATOM   226 C  C   . ASN A 1 30  ? 17.298  4.522   3.728   1.00 28.52  ? 30  ASN A C   1 
ATOM   227 O  O   . ASN A 1 30  ? 18.087  5.159   3.019   1.00 28.75  ? 30  ASN A O   1 
ATOM   228 C  CB  . ASN A 1 30  ? 17.550  3.727   6.072   1.00 29.57  ? 30  ASN A CB  1 
ATOM   229 C  CG  . ASN A 1 30  ? 17.013  2.570   6.888   1.00 31.17  ? 30  ASN A CG  1 
ATOM   230 O  OD1 . ASN A 1 30  ? 17.195  1.380   6.564   1.00 31.48  ? 30  ASN A OD1 1 
ATOM   231 N  ND2 . ASN A 1 30  ? 16.366  2.910   7.985   1.00 26.27  ? 30  ASN A ND2 1 
ATOM   232 N  N   . ASN A 1 31  ? 15.994  4.771   3.777   1.00 28.36  ? 31  ASN A N   1 
ATOM   233 C  CA  . ASN A 1 31  ? 15.413  5.873   3.008   1.00 29.04  ? 31  ASN A CA  1 
ATOM   234 C  C   . ASN A 1 31  ? 15.367  7.113   3.874   1.00 28.58  ? 31  ASN A C   1 
ATOM   235 O  O   . ASN A 1 31  ? 15.132  7.026   5.082   1.00 29.79  ? 31  ASN A O   1 
ATOM   236 C  CB  . ASN A 1 31  ? 13.971  5.543   2.595   1.00 29.75  ? 31  ASN A CB  1 
ATOM   237 C  CG  . ASN A 1 31  ? 13.885  4.217   1.852   1.00 29.59  ? 31  ASN A CG  1 
ATOM   238 O  OD1 . ASN A 1 31  ? 14.696  3.951   0.969   1.00 30.62  ? 31  ASN A OD1 1 
ATOM   239 N  ND2 . ASN A 1 31  ? 12.945  3.388   2.233   1.00 32.68  ? 31  ASN A ND2 1 
ATOM   240 N  N   . VAL A 1 32  ? 15.551  8.256   3.235   1.00 28.43  ? 32  VAL A N   1 
ATOM   241 C  CA  . VAL A 1 32  ? 15.479  9.525   3.934   1.00 28.96  ? 32  VAL A CA  1 
ATOM   242 C  C   . VAL A 1 32  ? 14.502  10.381  3.154   1.00 29.14  ? 32  VAL A C   1 
ATOM   243 O  O   . VAL A 1 32  ? 14.680  10.566  1.958   1.00 30.24  ? 32  VAL A O   1 
ATOM   244 C  CB  . VAL A 1 32  ? 16.884  10.202  3.964   1.00 29.30  ? 32  VAL A CB  1 
ATOM   245 C  CG1 . VAL A 1 32  ? 16.825  11.652  4.569   1.00 28.77  ? 32  VAL A CG1 1 
ATOM   246 C  CG2 . VAL A 1 32  ? 17.842  9.362   4.745   1.00 28.96  ? 32  VAL A CG2 1 
ATOM   247 N  N   . ARG A 1 33  ? 13.481  10.910  3.819   1.00 28.34  ? 33  ARG A N   1 
ATOM   248 C  CA  . ARG A 1 33  ? 12.435  11.645  3.093   1.00 28.91  ? 33  ARG A CA  1 
ATOM   249 C  C   . ARG A 1 33  ? 12.106  12.884  3.905   1.00 29.18  ? 33  ARG A C   1 
ATOM   250 O  O   . ARG A 1 33  ? 11.691  12.767  5.061   1.00 30.55  ? 33  ARG A O   1 
ATOM   251 C  CB  . ARG A 1 33  ? 11.165  10.798  2.977   1.00 29.16  ? 33  ARG A CB  1 
ATOM   252 C  CG  . ARG A 1 33  ? 11.363  9.336   2.660   1.00 30.49  ? 33  ARG A CG  1 
ATOM   253 C  CD  . ARG A 1 33  ? 10.013  8.685   2.358   1.00 34.11  ? 33  ARG A CD  1 
ATOM   254 N  NE  . ARG A 1 33  ? 10.043  7.243   2.553   1.00 39.81  ? 33  ARG A NE  1 
ATOM   255 C  CZ  . ARG A 1 33  ? 9.328   6.359   1.865   1.00 42.50  ? 33  ARG A CZ  1 
ATOM   256 N  NH1 . ARG A 1 33  ? 9.438   5.067   2.174   1.00 44.23  ? 33  ARG A NH1 1 
ATOM   257 N  NH2 . ARG A 1 33  ? 8.533   6.750   0.867   1.00 40.62  ? 33  ARG A NH2 1 
ATOM   258 N  N   . LEU A 1 34  ? 12.260  14.055  3.295   1.00 27.95  ? 34  LEU A N   1 
ATOM   259 C  CA  . LEU A 1 34  ? 11.898  15.310  3.878   1.00 28.22  ? 34  LEU A CA  1 
ATOM   260 C  C   . LEU A 1 34  ? 10.553  15.715  3.249   1.00 26.94  ? 34  LEU A C   1 
ATOM   261 O  O   . LEU A 1 34  ? 10.434  15.707  2.027   1.00 27.22  ? 34  LEU A O   1 
ATOM   262 C  CB  . LEU A 1 34  ? 12.977  16.336  3.513   1.00 28.46  ? 34  LEU A CB  1 
ATOM   263 C  CG  . LEU A 1 34  ? 12.633  17.779  3.923   1.00 29.65  ? 34  LEU A CG  1 
ATOM   264 C  CD1 . LEU A 1 34  ? 12.617  17.942  5.466   1.00 31.10  ? 34  LEU A CD1 1 
ATOM   265 C  CD2 . LEU A 1 34  ? 13.618  18.779  3.256   1.00 31.22  ? 34  LEU A CD2 1 
HETATM 266 N  N   . MSE A 1 35  ? 9.559   16.060  4.060   1.00 27.50  ? 35  MSE A N   1 
HETATM 267 C  CA  . MSE A 1 35  ? 8.220   16.345  3.532   1.00 27.12  ? 35  MSE A CA  1 
HETATM 268 C  C   . MSE A 1 35  ? 7.473   17.377  4.342   1.00 28.57  ? 35  MSE A C   1 
HETATM 269 O  O   . MSE A 1 35  ? 7.787   17.630  5.508   1.00 28.45  ? 35  MSE A O   1 
HETATM 270 C  CB  . MSE A 1 35  ? 7.404   15.038  3.493   1.00 27.47  ? 35  MSE A CB  1 
HETATM 271 C  CG  . MSE A 1 35  ? 7.293   14.385  4.891   1.00 25.55  ? 35  MSE A CG  1 
HETATM 272 SE SE  . MSE A 1 35  ? 6.418   12.639  4.830   0.60 28.98  ? 35  MSE A SE  1 
HETATM 273 C  CE  . MSE A 1 35  ? 7.917   11.581  4.262   1.00 26.75  ? 35  MSE A CE  1 
ATOM   274 N  N   . THR A 1 36  ? 6.453   17.948  3.707   1.00 28.17  ? 36  THR A N   1 
ATOM   275 C  CA  . THR A 1 36  ? 5.614   18.954  4.323   1.00 28.11  ? 36  THR A CA  1 
ATOM   276 C  C   . THR A 1 36  ? 4.634   18.225  5.240   1.00 28.58  ? 36  THR A C   1 
ATOM   277 O  O   . THR A 1 36  ? 4.501   16.978  5.183   1.00 27.91  ? 36  THR A O   1 
ATOM   278 C  CB  . THR A 1 36  ? 4.839   19.739  3.245   1.00 26.35  ? 36  THR A CB  1 
ATOM   279 O  OG1 . THR A 1 36  ? 3.959   18.839  2.561   1.00 26.53  ? 36  THR A OG1 1 
ATOM   280 C  CG2 . THR A 1 36  ? 5.765   20.419  2.258   1.00 29.43  ? 36  THR A CG2 1 
ATOM   281 N  N   . GLY A 1 37  ? 3.904   18.987  6.056   1.00 29.56  ? 37  GLY A N   1 
ATOM   282 C  CA  . GLY A 1 37  ? 2.889   18.398  6.920   1.00 29.58  ? 37  GLY A CA  1 
ATOM   283 C  C   . GLY A 1 37  ? 1.790   17.633  6.179   1.00 29.74  ? 37  GLY A C   1 
ATOM   284 O  O   . GLY A 1 37  ? 1.374   16.574  6.613   1.00 29.34  ? 37  GLY A O   1 
ATOM   285 N  N   . ALA A 1 38  ? 1.284   18.192  5.081   1.00 31.51  ? 38  ALA A N   1 
ATOM   286 C  CA  . ALA A 1 38  ? 0.241   17.508  4.312   1.00 31.54  ? 38  ALA A CA  1 
ATOM   287 C  C   . ALA A 1 38  ? 0.755   16.142  3.855   1.00 31.18  ? 38  ALA A C   1 
ATOM   288 O  O   . ALA A 1 38  ? 0.042   15.151  3.902   1.00 30.35  ? 38  ALA A O   1 
ATOM   289 C  CB  . ALA A 1 38  ? -0.237  18.349  3.125   1.00 33.23  ? 38  ALA A CB  1 
ATOM   290 N  N   . ASN A 1 39  ? 2.017   16.113  3.435   1.00 30.08  ? 39  ASN A N   1 
ATOM   291 C  CA  . ASN A 1 39  ? 2.625   14.884  2.982   1.00 29.37  ? 39  ASN A CA  1 
ATOM   292 C  C   . ASN A 1 39  ? 2.951   13.920  4.099   1.00 28.84  ? 39  ASN A C   1 
ATOM   293 O  O   . ASN A 1 39  ? 2.877   12.710  3.886   1.00 28.42  ? 39  ASN A O   1 
ATOM   294 C  CB  . ASN A 1 39  ? 3.800   15.219  2.101   1.00 29.21  ? 39  ASN A CB  1 
ATOM   295 C  CG  . ASN A 1 39  ? 3.336   15.727  0.729   1.00 28.98  ? 39  ASN A CG  1 
ATOM   296 O  OD1 . ASN A 1 39  ? 3.576   16.877  0.332   1.00 33.75  ? 39  ASN A OD1 1 
ATOM   297 N  ND2 . ASN A 1 39  ? 2.660   14.872  0.019   1.00 24.61  ? 39  ASN A ND2 1 
ATOM   298 N  N   . PHE A 1 40  ? 3.262   14.445  5.290   1.00 27.39  ? 40  PHE A N   1 
ATOM   299 C  CA  . PHE A 1 40  ? 3.347   13.561  6.454   1.00 28.15  ? 40  PHE A CA  1 
ATOM   300 C  C   . PHE A 1 40  ? 1.983   12.883  6.737   1.00 28.62  ? 40  PHE A C   1 
ATOM   301 O  O   . PHE A 1 40  ? 1.912   11.717  7.113   1.00 27.54  ? 40  PHE A O   1 
ATOM   302 C  CB  . PHE A 1 40  ? 3.890   14.277  7.706   1.00 27.45  ? 40  PHE A CB  1 
ATOM   303 C  CG  . PHE A 1 40  ? 3.970   13.379  8.910   1.00 29.24  ? 40  PHE A CG  1 
ATOM   304 C  CD1 . PHE A 1 40  ? 4.817   12.273  8.899   1.00 30.04  ? 40  PHE A CD1 1 
ATOM   305 C  CD2 . PHE A 1 40  ? 3.151   13.594  10.013  1.00 31.47  ? 40  PHE A CD2 1 
ATOM   306 C  CE1 . PHE A 1 40  ? 4.877   11.400  9.991   1.00 31.00  ? 40  PHE A CE1 1 
ATOM   307 C  CE2 . PHE A 1 40  ? 3.194   12.739  11.119  1.00 33.52  ? 40  PHE A CE2 1 
ATOM   308 C  CZ  . PHE A 1 40  ? 4.069   11.644  11.109  1.00 32.86  ? 40  PHE A CZ  1 
ATOM   309 N  N   . GLN A 1 41  ? 0.892   13.611  6.543   1.00 29.37  ? 41  GLN A N   1 
ATOM   310 C  CA  . GLN A 1 41  ? -0.391  12.954  6.763   1.00 31.40  ? 41  GLN A CA  1 
ATOM   311 C  C   . GLN A 1 41  ? -0.617  11.810  5.760   1.00 30.24  ? 41  GLN A C   1 
ATOM   312 O  O   . GLN A 1 41  ? -1.051  10.732  6.146   1.00 30.57  ? 41  GLN A O   1 
ATOM   313 C  CB  . GLN A 1 41  ? -1.524  13.966  6.739   1.00 31.97  ? 41  GLN A CB  1 
ATOM   314 C  CG  . GLN A 1 41  ? -1.559  14.850  7.993   1.00 39.01  ? 41  GLN A CG  1 
ATOM   315 C  CD  . GLN A 1 41  ? -1.722  14.037  9.299   1.00 47.80  ? 41  GLN A CD  1 
ATOM   316 O  OE1 . GLN A 1 41  ? -1.063  14.323  10.320  1.00 51.30  ? 41  GLN A OE1 1 
ATOM   317 N  NE2 . GLN A 1 41  ? -2.594  13.015  9.263   1.00 48.86  ? 41  GLN A NE2 1 
ATOM   318 N  N   . ARG A 1 42  ? -0.263  12.044  4.493   1.00 30.88  ? 42  ARG A N   1 
ATOM   319 C  CA  . ARG A 1 42  ? -0.274  10.996  3.469   1.00 30.07  ? 42  ARG A CA  1 
ATOM   320 C  C   . ARG A 1 42  ? 0.632   9.810   3.854   1.00 29.90  ? 42  ARG A C   1 
ATOM   321 O  O   . ARG A 1 42  ? 0.208   8.657   3.799   1.00 29.96  ? 42  ARG A O   1 
ATOM   322 C  CB  . ARG A 1 42  ? 0.095   11.578  2.101   1.00 30.51  ? 42  ARG A CB  1 
ATOM   323 C  CG  . ARG A 1 42  ? -0.883  12.650  1.612   1.00 30.51  ? 42  ARG A CG  1 
ATOM   324 C  CD  . ARG A 1 42  ? -0.557  13.175  0.222   1.00 31.51  ? 42  ARG A CD  1 
ATOM   325 N  NE  . ARG A 1 42  ? -1.531  14.196  -0.172  1.00 35.34  ? 42  ARG A NE  1 
ATOM   326 C  CZ  . ARG A 1 42  ? -1.274  15.502  -0.303  1.00 33.78  ? 42  ARG A CZ  1 
ATOM   327 N  NH1 . ARG A 1 42  ? -0.059  15.997  -0.083  1.00 35.47  ? 42  ARG A NH1 1 
ATOM   328 N  NH2 . ARG A 1 42  ? -2.242  16.328  -0.645  1.00 33.03  ? 42  ARG A NH2 1 
ATOM   329 N  N   . PHE A 1 43  ? 1.871   10.081  4.263   1.00 30.06  ? 43  PHE A N   1 
ATOM   330 C  CA  . PHE A 1 43  ? 2.767   9.024   4.706   1.00 30.80  ? 43  PHE A CA  1 
ATOM   331 C  C   . PHE A 1 43  ? 2.130   8.113   5.788   1.00 31.85  ? 43  PHE A C   1 
ATOM   332 O  O   . PHE A 1 43  ? 2.198   6.881   5.693   1.00 31.39  ? 43  PHE A O   1 
ATOM   333 C  CB  . PHE A 1 43  ? 4.073   9.631   5.245   1.00 30.77  ? 43  PHE A CB  1 
ATOM   334 C  CG  . PHE A 1 43  ? 5.047   8.618   5.773   1.00 29.71  ? 43  PHE A CG  1 
ATOM   335 C  CD1 . PHE A 1 43  ? 5.893   7.925   4.897   1.00 31.36  ? 43  PHE A CD1 1 
ATOM   336 C  CD2 . PHE A 1 43  ? 5.147   8.378   7.145   1.00 30.75  ? 43  PHE A CD2 1 
ATOM   337 C  CE1 . PHE A 1 43  ? 6.802   6.984   5.381   1.00 28.48  ? 43  PHE A CE1 1 
ATOM   338 C  CE2 . PHE A 1 43  ? 6.056   7.446   7.612   1.00 32.07  ? 43  PHE A CE2 1 
ATOM   339 C  CZ  . PHE A 1 43  ? 6.897   6.779   6.722   1.00 31.36  ? 43  PHE A CZ  1 
ATOM   340 N  N   A THR A 1 44  ? 1.513   8.709   6.799   0.50 32.42  ? 44  THR A N   1 
ATOM   341 N  N   B THR A 1 44  ? 1.533   8.738   6.801   0.50 32.78  ? 44  THR A N   1 
ATOM   342 C  CA  A THR A 1 44  ? 0.951   7.909   7.895   0.50 33.25  ? 44  THR A CA  1 
ATOM   343 C  CA  B THR A 1 44  ? 0.883   8.024   7.910   0.50 34.03  ? 44  THR A CA  1 
ATOM   344 C  C   A THR A 1 44  ? -0.186  7.016   7.396   0.50 35.01  ? 44  THR A C   1 
ATOM   345 C  C   B THR A 1 44  ? -0.114  7.013   7.341   0.50 35.37  ? 44  THR A C   1 
ATOM   346 O  O   A THR A 1 44  ? -0.408  5.938   7.944   0.50 33.90  ? 44  THR A O   1 
ATOM   347 O  O   B THR A 1 44  ? -0.155  5.854   7.773   0.50 34.16  ? 44  THR A O   1 
ATOM   348 C  CB  A THR A 1 44  ? 0.458   8.753   9.085   0.50 33.34  ? 44  THR A CB  1 
ATOM   349 C  CB  B THR A 1 44  ? 0.152   9.000   8.882   0.50 34.23  ? 44  THR A CB  1 
ATOM   350 O  OG1 A THR A 1 44  ? -0.712  9.487   8.705   0.50 33.02  ? 44  THR A OG1 1 
ATOM   351 O  OG1 B THR A 1 44  ? 1.114   9.738   9.648   0.50 35.72  ? 44  THR A OG1 1 
ATOM   352 C  CG2 A THR A 1 44  ? 1.561   9.700   9.576   0.50 33.81  ? 44  THR A CG2 1 
ATOM   353 C  CG2 B THR A 1 44  ? -0.769  8.250   9.843   0.50 35.83  ? 44  THR A CG2 1 
ATOM   354 N  N   . GLU A 1 45  ? -0.884  7.465   6.348   1.00 36.27  ? 45  GLU A N   1 
ATOM   355 C  CA  . GLU A 1 45  ? -1.905  6.640   5.696   1.00 39.29  ? 45  GLU A CA  1 
ATOM   356 C  C   . GLU A 1 45  ? -1.279  5.459   4.992   1.00 39.27  ? 45  GLU A C   1 
ATOM   357 O  O   . GLU A 1 45  ? -1.803  4.353   5.083   1.00 41.01  ? 45  GLU A O   1 
ATOM   358 C  CB  . GLU A 1 45  ? -2.801  7.472   4.752   1.00 39.57  ? 45  GLU A CB  1 
ATOM   359 C  CG  . GLU A 1 45  ? -3.498  8.672   5.421   1.00 45.75  ? 45  GLU A CG  1 
ATOM   360 C  CD  . GLU A 1 45  ? -4.413  8.290   6.577   1.00 53.06  ? 45  GLU A CD  1 
ATOM   361 O  OE1 . GLU A 1 45  ? -5.450  7.646   6.320   1.00 57.81  ? 45  GLU A OE1 1 
ATOM   362 O  OE2 . GLU A 1 45  ? -4.103  8.627   7.745   1.00 55.07  ? 45  GLU A OE2 1 
ATOM   363 N  N   A LEU A 1 46  ? -0.142  5.661   4.352   0.50 39.39  ? 46  LEU A N   1 
ATOM   364 N  N   B LEU A 1 46  ? -0.157  5.708   4.283   0.50 38.70  ? 46  LEU A N   1 
ATOM   365 C  CA  A LEU A 1 46  ? 0.469   4.591   3.597   0.50 38.90  ? 46  LEU A CA  1 
ATOM   366 C  CA  B LEU A 1 46  ? 0.701   4.684   3.617   0.50 37.89  ? 46  LEU A CA  1 
ATOM   367 C  C   A LEU A 1 46  ? 1.193   3.521   4.455   0.50 38.57  ? 46  LEU A C   1 
ATOM   368 C  C   B LEU A 1 46  ? 1.009   3.502   4.509   0.50 38.01  ? 46  LEU A C   1 
ATOM   369 O  O   A LEU A 1 46  ? 1.516   2.432   3.966   0.50 38.22  ? 46  LEU A O   1 
ATOM   370 O  O   B LEU A 1 46  ? 0.910   2.349   4.091   0.50 37.71  ? 46  LEU A O   1 
ATOM   371 C  CB  A LEU A 1 46  ? 1.307   5.195   2.459   0.50 38.98  ? 46  LEU A CB  1 
ATOM   372 C  CB  B LEU A 1 46  ? 2.051   5.270   3.096   0.50 37.49  ? 46  LEU A CB  1 
ATOM   373 C  CG  A LEU A 1 46  ? 0.464   6.191   1.618   0.50 37.88  ? 46  LEU A CG  1 
ATOM   374 C  CG  B LEU A 1 46  ? 3.220   4.370   2.584   0.50 37.99  ? 46  LEU A CG  1 
ATOM   375 C  CD1 A LEU A 1 46  ? 1.338   7.131   0.782   0.50 35.54  ? 46  LEU A CD1 1 
ATOM   376 C  CD1 B LEU A 1 46  ? 2.900   3.552   1.321   0.50 37.16  ? 46  LEU A CD1 1 
ATOM   377 C  CD2 A LEU A 1 46  ? -0.591  5.512   0.740   0.50 35.53  ? 46  LEU A CD2 1 
ATOM   378 C  CD2 B LEU A 1 46  ? 4.558   5.122   2.352   0.50 35.82  ? 46  LEU A CD2 1 
ATOM   379 N  N   . LEU A 1 47  ? 1.391   3.804   5.748   1.00 37.88  ? 47  LEU A N   1 
ATOM   380 C  CA  . LEU A 1 47  ? 1.867   2.783   6.685   1.00 37.81  ? 47  LEU A CA  1 
ATOM   381 C  C   . LEU A 1 47  ? 0.833   1.670   6.908   1.00 36.75  ? 47  LEU A C   1 
ATOM   382 O  O   . LEU A 1 47  ? 1.205   0.557   7.261   1.00 37.07  ? 47  LEU A O   1 
ATOM   383 C  CB  . LEU A 1 47  ? 2.254   3.405   8.020   1.00 37.58  ? 47  LEU A CB  1 
ATOM   384 C  CG  . LEU A 1 47  ? 3.583   4.155   8.105   1.00 37.70  ? 47  LEU A CG  1 
ATOM   385 C  CD1 . LEU A 1 47  ? 3.480   5.072   9.301   1.00 38.01  ? 47  LEU A CD1 1 
ATOM   386 C  CD2 . LEU A 1 47  ? 4.693   3.175   8.312   1.00 39.21  ? 47  LEU A CD2 1 
ATOM   387 N  N   . ASP A 1 48  ? -0.446  1.977   6.696   1.00 35.79  ? 48  ASP A N   1 
ATOM   388 C  CA  . ASP A 1 48  ? -1.519  0.983   6.857   1.00 36.14  ? 48  ASP A CA  1 
ATOM   389 C  C   . ASP A 1 48  ? -2.145  0.535   5.515   1.00 34.47  ? 48  ASP A C   1 
ATOM   390 O  O   . ASP A 1 48  ? -3.182  -0.167  5.509   1.00 34.13  ? 48  ASP A O   1 
ATOM   391 C  CB  . ASP A 1 48  ? -2.636  1.518   7.781   1.00 37.40  ? 48  ASP A CB  1 
ATOM   392 C  CG  . ASP A 1 48  ? -2.159  1.760   9.199   1.00 41.77  ? 48  ASP A CG  1 
ATOM   393 O  OD1 . ASP A 1 48  ? -1.212  1.065   9.650   1.00 47.23  ? 48  ASP A OD1 1 
ATOM   394 O  OD2 . ASP A 1 48  ? -2.727  2.658   9.856   1.00 45.79  ? 48  ASP A OD2 1 
ATOM   395 N  N   . PHE A 1 49  ? -1.535  0.930   4.399   1.00 31.65  ? 49  PHE A N   1 
ATOM   396 C  CA  . PHE A 1 49  ? -2.098  0.621   3.074   1.00 30.50  ? 49  PHE A CA  1 
ATOM   397 C  C   . PHE A 1 49  ? -1.877  -0.848  2.714   1.00 30.37  ? 49  PHE A C   1 
ATOM   398 O  O   . PHE A 1 49  ? -0.727  -1.342  2.675   1.00 30.46  ? 49  PHE A O   1 
ATOM   399 C  CB  . PHE A 1 49  ? -1.497  1.556   2.018   1.00 30.28  ? 49  PHE A CB  1 
ATOM   400 C  CG  . PHE A 1 49  ? -1.961  1.273   0.623   1.00 31.32  ? 49  PHE A CG  1 
ATOM   401 C  CD1 . PHE A 1 49  ? -3.328  1.067   0.337   1.00 28.46  ? 49  PHE A CD1 1 
ATOM   402 C  CD2 . PHE A 1 49  ? -1.028  1.288   -0.431  1.00 32.01  ? 49  PHE A CD2 1 
ATOM   403 C  CE1 . PHE A 1 49  ? -3.758  0.829   -0.992  1.00 31.09  ? 49  PHE A CE1 1 
ATOM   404 C  CE2 . PHE A 1 49  ? -1.446  1.057   -1.752  1.00 30.62  ? 49  PHE A CE2 1 
ATOM   405 C  CZ  . PHE A 1 49  ? -2.800  0.818   -2.028  1.00 31.53  ? 49  PHE A CZ  1 
ATOM   406 N  N   . LYS A 1 50  ? -2.982  -1.564  2.508   1.00 29.95  ? 50  LYS A N   1 
ATOM   407 C  CA  . LYS A 1 50  ? -2.937  -3.002  2.216   1.00 30.79  ? 50  LYS A CA  1 
ATOM   408 C  C   . LYS A 1 50  ? -3.789  -3.301  0.986   1.00 29.80  ? 50  LYS A C   1 
ATOM   409 O  O   . LYS A 1 50  ? -4.854  -2.685  0.799   1.00 29.14  ? 50  LYS A O   1 
ATOM   410 C  CB  . LYS A 1 50  ? -3.522  -3.816  3.382   1.00 31.47  ? 50  LYS A CB  1 
ATOM   411 C  CG  . LYS A 1 50  ? -2.836  -3.602  4.761   1.00 36.43  ? 50  LYS A CG  1 
ATOM   412 C  CD  . LYS A 1 50  ? -1.468  -4.264  4.808   1.00 39.26  ? 50  LYS A CD  1 
ATOM   413 C  CE  . LYS A 1 50  ? -0.898  -4.173  6.228   1.00 42.25  ? 50  LYS A CE  1 
ATOM   414 N  NZ  . LYS A 1 50  ? 0.439   -4.859  6.215   1.00 43.11  ? 50  LYS A NZ  1 
ATOM   415 N  N   . TYR A 1 51  ? -3.329  -4.249  0.162   1.00 29.16  ? 51  TYR A N   1 
ATOM   416 C  CA  . TYR A 1 51  ? -4.118  -4.684  -0.984  1.00 30.13  ? 51  TYR A CA  1 
ATOM   417 C  C   . TYR A 1 51  ? -3.654  -6.063  -1.421  1.00 30.70  ? 51  TYR A C   1 
ATOM   418 O  O   . TYR A 1 51  ? -2.602  -6.567  -0.985  1.00 31.81  ? 51  TYR A O   1 
ATOM   419 C  CB  . TYR A 1 51  ? -4.032  -3.678  -2.174  1.00 28.94  ? 51  TYR A CB  1 
ATOM   420 C  CG  . TYR A 1 51  ? -2.612  -3.551  -2.690  1.00 29.77  ? 51  TYR A CG  1 
ATOM   421 C  CD1 . TYR A 1 51  ? -1.731  -2.612  -2.147  1.00 32.80  ? 51  TYR A CD1 1 
ATOM   422 C  CD2 . TYR A 1 51  ? -2.139  -4.396  -3.699  1.00 29.78  ? 51  TYR A CD2 1 
ATOM   423 C  CE1 . TYR A 1 51  ? -0.398  -2.506  -2.620  1.00 34.03  ? 51  TYR A CE1 1 
ATOM   424 C  CE2 . TYR A 1 51  ? -0.838  -4.309  -4.159  1.00 34.22  ? 51  TYR A CE2 1 
ATOM   425 C  CZ  . TYR A 1 51  ? 0.022   -3.360  -3.622  1.00 33.71  ? 51  TYR A CZ  1 
ATOM   426 O  OH  . TYR A 1 51  ? 1.304   -3.302  -4.105  1.00 35.95  ? 51  TYR A OH  1 
ATOM   427 N  N   . LEU A 1 52  ? -4.444  -6.657  -2.297  1.00 30.28  ? 52  LEU A N   1 
ATOM   428 C  CA  . LEU A 1 52  ? -4.151  -7.950  -2.880  1.00 30.72  ? 52  LEU A CA  1 
ATOM   429 C  C   . LEU A 1 52  ? -3.819  -7.716  -4.329  1.00 30.76  ? 52  LEU A C   1 
ATOM   430 O  O   . LEU A 1 52  ? -4.490  -6.938  -4.987  1.00 30.64  ? 52  LEU A O   1 
ATOM   431 C  CB  . LEU A 1 52  ? -5.373  -8.851  -2.827  1.00 30.73  ? 52  LEU A CB  1 
ATOM   432 C  CG  . LEU A 1 52  ? -5.907  -9.160  -1.438  1.00 35.00  ? 52  LEU A CG  1 
ATOM   433 C  CD1 . LEU A 1 52  ? -6.961  -10.233 -1.581  1.00 40.21  ? 52  LEU A CD1 1 
ATOM   434 C  CD2 . LEU A 1 52  ? -4.812  -9.647  -0.555  1.00 40.58  ? 52  LEU A CD2 1 
ATOM   435 N  N   . GLY A 1 53  ? -2.791  -8.396  -4.818  1.00 30.75  ? 53  GLY A N   1 
ATOM   436 C  CA  . GLY A 1 53  ? -2.412  -8.299  -6.245  1.00 32.01  ? 53  GLY A CA  1 
ATOM   437 C  C   . GLY A 1 53  ? -0.936  -8.047  -6.413  1.00 32.32  ? 53  GLY A C   1 
ATOM   438 O  O   . GLY A 1 53  ? -0.113  -8.524  -5.628  1.00 33.05  ? 53  GLY A O   1 
ATOM   439 N  N   . GLY A 1 54  ? -0.595  -7.260  -7.421  1.00 31.07  ? 54  GLY A N   1 
ATOM   440 C  CA  . GLY A 1 54  ? 0.799   -6.949  -7.708  1.00 30.70  ? 54  GLY A CA  1 
ATOM   441 C  C   . GLY A 1 54  ? 0.956   -6.765  -9.203  1.00 30.89  ? 54  GLY A C   1 
ATOM   442 O  O   . GLY A 1 54  ? 0.017   -6.378  -9.865  1.00 28.04  ? 54  GLY A O   1 
ATOM   443 N  N   . VAL A 1 55  ? 2.160   -7.027  -9.722  1.00 31.04  ? 55  VAL A N   1 
ATOM   444 C  CA  . VAL A 1 55  ? 2.451   -6.791  -11.138 1.00 31.51  ? 55  VAL A CA  1 
ATOM   445 C  C   . VAL A 1 55  ? 1.891   -7.929  -11.970 1.00 31.79  ? 55  VAL A C   1 
ATOM   446 O  O   . VAL A 1 55  ? 2.200   -9.112  -11.718 1.00 31.21  ? 55  VAL A O   1 
ATOM   447 C  CB  . VAL A 1 55  ? 3.967   -6.758  -11.408 1.00 31.48  ? 55  VAL A CB  1 
ATOM   448 C  CG1 . VAL A 1 55  ? 4.205   -6.393  -12.875 1.00 33.05  ? 55  VAL A CG1 1 
ATOM   449 C  CG2 . VAL A 1 55  ? 4.661   -5.782  -10.498 1.00 34.27  ? 55  VAL A CG2 1 
ATOM   450 N  N   . ALA A 1 56  ? 1.071   -7.599  -12.964 1.00 29.78  ? 56  ALA A N   1 
ATOM   451 C  CA  . ALA A 1 56  ? 0.464   -8.630  -13.769 1.00 29.37  ? 56  ALA A CA  1 
ATOM   452 C  C   . ALA A 1 56  ? 1.254   -8.737  -15.045 1.00 29.21  ? 56  ALA A C   1 
ATOM   453 O  O   . ALA A 1 56  ? 1.526   -7.712  -15.664 1.00 29.17  ? 56  ALA A O   1 
ATOM   454 C  CB  . ALA A 1 56  ? -1.028  -8.295  -14.050 1.00 28.49  ? 56  ALA A CB  1 
ATOM   455 N  N   . LYS A 1 57  ? 1.674   -9.966  -15.378 1.00 29.21  ? 57  LYS A N   1 
ATOM   456 C  CA  . LYS A 1 57  ? 2.436   -10.241 -16.585 1.00 31.53  ? 57  LYS A CA  1 
ATOM   457 C  C   . LYS A 1 57  ? 1.725   -11.209 -17.570 1.00 30.02  ? 57  LYS A C   1 
ATOM   458 O  O   . LYS A 1 57  ? 2.291   -11.600 -18.584 1.00 28.83  ? 57  LYS A O   1 
ATOM   459 C  CB  . LYS A 1 57  ? 3.827   -10.804 -16.213 1.00 32.35  ? 57  LYS A CB  1 
ATOM   460 C  CG  . LYS A 1 57  ? 4.589   -9.943  -15.220 1.00 35.62  ? 57  LYS A CG  1 
ATOM   461 C  CD  . LYS A 1 57  ? 5.986   -10.461 -14.919 1.00 38.03  ? 57  LYS A CD  1 
ATOM   462 C  CE  . LYS A 1 57  ? 6.591   -9.604  -13.779 1.00 44.48  ? 57  LYS A CE  1 
ATOM   463 N  NZ  . LYS A 1 57  ? 8.045   -9.937  -13.606 1.00 49.11  ? 57  LYS A NZ  1 
ATOM   464 N  N   . LYS A 1 58  ? 0.506   -11.604 -17.231 1.00 28.49  ? 58  LYS A N   1 
ATOM   465 C  CA  . LYS A 1 58  ? -0.283  -12.528 -18.043 1.00 28.93  ? 58  LYS A CA  1 
ATOM   466 C  C   . LYS A 1 58  ? -1.701  -12.027 -18.009 1.00 28.44  ? 58  LYS A C   1 
ATOM   467 O  O   . LYS A 1 58  ? -2.076  -11.254 -17.091 1.00 28.31  ? 58  LYS A O   1 
ATOM   468 C  CB  . LYS A 1 58  ? -0.211  -13.961 -17.478 1.00 29.90  ? 58  LYS A CB  1 
ATOM   469 C  CG  . LYS A 1 58  ? 1.190   -14.522 -17.539 1.00 35.06  ? 58  LYS A CG  1 
ATOM   470 C  CD  . LYS A 1 58  ? 1.199   -16.029 -17.490 1.00 43.06  ? 58  LYS A CD  1 
ATOM   471 C  CE  . LYS A 1 58  ? 2.519   -16.605 -18.004 1.00 47.48  ? 58  LYS A CE  1 
ATOM   472 N  NZ  . LYS A 1 58  ? 2.812   -16.287 -19.437 1.00 50.04  ? 58  LYS A NZ  1 
ATOM   473 N  N   . SER A 1 59  ? -2.497  -12.434 -18.988 1.00 26.77  ? 59  SER A N   1 
ATOM   474 C  CA  . SER A 1 59  ? -3.908  -12.005 -19.003 1.00 27.95  ? 59  SER A CA  1 
ATOM   475 C  C   . SER A 1 59  ? -4.800  -13.027 -19.685 1.00 28.85  ? 59  SER A C   1 
ATOM   476 O  O   . SER A 1 59  ? -4.427  -13.587 -20.710 1.00 28.94  ? 59  SER A O   1 
ATOM   477 C  CB  . SER A 1 59  ? -4.041  -10.652 -19.698 1.00 27.29  ? 59  SER A CB  1 
ATOM   478 O  OG  . SER A 1 59  ? -5.379  -10.258 -19.915 1.00 26.69  ? 59  SER A OG  1 
ATOM   479 N  N   . PRO A 1 60  ? -6.001  -13.248 -19.127 1.00 32.04  ? 60  PRO A N   1 
ATOM   480 C  CA  . PRO A 1 60  ? -6.493  -12.562 -17.947 1.00 32.28  ? 60  PRO A CA  1 
ATOM   481 C  C   . PRO A 1 60  ? -5.981  -13.245 -16.700 1.00 33.76  ? 60  PRO A C   1 
ATOM   482 O  O   . PRO A 1 60  ? -5.468  -14.357 -16.767 1.00 32.01  ? 60  PRO A O   1 
ATOM   483 C  CB  . PRO A 1 60  ? -7.979  -12.819 -18.037 1.00 33.04  ? 60  PRO A CB  1 
ATOM   484 C  CG  . PRO A 1 60  ? -8.043  -14.124 -18.702 1.00 33.28  ? 60  PRO A CG  1 
ATOM   485 C  CD  . PRO A 1 60  ? -6.998  -14.206 -19.638 1.00 31.06  ? 60  PRO A CD  1 
ATOM   486 N  N   . ILE A 1 61  ? -6.146  -12.571 -15.560 1.00 34.77  ? 61  ILE A N   1 
ATOM   487 C  CA  . ILE A 1 61  ? -5.816  -13.197 -14.296 1.00 34.03  ? 61  ILE A CA  1 
ATOM   488 C  C   . ILE A 1 61  ? -7.110  -13.243 -13.483 1.00 35.36  ? 61  ILE A C   1 
ATOM   489 O  O   . ILE A 1 61  ? -8.121  -12.556 -13.820 1.00 31.54  ? 61  ILE A O   1 
ATOM   490 C  CB  . ILE A 1 61  ? -4.730  -12.441 -13.551 1.00 35.95  ? 61  ILE A CB  1 
ATOM   491 C  CG1 . ILE A 1 61  ? -5.105  -10.971 -13.370 1.00 36.89  ? 61  ILE A CG1 1 
ATOM   492 C  CG2 . ILE A 1 61  ? -3.336  -12.558 -14.266 1.00 37.87  ? 61  ILE A CG2 1 
ATOM   493 C  CD1 . ILE A 1 61  ? -4.716  -10.452 -12.000 1.00 42.54  ? 61  ILE A CD1 1 
ATOM   494 N  N   . ARG A 1 62  ? -7.072  -14.078 -12.452 1.00 33.92  ? 62  ARG A N   1 
ATOM   495 C  CA  . ARG A 1 62  ? -8.201  -14.237 -11.556 1.00 35.17  ? 62  ARG A CA  1 
ATOM   496 C  C   . ARG A 1 62  ? -7.732  -13.938 -10.144 1.00 34.89  ? 62  ARG A C   1 
ATOM   497 O  O   . ARG A 1 62  ? -6.619  -14.322 -9.738  1.00 34.11  ? 62  ARG A O   1 
ATOM   498 C  CB  . ARG A 1 62  ? -8.799  -15.639 -11.653 1.00 35.64  ? 62  ARG A CB  1 
ATOM   499 C  CG  . ARG A 1 62  ? -9.581  -15.880 -12.951 1.00 36.58  ? 62  ARG A CG  1 
ATOM   500 C  CD  . ARG A 1 62  ? -10.019 -17.316 -13.112 1.00 40.78  ? 62  ARG A CD  1 
ATOM   501 N  NE  . ARG A 1 62  ? -10.986 -17.441 -14.208 1.00 45.02  ? 62  ARG A NE  1 
ATOM   502 C  CZ  . ARG A 1 62  ? -11.681 -18.538 -14.501 1.00 47.45  ? 62  ARG A CZ  1 
ATOM   503 N  NH1 . ARG A 1 62  ? -12.534 -18.521 -15.514 1.00 47.98  ? 62  ARG A NH1 1 
ATOM   504 N  NH2 . ARG A 1 62  ? -11.538 -19.650 -13.792 1.00 50.92  ? 62  ARG A NH2 1 
ATOM   505 N  N   . ILE A 1 63  ? -8.580  -13.226 -9.415  1.00 34.25  ? 63  ILE A N   1 
ATOM   506 C  CA  . ILE A 1 63  ? -8.316  -12.880 -8.027  1.00 35.08  ? 63  ILE A CA  1 
ATOM   507 C  C   . ILE A 1 63  ? -9.641  -13.146 -7.317  1.00 34.53  ? 63  ILE A C   1 
ATOM   508 O  O   . ILE A 1 63  ? -10.690 -12.714 -7.781  1.00 34.05  ? 63  ILE A O   1 
ATOM   509 C  CB  . ILE A 1 63  ? -7.970  -11.367 -7.828  1.00 35.46  ? 63  ILE A CB  1 
ATOM   510 C  CG1 . ILE A 1 63  ? -6.744  -10.929 -8.627  1.00 35.70  ? 63  ILE A CG1 1 
ATOM   511 C  CG2 . ILE A 1 63  ? -7.736  -11.048 -6.302  1.00 37.61  ? 63  ILE A CG2 1 
ATOM   512 C  CD1 . ILE A 1 63  ? -6.317  -9.453  -8.356  1.00 36.26  ? 63  ILE A CD1 1 
ATOM   513 N  N   . ALA A 1 64  ? -9.607  -13.875 -6.205  1.00 35.18  ? 64  ALA A N   1 
ATOM   514 C  CA  . ALA A 1 64  ? -10.834 -14.192 -5.490  1.00 35.00  ? 64  ALA A CA  1 
ATOM   515 C  C   . ALA A 1 64  ? -10.939 -13.247 -4.301  1.00 34.75  ? 64  ALA A C   1 
ATOM   516 O  O   . ALA A 1 64  ? -9.942  -12.959 -3.634  1.00 34.71  ? 64  ALA A O   1 
ATOM   517 C  CB  . ALA A 1 64  ? -10.809 -15.641 -5.023  1.00 36.00  ? 64  ALA A CB  1 
ATOM   518 N  N   . VAL A 1 65  ? -12.128 -12.727 -4.071  1.00 33.09  ? 65  VAL A N   1 
ATOM   519 C  CA  . VAL A 1 65  ? -12.345 -11.784 -2.994  1.00 34.42  ? 65  VAL A CA  1 
ATOM   520 C  C   . VAL A 1 65  ? -12.268 -12.622 -1.699  1.00 33.67  ? 65  VAL A C   1 
ATOM   521 O  O   . VAL A 1 65  ? -12.904 -13.662 -1.628  1.00 34.20  ? 65  VAL A O   1 
ATOM   522 C  CB  . VAL A 1 65  ? -13.718 -11.143 -3.174  1.00 33.47  ? 65  VAL A CB  1 
ATOM   523 C  CG1 . VAL A 1 65  ? -14.143 -10.439 -1.934  1.00 37.29  ? 65  VAL A CG1 1 
ATOM   524 C  CG2 . VAL A 1 65  ? -13.723 -10.198 -4.436  1.00 36.76  ? 65  VAL A CG2 1 
ATOM   525 N  N   . PRO A 1 66  ? -11.447 -12.216 -0.718  1.00 34.25  ? 66  PRO A N   1 
ATOM   526 C  CA  . PRO A 1 66  ? -11.253 -13.034 0.509   1.00 34.56  ? 66  PRO A CA  1 
ATOM   527 C  C   . PRO A 1 66  ? -12.319 -12.959 1.631   1.00 36.47  ? 66  PRO A C   1 
ATOM   528 O  O   . PRO A 1 66  ? -12.402 -13.881 2.464   1.00 35.97  ? 66  PRO A O   1 
ATOM   529 C  CB  . PRO A 1 66  ? -9.935  -12.502 1.061   1.00 35.09  ? 66  PRO A CB  1 
ATOM   530 C  CG  . PRO A 1 66  ? -9.977  -11.017 0.673   1.00 34.33  ? 66  PRO A CG  1 
ATOM   531 C  CD  . PRO A 1 66  ? -10.572 -11.022 -0.726  1.00 33.96  ? 66  PRO A CD  1 
ATOM   532 N  N   . GLU A 1 67  ? -13.093 -11.876 1.653   1.00 36.34  ? 67  GLU A N   1 
ATOM   533 C  CA  . GLU A 1 67  ? -14.075 -11.550 2.718   1.00 37.93  ? 67  GLU A CA  1 
ATOM   534 C  C   . GLU A 1 67  ? -15.190 -10.752 2.070   1.00 37.30  ? 67  GLU A C   1 
ATOM   535 O  O   . GLU A 1 67  ? -14.955 -10.120 1.052   1.00 35.49  ? 67  GLU A O   1 
ATOM   536 C  CB  . GLU A 1 67  ? -13.446 -10.650 3.794   1.00 38.24  ? 67  GLU A CB  1 
ATOM   537 C  CG  . GLU A 1 67  ? -12.455 -11.341 4.702   1.00 43.25  ? 67  GLU A CG  1 
ATOM   538 C  CD  . GLU A 1 67  ? -13.072 -12.534 5.388   1.00 48.69  ? 67  GLU A CD  1 
ATOM   539 O  OE1 . GLU A 1 67  ? -14.257 -12.438 5.777   1.00 52.55  ? 67  GLU A OE1 1 
ATOM   540 O  OE2 . GLU A 1 67  ? -12.377 -13.566 5.522   1.00 52.37  ? 67  GLU A OE2 1 
ATOM   541 N  N   . THR A 1 68  ? -16.388 -10.773 2.665   1.00 37.25  ? 68  THR A N   1 
ATOM   542 C  CA  . THR A 1 68  ? -17.524 -10.020 2.153   1.00 38.14  ? 68  THR A CA  1 
ATOM   543 C  C   . THR A 1 68  ? -17.467 -8.590  2.638   1.00 38.63  ? 68  THR A C   1 
ATOM   544 O  O   . THR A 1 68  ? -17.443 -8.321  3.833   1.00 37.13  ? 68  THR A O   1 
ATOM   545 C  CB  . THR A 1 68  ? -18.870 -10.637 2.571   1.00 38.59  ? 68  THR A CB  1 
ATOM   546 O  OG1 . THR A 1 68  ? -18.920 -11.990 2.113   1.00 39.69  ? 68  THR A OG1 1 
ATOM   547 C  CG2 . THR A 1 68  ? -20.050 -9.852  1.974   1.00 40.26  ? 68  THR A CG2 1 
HETATM 548 N  N   . MSE A 1 69  ? -17.414 -7.672  1.679   1.00 38.84  ? 69  MSE A N   1 
HETATM 549 C  CA  . MSE A 1 69  ? -17.325 -6.235  1.941   1.00 40.47  ? 69  MSE A CA  1 
HETATM 550 C  C   . MSE A 1 69  ? -17.287 -5.463  0.636   1.00 36.82  ? 69  MSE A C   1 
HETATM 551 O  O   . MSE A 1 69  ? -17.469 -6.052  -0.384  1.00 36.35  ? 69  MSE A O   1 
HETATM 552 C  CB  . MSE A 1 69  ? -16.117 -5.908  2.764   1.00 40.68  ? 69  MSE A CB  1 
HETATM 553 C  CG  . MSE A 1 69  ? -14.861 -6.528  2.288   1.00 41.88  ? 69  MSE A CG  1 
HETATM 554 SE SE  . MSE A 1 69  ? -13.693 -6.364  3.765   0.60 49.41  ? 69  MSE A SE  1 
HETATM 555 C  CE  . MSE A 1 69  ? -14.934 -6.094  4.997   1.00 31.51  ? 69  MSE A CE  1 
ATOM   556 N  N   . HIS A 1 70  ? -17.157 -4.144  0.710   1.00 35.78  ? 70  HIS A N   1 
ATOM   557 C  CA  . HIS A 1 70  ? -17.142 -3.246  -0.450  1.00 34.14  ? 70  HIS A CA  1 
ATOM   558 C  C   . HIS A 1 70  ? -15.719 -3.292  -0.989  1.00 32.28  ? 70  HIS A C   1 
ATOM   559 O  O   . HIS A 1 70  ? -14.764 -3.009  -0.271  1.00 33.17  ? 70  HIS A O   1 
ATOM   560 C  CB  . HIS A 1 70  ? -17.447 -1.832  0.028   1.00 34.19  ? 70  HIS A CB  1 
ATOM   561 C  CG  . HIS A 1 70  ? -17.721 -0.828  -1.050  1.00 37.24  ? 70  HIS A CG  1 
ATOM   562 N  ND1 . HIS A 1 70  ? -18.606 0.217   -0.856  1.00 39.90  ? 70  HIS A ND1 1 
ATOM   563 C  CD2 . HIS A 1 70  ? -17.213 -0.658  -2.294  1.00 38.32  ? 70  HIS A CD2 1 
ATOM   564 C  CE1 . HIS A 1 70  ? -18.647 0.971   -1.944  1.00 39.18  ? 70  HIS A CE1 1 
ATOM   565 N  NE2 . HIS A 1 70  ? -17.812 0.464   -2.830  1.00 36.09  ? 70  HIS A NE2 1 
ATOM   566 N  N   . TRP A 1 71  ? -15.595 -3.632  -2.268  1.00 31.48  ? 71  TRP A N   1 
ATOM   567 C  CA  . TRP A 1 71  ? -14.290 -3.857  -2.920  1.00 28.50  ? 71  TRP A CA  1 
ATOM   568 C  C   . TRP A 1 71  ? -14.052 -2.845  -4.034  1.00 28.36  ? 71  TRP A C   1 
ATOM   569 O  O   . TRP A 1 71  ? -14.993 -2.352  -4.651  1.00 26.40  ? 71  TRP A O   1 
ATOM   570 C  CB  . TRP A 1 71  ? -14.176 -5.301  -3.451  1.00 29.29  ? 71  TRP A CB  1 
ATOM   571 C  CG  . TRP A 1 71  ? -13.996 -6.287  -2.323  1.00 30.31  ? 71  TRP A CG  1 
ATOM   572 C  CD1 . TRP A 1 71  ? -14.968 -7.065  -1.757  1.00 30.55  ? 71  TRP A CD1 1 
ATOM   573 C  CD2 . TRP A 1 71  ? -12.789 -6.542  -1.587  1.00 30.56  ? 71  TRP A CD2 1 
ATOM   574 N  NE1 . TRP A 1 71  ? -14.434 -7.814  -0.739  1.00 32.52  ? 71  TRP A NE1 1 
ATOM   575 C  CE2 . TRP A 1 71  ? -13.099 -7.522  -0.613  1.00 30.20  ? 71  TRP A CE2 1 
ATOM   576 C  CE3 . TRP A 1 71  ? -11.467 -6.080  -1.694  1.00 30.39  ? 71  TRP A CE3 1 
ATOM   577 C  CZ2 . TRP A 1 71  ? -12.147 -8.028  0.280   1.00 30.73  ? 71  TRP A CZ2 1 
ATOM   578 C  CZ3 . TRP A 1 71  ? -10.517 -6.566  -0.797  1.00 30.44  ? 71  TRP A CZ3 1 
ATOM   579 C  CH2 . TRP A 1 71  ? -10.866 -7.534  0.183   1.00 31.81  ? 71  TRP A CH2 1 
ATOM   580 N  N   . HIS A 1 72  ? -12.764 -2.533  -4.268  1.00 27.55  ? 72  HIS A N   1 
ATOM   581 C  CA  . HIS A 1 72  ? -12.348 -1.612  -5.326  1.00 27.17  ? 72  HIS A CA  1 
ATOM   582 C  C   . HIS A 1 72  ? -11.206 -2.282  -6.079  1.00 25.93  ? 72  HIS A C   1 
ATOM   583 O  O   . HIS A 1 72  ? -10.391 -2.902  -5.457  1.00 25.38  ? 72  HIS A O   1 
ATOM   584 C  CB  . HIS A 1 72  ? -11.816 -0.315  -4.697  1.00 27.44  ? 72  HIS A CB  1 
ATOM   585 C  CG  . HIS A 1 72  ? -12.869 0.465   -3.974  1.00 30.02  ? 72  HIS A CG  1 
ATOM   586 N  ND1 . HIS A 1 72  ? -13.608 1.458   -4.577  1.00 29.63  ? 72  HIS A ND1 1 
ATOM   587 C  CD2 . HIS A 1 72  ? -13.369 0.332   -2.718  1.00 29.89  ? 72  HIS A CD2 1 
ATOM   588 C  CE1 . HIS A 1 72  ? -14.469 1.955   -3.706  1.00 28.93  ? 72  HIS A CE1 1 
ATOM   589 N  NE2 . HIS A 1 72  ? -14.365 1.271   -2.583  1.00 29.45  ? 72  HIS A NE2 1 
ATOM   590 N  N   . LEU A 1 73  ? -11.191 -2.190  -7.405  1.00 26.91  ? 73  LEU A N   1 
ATOM   591 C  CA  . LEU A 1 73  ? -10.115 -2.789  -8.182  1.00 27.14  ? 73  LEU A CA  1 
ATOM   592 C  C   . LEU A 1 73  ? -9.392  -1.648  -8.871  1.00 28.17  ? 73  LEU A C   1 
ATOM   593 O  O   . LEU A 1 73  ? -10.035 -0.835  -9.575  1.00 28.56  ? 73  LEU A O   1 
ATOM   594 C  CB  . LEU A 1 73  ? -10.675 -3.754  -9.229  1.00 27.57  ? 73  LEU A CB  1 
ATOM   595 C  CG  . LEU A 1 73  ? -9.593  -4.339  -10.139 1.00 27.62  ? 73  LEU A CG  1 
ATOM   596 C  CD1 . LEU A 1 73  ? -8.755  -5.275  -9.291  1.00 29.79  ? 73  LEU A CD1 1 
ATOM   597 C  CD2 . LEU A 1 73  ? -10.229 -5.032  -11.307 1.00 30.94  ? 73  LEU A CD2 1 
ATOM   598 N  N   . ILE A 1 74  ? -8.081  -1.602  -8.675  1.00 26.80  ? 74  ILE A N   1 
ATOM   599 C  CA  . ILE A 1 74  ? -7.253  -0.589  -9.318  1.00 26.48  ? 74  ILE A CA  1 
ATOM   600 C  C   . ILE A 1 74  ? -6.372  -1.257  -10.315 1.00 26.22  ? 74  ILE A C   1 
ATOM   601 O  O   . ILE A 1 74  ? -5.709  -2.230  -9.986  1.00 26.47  ? 74  ILE A O   1 
ATOM   602 C  CB  . ILE A 1 74  ? -6.361  0.151   -8.286  1.00 28.15  ? 74  ILE A CB  1 
ATOM   603 C  CG1 . ILE A 1 74  ? -7.231  0.926   -7.312  1.00 27.53  ? 74  ILE A CG1 1 
ATOM   604 C  CG2 . ILE A 1 74  ? -5.295  1.040   -8.989  1.00 26.25  ? 74  ILE A CG2 1 
ATOM   605 C  CD1 . ILE A 1 74  ? -8.180  1.896   -7.894  1.00 31.85  ? 74  ILE A CD1 1 
ATOM   606 N  N   . ILE A 1 75  ? -6.347  -0.715  -11.527 1.00 26.15  ? 75  ILE A N   1 
ATOM   607 C  CA  . ILE A 1 75  ? -5.308  -1.042  -12.508 1.00 26.70  ? 75  ILE A CA  1 
ATOM   608 C  C   . ILE A 1 75  ? -4.432  0.194   -12.627 1.00 27.18  ? 75  ILE A C   1 
ATOM   609 O  O   . ILE A 1 75  ? -4.949  1.289   -12.830 1.00 25.28  ? 75  ILE A O   1 
ATOM   610 C  CB  . ILE A 1 75  ? -5.917  -1.340  -13.911 1.00 27.32  ? 75  ILE A CB  1 
ATOM   611 C  CG1 . ILE A 1 75  ? -7.018  -2.419  -13.782 1.00 28.16  ? 75  ILE A CG1 1 
ATOM   612 C  CG2 . ILE A 1 75  ? -4.819  -1.730  -14.898 1.00 27.11  ? 75  ILE A CG2 1 
ATOM   613 C  CD1 . ILE A 1 75  ? -6.548  -3.710  -13.231 1.00 29.21  ? 75  ILE A CD1 1 
ATOM   614 N  N   . ASP A 1 76  ? -3.119  0.043   -12.491 1.00 27.17  ? 76  ASP A N   1 
ATOM   615 C  CA  . ASP A 1 76  ? -2.311  1.267   -12.479 1.00 29.20  ? 76  ASP A CA  1 
ATOM   616 C  C   . ASP A 1 76  ? -0.915  1.107   -13.028 1.00 29.76  ? 76  ASP A C   1 
ATOM   617 O  O   . ASP A 1 76  ? -0.361  0.007   -13.109 1.00 29.75  ? 76  ASP A O   1 
ATOM   618 C  CB  . ASP A 1 76  ? -2.256  1.862   -11.063 1.00 29.29  ? 76  ASP A CB  1 
ATOM   619 C  CG  . ASP A 1 76  ? -1.362  1.048   -10.127 1.00 30.39  ? 76  ASP A CG  1 
ATOM   620 O  OD1 . ASP A 1 76  ? -1.873  0.194   -9.391  1.00 32.36  ? 76  ASP A OD1 1 
ATOM   621 O  OD2 . ASP A 1 76  ? -0.130  1.212   -10.191 1.00 33.66  ? 76  ASP A OD2 1 
ATOM   622 N  N   . ALA A 1 77  ? -0.335  2.249   -13.375 1.00 31.86  ? 77  ALA A N   1 
ATOM   623 C  CA  . ALA A 1 77  ? 0.937   2.281   -14.055 1.00 32.47  ? 77  ALA A CA  1 
ATOM   624 C  C   . ALA A 1 77  ? 2.098   2.656   -13.133 1.00 33.43  ? 77  ALA A C   1 
ATOM   625 O  O   . ALA A 1 77  ? 3.143   3.088   -13.622 1.00 33.64  ? 77  ALA A O   1 
ATOM   626 C  CB  . ALA A 1 77  ? 0.863   3.241   -15.234 1.00 32.61  ? 77  ALA A CB  1 
ATOM   627 N  N   . GLU A 1 78  ? 1.955   2.477   -11.823 1.00 33.68  ? 78  GLU A N   1 
ATOM   628 C  CA  . GLU A 1 78  ? 3.091   2.789   -10.943 1.00 35.63  ? 78  GLU A CA  1 
ATOM   629 C  C   . GLU A 1 78  ? 4.351   1.967   -11.291 1.00 34.92  ? 78  GLU A C   1 
ATOM   630 O  O   . GLU A 1 78  ? 4.316   0.759   -11.255 1.00 35.23  ? 78  GLU A O   1 
ATOM   631 C  CB  . GLU A 1 78  ? 2.715   2.604   -9.470  1.00 34.63  ? 78  GLU A CB  1 
ATOM   632 C  CG  . GLU A 1 78  ? 3.887   2.969   -8.558  1.00 38.26  ? 78  GLU A CG  1 
ATOM   633 C  CD  . GLU A 1 78  ? 3.569   2.924   -7.066  1.00 38.67  ? 78  GLU A CD  1 
ATOM   634 O  OE1 . GLU A 1 78  ? 2.709   2.133   -6.629  1.00 38.04  ? 78  GLU A OE1 1 
ATOM   635 O  OE2 . GLU A 1 78  ? 4.223   3.695   -6.320  1.00 43.73  ? 78  GLU A OE2 1 
ATOM   636 N  N   . GLY A 1 79  ? 5.462   2.618   -11.638 1.00 35.68  ? 79  GLY A N   1 
ATOM   637 C  CA  . GLY A 1 79  ? 6.657   1.894   -12.046 1.00 36.07  ? 79  GLY A CA  1 
ATOM   638 C  C   . GLY A 1 79  ? 6.662   1.347   -13.466 1.00 37.86  ? 79  GLY A C   1 
ATOM   639 O  O   . GLY A 1 79  ? 7.574   0.595   -13.843 1.00 37.77  ? 79  GLY A O   1 
ATOM   640 N  N   . HIS A 1 80  ? 5.652   1.719   -14.261 1.00 37.16  ? 80  HIS A N   1 
ATOM   641 C  CA  . HIS A 1 80  ? 5.483   1.200   -15.614 1.00 37.64  ? 80  HIS A CA  1 
ATOM   642 C  C   . HIS A 1 80  ? 5.397   2.400   -16.582 1.00 38.02  ? 80  HIS A C   1 
ATOM   643 O  O   . HIS A 1 80  ? 5.150   3.523   -16.166 1.00 38.64  ? 80  HIS A O   1 
ATOM   644 C  CB  . HIS A 1 80  ? 4.222   0.297   -15.688 1.00 37.13  ? 80  HIS A CB  1 
ATOM   645 C  CG  . HIS A 1 80  ? 4.210   -0.819  -14.681 1.00 33.67  ? 80  HIS A CG  1 
ATOM   646 N  ND1 . HIS A 1 80  ? 5.186   -1.794  -14.628 1.00 34.03  ? 80  HIS A ND1 1 
ATOM   647 C  CD2 . HIS A 1 80  ? 3.342   -1.108  -13.681 1.00 32.96  ? 80  HIS A CD2 1 
ATOM   648 C  CE1 . HIS A 1 80  ? 4.928   -2.629  -13.637 1.00 33.44  ? 80  HIS A CE1 1 
ATOM   649 N  NE2 . HIS A 1 80  ? 3.804   -2.241  -13.050 1.00 32.53  ? 80  HIS A NE2 1 
ATOM   650 N  N   . SER A 1 81  ? 5.625   2.185   -17.863 1.00 39.46  ? 81  SER A N   1 
ATOM   651 C  CA  . SER A 1 81  ? 5.719   3.351   -18.763 1.00 40.16  ? 81  SER A CA  1 
ATOM   652 C  C   . SER A 1 81  ? 4.369   4.002   -19.017 1.00 39.14  ? 81  SER A C   1 
ATOM   653 O  O   . SER A 1 81  ? 4.298   5.230   -19.169 1.00 39.22  ? 81  SER A O   1 
ATOM   654 C  CB  . SER A 1 81  ? 6.346   2.983   -20.077 1.00 40.31  ? 81  SER A CB  1 
ATOM   655 O  OG  . SER A 1 81  ? 5.479   2.096   -20.740 1.00 43.46  ? 81  SER A OG  1 
ATOM   656 N  N   . GLY A 1 82  ? 3.311   3.179   -19.029 1.00 37.28  ? 82  GLY A N   1 
ATOM   657 C  CA  . GLY A 1 82  ? 1.967   3.651   -19.367 1.00 34.73  ? 82  GLY A CA  1 
ATOM   658 C  C   . GLY A 1 82  ? 0.844   2.799   -18.782 1.00 33.31  ? 82  GLY A C   1 
ATOM   659 O  O   . GLY A 1 82  ? 1.096   1.729   -18.220 1.00 32.97  ? 82  GLY A O   1 
ATOM   660 N  N   . LEU A 1 83  ? -0.391  3.297   -18.917 1.00 31.41  ? 83  LEU A N   1 
ATOM   661 C  CA  . LEU A 1 83  ? -1.572  2.628   -18.362 1.00 29.83  ? 83  LEU A CA  1 
ATOM   662 C  C   . LEU A 1 83  ? -2.171  1.624   -19.343 1.00 28.78  ? 83  LEU A C   1 
ATOM   663 O  O   . LEU A 1 83  ? -2.485  1.959   -20.500 1.00 27.46  ? 83  LEU A O   1 
ATOM   664 C  CB  . LEU A 1 83  ? -2.626  3.675   -17.936 1.00 29.22  ? 83  LEU A CB  1 
ATOM   665 C  CG  . LEU A 1 83  ? -3.913  3.116   -17.296 1.00 27.67  ? 83  LEU A CG  1 
ATOM   666 C  CD1 . LEU A 1 83  ? -3.654  2.414   -15.956 1.00 28.30  ? 83  LEU A CD1 1 
ATOM   667 C  CD2 . LEU A 1 83  ? -5.000  4.236   -17.156 1.00 28.37  ? 83  LEU A CD2 1 
ATOM   668 N  N   . ALA A 1 84  ? -2.293  0.378   -18.885 1.00 27.88  ? 84  ALA A N   1 
ATOM   669 C  CA  . ALA A 1 84  ? -2.908  -0.693  -19.667 1.00 27.86  ? 84  ALA A CA  1 
ATOM   670 C  C   . ALA A 1 84  ? -4.397  -0.422  -19.884 1.00 28.41  ? 84  ALA A C   1 
ATOM   671 O  O   . ALA A 1 84  ? -5.051  0.192   -19.019 1.00 28.86  ? 84  ALA A O   1 
ATOM   672 C  CB  . ALA A 1 84  ? -2.737  -2.075  -18.910 1.00 26.95  ? 84  ALA A CB  1 
ATOM   673 N  N   . GLU A 1 85  ? -4.934  -0.828  -21.039 1.00 28.34  ? 85  GLU A N   1 
ATOM   674 C  CA  . GLU A 1 85  ? -6.372  -1.022  -21.168 1.00 29.57  ? 85  GLU A CA  1 
ATOM   675 C  C   . GLU A 1 85  ? -6.755  -2.255  -20.355 1.00 28.81  ? 85  GLU A C   1 
ATOM   676 O  O   . GLU A 1 85  ? -5.986  -3.236  -20.244 1.00 29.17  ? 85  GLU A O   1 
ATOM   677 C  CB  . GLU A 1 85  ? -6.811  -1.264  -22.598 1.00 30.78  ? 85  GLU A CB  1 
ATOM   678 C  CG  . GLU A 1 85  ? -7.488  -0.067  -23.251 1.00 38.96  ? 85  GLU A CG  1 
ATOM   679 C  CD  . GLU A 1 85  ? -6.518  0.779   -23.985 1.00 48.17  ? 85  GLU A CD  1 
ATOM   680 O  OE1 . GLU A 1 85  ? -5.872  0.245   -24.926 1.00 53.56  ? 85  GLU A OE1 1 
ATOM   681 O  OE2 . GLU A 1 85  ? -6.395  1.983   -23.635 1.00 53.82  ? 85  GLU A OE2 1 
ATOM   682 N  N   . SER A 1 86  ? -7.962  -2.238  -19.832 1.00 27.58  ? 86  SER A N   1 
ATOM   683 C  CA  . SER A 1 86  ? -8.364  -3.300  -18.952 1.00 26.09  ? 86  SER A CA  1 
ATOM   684 C  C   . SER A 1 86  ? -9.872  -3.548  -19.013 1.00 26.30  ? 86  SER A C   1 
ATOM   685 O  O   . SER A 1 86  ? -10.660 -2.704  -19.483 1.00 24.12  ? 86  SER A O   1 
ATOM   686 C  CB  . SER A 1 86  ? -7.932  -2.990  -17.514 1.00 27.53  ? 86  SER A CB  1 
ATOM   687 O  OG  . SER A 1 86  ? -8.668  -1.897  -16.976 1.00 27.22  ? 86  SER A OG  1 
ATOM   688 N  N   . SER A 1 87  ? -10.244 -4.730  -18.549 1.00 26.11  ? 87  SER A N   1 
ATOM   689 C  CA  . SER A 1 87  ? -11.645 -5.093  -18.351 1.00 28.41  ? 87  SER A CA  1 
ATOM   690 C  C   . SER A 1 87  ? -11.711 -6.036  -17.165 1.00 28.56  ? 87  SER A C   1 
ATOM   691 O  O   . SER A 1 87  ? -10.710 -6.696  -16.813 1.00 28.74  ? 87  SER A O   1 
ATOM   692 C  CB  . SER A 1 87  ? -12.271 -5.668  -19.626 1.00 29.88  ? 87  SER A CB  1 
ATOM   693 O  OG  . SER A 1 87  ? -11.788 -6.970  -19.869 1.00 36.04  ? 87  SER A OG  1 
ATOM   694 N  N   . VAL A 1 88  ? -12.862 -6.058  -16.499 1.00 28.31  ? 88  VAL A N   1 
ATOM   695 C  CA  . VAL A 1 88  ? -13.077 -6.938  -15.362 1.00 28.15  ? 88  VAL A CA  1 
ATOM   696 C  C   . VAL A 1 88  ? -14.466 -7.618  -15.468 1.00 30.09  ? 88  VAL A C   1 
ATOM   697 O  O   . VAL A 1 88  ? -15.474 -6.970  -15.758 1.00 29.78  ? 88  VAL A O   1 
ATOM   698 C  CB  . VAL A 1 88  ? -12.845 -6.224  -13.972 1.00 28.97  ? 88  VAL A CB  1 
ATOM   699 C  CG1 . VAL A 1 88  ? -13.743 -5.032  -13.772 1.00 30.78  ? 88  VAL A CG1 1 
ATOM   700 C  CG2 . VAL A 1 88  ? -12.991 -7.231  -12.800 1.00 28.62  ? 88  VAL A CG2 1 
ATOM   701 N  N   . LYS A 1 89  ? -14.492 -8.930  -15.270 1.00 29.64  ? 89  LYS A N   1 
ATOM   702 C  CA  . LYS A 1 89  ? -15.729 -9.711  -15.322 1.00 33.14  ? 89  LYS A CA  1 
ATOM   703 C  C   . LYS A 1 89  ? -15.840 -10.307 -13.939 1.00 34.25  ? 89  LYS A C   1 
ATOM   704 O  O   . LYS A 1 89  ? -14.882 -10.878 -13.417 1.00 32.27  ? 89  LYS A O   1 
ATOM   705 C  CB  . LYS A 1 89  ? -15.645 -10.792 -16.410 1.00 32.26  ? 89  LYS A CB  1 
ATOM   706 C  CG  . LYS A 1 89  ? -16.920 -11.530 -16.694 1.00 35.86  ? 89  LYS A CG  1 
ATOM   707 C  CD  . LYS A 1 89  ? -16.697 -12.636 -17.727 1.00 36.85  ? 89  LYS A CD  1 
ATOM   708 C  CE  . LYS A 1 89  ? -17.872 -12.676 -18.702 1.00 44.63  ? 89  LYS A CE  1 
ATOM   709 N  NZ  . LYS A 1 89  ? -18.228 -14.029 -19.299 1.00 48.69  ? 89  LYS A NZ  1 
HETATM 710 N  N   . MSE A 1 90  ? -17.021 -10.151 -13.344 1.00 36.66  ? 90  MSE A N   1 
HETATM 711 C  CA  . MSE A 1 90  ? -17.259 -10.575 -11.986 1.00 38.97  ? 90  MSE A CA  1 
HETATM 712 C  C   . MSE A 1 90  ? -17.967 -11.936 -12.068 1.00 39.25  ? 90  MSE A C   1 
HETATM 713 O  O   . MSE A 1 90  ? -19.120 -12.037 -12.565 1.00 39.41  ? 90  MSE A O   1 
HETATM 714 C  CB  . MSE A 1 90  ? -18.080 -9.509  -11.232 1.00 39.55  ? 90  MSE A CB  1 
HETATM 715 C  CG  . MSE A 1 90  ? -17.397 -8.069  -11.113 1.00 36.65  ? 90  MSE A CG  1 
HETATM 716 SE SE  . MSE A 1 90  ? -18.612 -7.006  -9.989  0.50 44.19  ? 90  MSE A SE  1 
HETATM 717 C  CE  . MSE A 1 90  ? -20.167 -7.035  -11.139 1.00 43.74  ? 90  MSE A CE  1 
ATOM   718 N  N   . LEU A 1 91  ? -17.237 -12.979 -11.670 1.00 38.10  ? 91  LEU A N   1 
ATOM   719 C  CA  . LEU A 1 91  ? -17.734 -14.353 -11.722 1.00 38.18  ? 91  LEU A CA  1 
ATOM   720 C  C   . LEU A 1 91  ? -18.317 -14.754 -10.350 1.00 38.09  ? 91  LEU A C   1 
ATOM   721 O  O   . LEU A 1 91  ? -17.751 -14.426 -9.290  1.00 38.94  ? 91  LEU A O   1 
ATOM   722 C  CB  . LEU A 1 91  ? -16.622 -15.328 -12.157 1.00 37.52  ? 91  LEU A CB  1 
ATOM   723 C  CG  . LEU A 1 91  ? -15.719 -14.977 -13.381 1.00 38.42  ? 91  LEU A CG  1 
ATOM   724 C  CD1 . LEU A 1 91  ? -14.581 -15.955 -13.529 1.00 40.33  ? 91  LEU A CD1 1 
ATOM   725 C  CD2 . LEU A 1 91  ? -16.486 -14.891 -14.697 1.00 38.05  ? 91  LEU A CD2 1 
ATOM   726 N  N   . PRO A 1 92  ? -19.469 -15.451 -10.356 1.00 37.98  ? 92  PRO A N   1 
ATOM   727 C  CA  . PRO A 1 92  ? -20.092 -15.889 -9.087  1.00 37.47  ? 92  PRO A CA  1 
ATOM   728 C  C   . PRO A 1 92  ? -19.163 -16.710 -8.188  1.00 36.06  ? 92  PRO A C   1 
ATOM   729 O  O   . PRO A 1 92  ? -18.321 -17.455 -8.683  1.00 36.94  ? 92  PRO A O   1 
ATOM   730 C  CB  . PRO A 1 92  ? -21.281 -16.741 -9.551  1.00 38.00  ? 92  PRO A CB  1 
ATOM   731 C  CG  . PRO A 1 92  ? -21.570 -16.286 -10.930 1.00 37.67  ? 92  PRO A CG  1 
ATOM   732 C  CD  . PRO A 1 92  ? -20.279 -15.791 -11.535 1.00 37.64  ? 92  PRO A CD  1 
ATOM   733 N  N   . ALA A 1 93  ? -19.319 -16.578 -6.877  1.00 35.32  ? 93  ALA A N   1 
ATOM   734 C  CA  . ALA A 1 93  ? -18.532 -17.370 -5.927  1.00 34.97  ? 93  ALA A CA  1 
ATOM   735 C  C   . ALA A 1 93  ? -18.920 -18.830 -6.029  1.00 35.10  ? 93  ALA A C   1 
ATOM   736 O  O   . ALA A 1 93  ? -20.064 -19.126 -6.321  1.00 34.88  ? 93  ALA A O   1 
ATOM   737 C  CB  . ALA A 1 93  ? -18.792 -16.896 -4.488  1.00 35.77  ? 93  ALA A CB  1 
ATOM   738 N  N   . GLN A 1 94  ? -17.973 -19.733 -5.786  1.00 33.87  ? 94  GLN A N   1 
ATOM   739 C  CA  . GLN A 1 94  ? -18.314 -21.165 -5.627  1.00 34.16  ? 94  GLN A CA  1 
ATOM   740 C  C   . GLN A 1 94  ? -18.931 -21.292 -4.247  1.00 31.76  ? 94  GLN A C   1 
ATOM   741 O  O   . GLN A 1 94  ? -18.551 -20.574 -3.356  1.00 30.90  ? 94  GLN A O   1 
ATOM   742 C  CB  . GLN A 1 94  ? -17.078 -22.067 -5.715  1.00 34.19  ? 94  GLN A CB  1 
ATOM   743 C  CG  . GLN A 1 94  ? -16.269 -21.898 -6.976  1.00 39.06  ? 94  GLN A CG  1 
ATOM   744 C  CD  . GLN A 1 94  ? -17.060 -22.240 -8.229  1.00 43.62  ? 94  GLN A CD  1 
ATOM   745 O  OE1 . GLN A 1 94  ? -17.054 -21.492 -9.202  1.00 46.39  ? 94  GLN A OE1 1 
ATOM   746 N  NE2 . GLN A 1 94  ? -17.769 -23.366 -8.197  1.00 45.19  ? 94  GLN A NE2 1 
ATOM   747 N  N   . PRO A 1 95  ? -19.910 -22.186 -4.088  1.00 30.44  ? 95  PRO A N   1 
ATOM   748 C  CA  . PRO A 1 95  ? -20.451 -22.490 -2.763  1.00 29.75  ? 95  PRO A CA  1 
ATOM   749 C  C   . PRO A 1 95  ? -19.354 -23.044 -1.863  1.00 28.76  ? 95  PRO A C   1 
ATOM   750 O  O   . PRO A 1 95  ? -18.586 -23.921 -2.278  1.00 29.15  ? 95  PRO A O   1 
ATOM   751 C  CB  . PRO A 1 95  ? -21.474 -23.595 -3.054  1.00 28.73  ? 95  PRO A CB  1 
ATOM   752 C  CG  . PRO A 1 95  ? -21.868 -23.335 -4.511  1.00 30.15  ? 95  PRO A CG  1 
ATOM   753 C  CD  . PRO A 1 95  ? -20.593 -22.944 -5.157  1.00 30.53  ? 95  PRO A CD  1 
ATOM   754 N  N   . GLN A 1 96  ? -19.276 -22.543 -0.648  1.00 27.47  ? 96  GLN A N   1 
ATOM   755 C  CA  . GLN A 1 96  ? -18.288 -23.035 0.297   1.00 26.96  ? 96  GLN A CA  1 
ATOM   756 C  C   . GLN A 1 96  ? -18.920 -23.286 1.659   1.00 27.34  ? 96  GLN A C   1 
ATOM   757 O  O   . GLN A 1 96  ? -19.726 -22.478 2.117   1.00 27.99  ? 96  GLN A O   1 
ATOM   758 C  CB  . GLN A 1 96  ? -17.187 -21.987 0.472   1.00 27.04  ? 96  GLN A CB  1 
ATOM   759 C  CG  . GLN A 1 96  ? -16.298 -21.747 -0.731  1.00 29.53  ? 96  GLN A CG  1 
ATOM   760 C  CD  . GLN A 1 96  ? -15.362 -20.617 -0.415  1.00 32.18  ? 96  GLN A CD  1 
ATOM   761 O  OE1 . GLN A 1 96  ? -15.818 -19.534 -0.046  1.00 30.84  ? 96  GLN A OE1 1 
ATOM   762 N  NE2 . GLN A 1 96  ? -14.060 -20.855 -0.519  1.00 31.85  ? 96  GLN A NE2 1 
ATOM   763 N  N   . ALA A 1 97  ? -18.540 -24.395 2.298   1.00 26.08  ? 97  ALA A N   1 
ATOM   764 C  CA  . ALA A 1 97  ? -18.841 -24.664 3.706   1.00 27.47  ? 97  ALA A CA  1 
ATOM   765 C  C   . ALA A 1 97  ? -17.903 -23.900 4.624   1.00 27.21  ? 97  ALA A C   1 
ATOM   766 O  O   . ALA A 1 97  ? -16.745 -23.649 4.282   1.00 28.04  ? 97  ALA A O   1 
ATOM   767 C  CB  . ALA A 1 97  ? -18.700 -26.161 4.004   1.00 27.41  ? 97  ALA A CB  1 
ATOM   768 N  N   . THR A 1 98  ? -18.417 -23.543 5.787   1.00 27.43  ? 98  THR A N   1 
ATOM   769 C  CA  . THR A 1 98  ? -17.658 -22.932 6.819   1.00 27.56  ? 98  THR A CA  1 
ATOM   770 C  C   . THR A 1 98  ? -17.087 -24.035 7.707   1.00 27.36  ? 98  THR A C   1 
ATOM   771 O  O   . THR A 1 98  ? -17.814 -24.874 8.204   1.00 26.24  ? 98  THR A O   1 
ATOM   772 C  CB  . THR A 1 98  ? -18.544 -21.948 7.623   1.00 29.09  ? 98  THR A CB  1 
ATOM   773 O  OG1 . THR A 1 98  ? -19.079 -20.971 6.698   1.00 31.20  ? 98  THR A OG1 1 
ATOM   774 C  CG2 . THR A 1 98  ? -17.698 -21.234 8.691   1.00 30.27  ? 98  THR A CG2 1 
ATOM   775 N  N   . LEU A 1 99  ? -15.773 -24.028 7.888   1.00 27.02  ? 99  LEU A N   1 
ATOM   776 C  CA  . LEU A 1 99  ? -15.156 -25.079 8.705   1.00 27.61  ? 99  LEU A CA  1 
ATOM   777 C  C   . LEU A 1 99  ? -15.190 -24.731 10.200  1.00 28.70  ? 99  LEU A C   1 
ATOM   778 O  O   . LEU A 1 99  ? -15.277 -23.553 10.560  1.00 28.52  ? 99  LEU A O   1 
ATOM   779 C  CB  . LEU A 1 99  ? -13.708 -25.288 8.242   1.00 27.48  ? 99  LEU A CB  1 
ATOM   780 C  CG  . LEU A 1 99  ? -13.567 -25.691 6.748   1.00 26.23  ? 99  LEU A CG  1 
ATOM   781 C  CD1 . LEU A 1 99  ? -12.101 -25.755 6.376   1.00 28.60  ? 99  LEU A CD1 1 
ATOM   782 C  CD2 . LEU A 1 99  ? -14.255 -27.007 6.462   1.00 25.88  ? 99  LEU A CD2 1 
ATOM   783 N  N   . THR A 1 100 ? -15.077 -25.752 11.039  1.00 29.76  ? 100 THR A N   1 
ATOM   784 C  CA  . THR A 1 100 ? -14.857 -25.600 12.471  1.00 32.83  ? 100 THR A CA  1 
ATOM   785 C  C   . THR A 1 100 ? -13.639 -26.423 12.890  1.00 34.32  ? 100 THR A C   1 
ATOM   786 O  O   . THR A 1 100 ? -13.030 -27.125 12.075  1.00 33.21  ? 100 THR A O   1 
ATOM   787 C  CB  . THR A 1 100 ? -16.085 -26.069 13.329  1.00 33.15  ? 100 THR A CB  1 
ATOM   788 O  OG1 . THR A 1 100 ? -16.324 -27.484 13.173  1.00 35.37  ? 100 THR A OG1 1 
ATOM   789 C  CG2 . THR A 1 100 ? -17.313 -25.340 12.896  1.00 34.19  ? 100 THR A CG2 1 
ATOM   790 N  N   A ARG A 1 101 ? -13.310 -26.338 14.176  0.50 35.19  ? 101 ARG A N   1 
ATOM   791 N  N   B ARG A 1 101 ? -13.287 -26.329 14.166  0.50 35.11  ? 101 ARG A N   1 
ATOM   792 C  CA  A ARG A 1 101 ? -12.244 -27.139 14.765  0.50 36.39  ? 101 ARG A CA  1 
ATOM   793 C  CA  B ARG A 1 101 ? -12.189 -27.116 14.706  0.50 36.32  ? 101 ARG A CA  1 
ATOM   794 C  C   A ARG A 1 101 ? -12.702 -28.574 14.917  0.50 36.97  ? 101 ARG A C   1 
ATOM   795 C  C   B ARG A 1 101 ? -12.677 -28.539 14.957  0.50 36.89  ? 101 ARG A C   1 
ATOM   796 O  O   A ARG A 1 101 ? -13.901 -28.872 14.862  0.50 36.32  ? 101 ARG A O   1 
ATOM   797 O  O   B ARG A 1 101 ? -13.885 -28.797 14.978  0.50 36.39  ? 101 ARG A O   1 
ATOM   798 C  CB  A ARG A 1 101 ? -11.825 -26.571 16.123  0.50 36.72  ? 101 ARG A CB  1 
ATOM   799 C  CB  B ARG A 1 101 ? -11.627 -26.442 15.963  0.50 36.27  ? 101 ARG A CB  1 
ATOM   800 C  CG  A ARG A 1 101 ? -11.407 -25.115 16.058  0.50 38.53  ? 101 ARG A CG  1 
ATOM   801 C  CG  B ARG A 1 101 ? -11.228 -24.969 15.724  0.50 37.09  ? 101 ARG A CG  1 
ATOM   802 C  CD  A ARG A 1 101 ? -10.355 -24.759 17.098  0.50 41.20  ? 101 ARG A CD  1 
ATOM   803 C  CD  B ARG A 1 101 ? -10.759 -24.238 16.996  0.50 37.21  ? 101 ARG A CD  1 
ATOM   804 N  NE  A ARG A 1 101 ? -9.275  -24.023 16.449  0.50 41.83  ? 101 ARG A NE  1 
ATOM   805 N  NE  B ARG A 1 101 ? -11.733 -24.258 18.088  0.50 38.40  ? 101 ARG A NE  1 
ATOM   806 C  CZ  A ARG A 1 101 ? -8.173  -24.584 15.959  0.50 41.07  ? 101 ARG A CZ  1 
ATOM   807 C  CZ  B ARG A 1 101 ? -11.455 -23.901 19.341  0.50 38.53  ? 101 ARG A CZ  1 
ATOM   808 N  NH1 A ARG A 1 101 ? -7.268  -23.832 15.370  0.50 42.25  ? 101 ARG A NH1 1 
ATOM   809 N  NH1 B ARG A 1 101 ? -10.235 -23.499 19.666  0.50 38.58  ? 101 ARG A NH1 1 
ATOM   810 N  NH2 A ARG A 1 101 ? -7.967  -25.890 16.081  0.50 43.13  ? 101 ARG A NH2 1 
ATOM   811 N  NH2 B ARG A 1 101 ? -12.395 -23.949 20.270  0.50 38.78  ? 101 ARG A NH2 1 
ATOM   812 N  N   . LYS A 1 102 ? -11.744 -29.478 15.091  1.00 37.89  ? 102 LYS A N   1 
ATOM   813 C  CA  . LYS A 1 102 ? -12.097 -30.865 15.379  1.00 39.18  ? 102 LYS A CA  1 
ATOM   814 C  C   . LYS A 1 102 ? -12.636 -30.949 16.804  1.00 40.13  ? 102 LYS A C   1 
ATOM   815 O  O   . LYS A 1 102 ? -12.204 -30.192 17.675  1.00 40.66  ? 102 LYS A O   1 
ATOM   816 C  CB  . LYS A 1 102 ? -10.881 -31.760 15.240  1.00 40.12  ? 102 LYS A CB  1 
ATOM   817 C  CG  . LYS A 1 102 ? -10.537 -32.158 13.820  1.00 40.34  ? 102 LYS A CG  1 
ATOM   818 C  CD  . LYS A 1 102 ? -9.178  -32.793 13.861  1.00 40.29  ? 102 LYS A CD  1 
ATOM   819 C  CE  . LYS A 1 102 ? -8.870  -33.627 12.654  1.00 40.35  ? 102 LYS A CE  1 
ATOM   820 N  NZ  . LYS A 1 102 ? -9.706  -34.799 12.387  1.00 37.90  ? 102 LYS A NZ  1 
ATOM   821 N  N   . ALA A 1 103 ? -13.577 -31.858 17.029  1.00 40.93  ? 103 ALA A N   1 
ATOM   822 C  CA  . ALA A 1 103 ? -14.108 -32.091 18.368  1.00 41.90  ? 103 ALA A CA  1 
ATOM   823 C  C   . ALA A 1 103 ? -12.965 -32.455 19.335  1.00 42.58  ? 103 ALA A C   1 
ATOM   824 O  O   . ALA A 1 103 ? -12.252 -33.445 19.122  1.00 42.48  ? 103 ALA A O   1 
ATOM   825 C  CB  . ALA A 1 103 ? -15.178 -33.183 18.333  1.00 42.18  ? 103 ALA A CB  1 
ATOM   826 N  N   . SER A 1 104 ? -12.776 -31.637 20.376  1.00 43.24  ? 104 SER A N   1 
ATOM   827 C  CA  . SER A 1 104 ? -11.709 -31.875 21.371  1.00 43.72  ? 104 SER A CA  1 
ATOM   828 C  C   . SER A 1 104 ? -11.904 -33.191 22.125  1.00 43.88  ? 104 SER A C   1 
ATOM   829 O  O   . SER A 1 104 ? -10.926 -33.855 22.466  1.00 43.15  ? 104 SER A O   1 
ATOM   830 C  CB  . SER A 1 104 ? -11.599 -30.707 22.362  1.00 43.97  ? 104 SER A CB  1 
ATOM   831 O  OG  . SER A 1 104 ? -12.741 -30.656 23.205  1.00 45.12  ? 104 SER A OG  1 
ATOM   832 O  OXT . SER A 1 104 ? -13.041 -33.619 22.404  1.00 44.79  ? 104 SER A OXT 1 
HETATM 833 S  S   . SO4 B 2 .   ? -1.292  -10.092 -9.934  1.00 122.94 ? 202 SO4 A S   1 
HETATM 834 O  O1  . SO4 B 2 .   ? -2.500  -10.604 -9.291  1.00 123.04 ? 202 SO4 A O1  1 
HETATM 835 O  O2  . SO4 B 2 .   ? -0.210  -10.003 -8.958  1.00 123.16 ? 202 SO4 A O2  1 
HETATM 836 O  O3  . SO4 B 2 .   ? -0.887  -11.003 -11.000 1.00 123.08 ? 202 SO4 A O3  1 
HETATM 837 O  O4  . SO4 B 2 .   ? -1.571  -8.769  -10.488 1.00 122.92 ? 202 SO4 A O4  1 
HETATM 838 S  S   . SO4 C 2 .   ? 15.209  -3.896  12.754  0.35 25.35  ? 203 SO4 A S   1 
HETATM 839 O  O1  . SO4 C 2 .   ? 15.527  -3.251  14.031  0.35 25.82  ? 203 SO4 A O1  1 
HETATM 840 O  O2  . SO4 C 2 .   ? 14.825  -5.280  12.999  0.35 29.30  ? 203 SO4 A O2  1 
HETATM 841 O  O3  . SO4 C 2 .   ? 14.144  -3.084  12.153  0.35 28.02  ? 203 SO4 A O3  1 
HETATM 842 O  O4  . SO4 C 2 .   ? 16.471  -3.841  12.027  0.35 29.61  ? 203 SO4 A O4  1 
HETATM 843 S  S   . SO4 D 2 .   ? -0.786  19.719  -0.468  1.00 86.71  ? 204 SO4 A S   1 
HETATM 844 O  O1  . SO4 D 2 .   ? -1.881  19.058  0.247   1.00 86.91  ? 204 SO4 A O1  1 
HETATM 845 O  O2  . SO4 D 2 .   ? 0.422   18.898  -0.371  1.00 86.85  ? 204 SO4 A O2  1 
HETATM 846 O  O3  . SO4 D 2 .   ? -1.138  19.875  -1.874  1.00 87.04  ? 204 SO4 A O3  1 
HETATM 847 O  O4  . SO4 D 2 .   ? -0.549  21.039  0.115   1.00 87.00  ? 204 SO4 A O4  1 
HETATM 848 O  O   . HOH E 3 .   ? 9.149   8.314   15.332  1.00 24.61  ? 205 HOH A O   1 
HETATM 849 O  O   . HOH E 3 .   ? -7.520  -3.929  1.065   1.00 21.01  ? 206 HOH A O   1 
HETATM 850 O  O   . HOH E 3 .   ? -20.931 -21.611 4.242   1.00 25.61  ? 207 HOH A O   1 
HETATM 851 O  O   . HOH E 3 .   ? 16.319  6.158   12.954  1.00 24.55  ? 208 HOH A O   1 
HETATM 852 O  O   . HOH E 3 .   ? -6.655  -10.956 -22.230 1.00 30.21  ? 209 HOH A O   1 
HETATM 853 O  O   . HOH E 3 .   ? 1.486   20.947  4.248   1.00 33.33  ? 210 HOH A O   1 
HETATM 854 O  O   . HOH E 3 .   ? 10.901  15.365  16.571  1.00 31.78  ? 211 HOH A O   1 
HETATM 855 O  O   . HOH E 3 .   ? 5.397   5.926   -11.988 1.00 42.74  ? 212 HOH A O   1 
HETATM 856 O  O   . HOH E 3 .   ? 26.531  0.710   7.367   1.00 26.02  ? 213 HOH A O   1 
HETATM 857 O  O   . HOH E 3 .   ? 23.955  14.604  11.709  1.00 32.69  ? 214 HOH A O   1 
HETATM 858 O  O   . HOH E 3 .   ? -20.785 -20.259 -0.036  1.00 31.97  ? 215 HOH A O   1 
HETATM 859 O  O   . HOH E 3 .   ? 19.797  -1.548  5.183   1.00 36.35  ? 216 HOH A O   1 
HETATM 860 O  O   . HOH E 3 .   ? 16.685  8.802   16.589  1.00 41.07  ? 217 HOH A O   1 
HETATM 861 O  O   . HOH E 3 .   ? -10.246 -15.759 2.566   1.00 49.25  ? 218 HOH A O   1 
HETATM 862 O  O   . HOH E 3 .   ? -16.675 0.773   2.524   1.00 45.60  ? 219 HOH A O   1 
HETATM 863 O  O   . HOH E 3 .   ? 17.312  36.445  7.524   1.00 36.06  ? 220 HOH A O   1 
HETATM 864 O  O   . HOH E 3 .   ? 10.910  25.546  17.545  1.00 45.55  ? 221 HOH A O   1 
HETATM 865 O  O   . HOH E 3 .   ? 11.888  24.536  13.535  1.00 45.36  ? 222 HOH A O   1 
HETATM 866 O  O   . HOH E 3 .   ? 7.829   9.981   17.128  1.00 37.31  ? 223 HOH A O   1 
HETATM 867 O  O   . HOH E 3 .   ? 2.380   -3.748  -6.797  1.00 65.51  ? 224 HOH A O   1 
HETATM 868 O  O   . HOH E 3 .   ? -5.878  -14.101 -23.515 1.00 42.74  ? 225 HOH A O   1 
HETATM 869 O  O   . HOH E 3 .   ? -18.886 1.349   1.639   1.00 57.37  ? 226 HOH A O   1 
HETATM 870 O  O   . HOH E 3 .   ? 27.317  7.499   10.834  1.00 53.82  ? 227 HOH A O   1 
HETATM 871 O  O   . HOH E 3 .   ? 4.289   8.146   16.350  1.00 56.65  ? 228 HOH A O   1 
HETATM 872 O  O   . HOH E 3 .   ? -4.766  -15.977 -12.636 1.00 34.68  ? 229 HOH A O   1 
HETATM 873 O  O   . HOH E 3 .   ? -16.881 -25.296 -6.268  1.00 39.00  ? 230 HOH A O   1 
HETATM 874 O  O   . HOH E 3 .   ? 22.270  -0.215  11.656  1.00 33.80  ? 231 HOH A O   1 
HETATM 875 O  O   . HOH E 3 .   ? 4.979   -4.577  4.283   1.00 63.75  ? 232 HOH A O   1 
HETATM 876 O  O   . HOH E 3 .   ? 4.168   -8.246  -7.915  1.00 36.86  ? 233 HOH A O   1 
HETATM 877 O  O   . HOH E 3 .   ? 15.979  35.891  2.393   1.00 41.88  ? 234 HOH A O   1 
HETATM 878 O  O   . HOH E 3 .   ? 2.685   1.094   -4.335  1.00 43.34  ? 235 HOH A O   1 
HETATM 879 O  O   . HOH E 3 .   ? -13.244 4.170   0.008   1.00 50.62  ? 236 HOH A O   1 
HETATM 880 O  O   . HOH E 3 .   ? 1.115   -12.439 -13.623 1.00 32.31  ? 237 HOH A O   1 
HETATM 881 O  O   . HOH E 3 .   ? -4.525  4.945   7.745   1.00 38.81  ? 238 HOH A O   1 
HETATM 882 O  O   . HOH E 3 .   ? -3.847  -13.923 -6.017  1.00 56.00  ? 239 HOH A O   1 
HETATM 883 O  O   . HOH E 3 .   ? -15.709 -18.673 -8.874  1.00 37.91  ? 240 HOH A O   1 
HETATM 884 O  O   . HOH E 3 .   ? 6.530   13.977  16.538  1.00 54.80  ? 241 HOH A O   1 
HETATM 885 O  O   . HOH E 3 .   ? -12.389 -16.396 -1.215  1.00 44.27  ? 242 HOH A O   1 
HETATM 886 O  O   . HOH E 3 .   ? 2.295   20.240  1.014   1.00 30.50  ? 243 HOH A O   1 
HETATM 887 O  O   . HOH E 3 .   ? -14.715 -1.955  2.059   1.00 34.73  ? 244 HOH A O   1 
HETATM 888 O  O   . HOH E 3 .   ? -4.309  -1.823  7.229   1.00 41.20  ? 245 HOH A O   1 
HETATM 889 O  O   . HOH E 3 .   ? -14.187 -33.552 14.832  1.00 45.83  ? 246 HOH A O   1 
HETATM 890 O  O   . HOH E 3 .   ? -2.637  15.680  3.730   1.00 42.54  ? 247 HOH A O   1 
HETATM 891 O  O   . HOH E 3 .   ? -7.481  -6.214  2.506   1.00 42.65  ? 248 HOH A O   1 
HETATM 892 O  O   . HOH E 3 .   ? -7.036  -16.571 -15.737 1.00 35.64  ? 249 HOH A O   1 
HETATM 893 O  O   . HOH E 3 .   ? 14.809  7.433   17.623  1.00 45.01  ? 250 HOH A O   1 
HETATM 894 O  O   . HOH E 3 .   ? 5.264   5.710   14.880  1.00 52.11  ? 251 HOH A O   1 
HETATM 895 O  O   . HOH E 3 .   ? 3.377   5.542   -14.824 1.00 45.58  ? 252 HOH A O   1 
HETATM 896 O  O   . HOH E 3 .   ? -18.309 -25.408 -4.358  1.00 36.26  ? 253 HOH A O   1 
HETATM 897 O  O   . HOH E 3 .   ? 2.588   18.038  -2.179  1.00 35.99  ? 254 HOH A O   1 
HETATM 898 O  O   . HOH E 3 .   ? -6.808  -14.887 -5.554  1.00 38.30  ? 255 HOH A O   1 
HETATM 899 O  O   . HOH E 3 .   ? -16.557 -12.889 4.736   1.00 41.21  ? 256 HOH A O   1 
HETATM 900 O  O   . HOH E 3 .   ? -0.903  -9.401  -2.357  1.00 52.57  ? 257 HOH A O   1 
HETATM 901 O  O   . HOH E 3 .   ? 10.175  26.526  15.689  1.00 53.74  ? 258 HOH A O   1 
HETATM 902 O  O   . HOH E 3 .   ? 21.118  27.694  2.918   1.00 42.13  ? 259 HOH A O   1 
HETATM 903 O  O   . HOH E 3 .   ? 25.249  23.754  2.434   1.00 40.62  ? 260 HOH A O   1 
HETATM 904 O  O   . HOH E 3 .   ? 21.755  27.100  0.470   1.00 44.40  ? 261 HOH A O   1 
HETATM 905 O  O   . HOH E 3 .   ? -2.137  -8.467  0.512   1.00 44.72  ? 262 HOH A O   1 
HETATM 906 O  O   . HOH E 3 .   ? -14.525 -15.983 3.700   1.00 53.93  ? 263 HOH A O   1 
HETATM 907 O  O   . HOH E 3 .   ? -15.846 2.320   -0.378  1.00 34.24  ? 264 HOH A O   1 
HETATM 908 O  O   . HOH E 3 .   ? 0.579   -6.213  -1.436  1.00 51.71  ? 265 HOH A O   1 
HETATM 909 O  O   . HOH E 3 .   ? -0.437  -5.196  0.752   1.00 31.53  ? 266 HOH A O   1 
HETATM 910 O  O   . HOH E 3 .   ? 1.251   -7.397  -3.567  1.00 52.69  ? 267 HOH A O   1 
HETATM 911 O  O   . HOH E 3 .   ? 15.307  1.214   16.871  1.00 57.01  ? 268 HOH A O   1 
HETATM 912 O  O   . HOH E 3 .   ? 10.889  -2.387  9.074   1.00 31.99  ? 269 HOH A O   1 
HETATM 913 O  O   . HOH E 3 .   ? 7.611   26.117  14.497  1.00 40.67  ? 270 HOH A O   1 
HETATM 914 O  O   . HOH E 3 .   ? 3.202   -0.538  -2.012  1.00 65.29  ? 271 HOH A O   1 
HETATM 915 O  O   . HOH E 3 .   ? -14.789 -29.980 12.608  1.00 36.06  ? 272 HOH A O   1 
HETATM 916 O  O   . HOH E 3 .   ? 5.618   9.927   14.841  1.00 42.09  ? 273 HOH A O   1 
HETATM 917 O  O   . HOH E 3 .   ? 8.499   12.378  16.564  1.00 45.76  ? 274 HOH A O   1 
HETATM 918 O  O   . HOH E 3 .   ? -13.186 -35.852 19.682  1.00 46.65  ? 275 HOH A O   1 
# 
